data_8T6J
#
_entry.id   8T6J
#
_cell.length_a   1.00
_cell.length_b   1.00
_cell.length_c   1.00
_cell.angle_alpha   90.00
_cell.angle_beta   90.00
_cell.angle_gamma   90.00
#
_symmetry.space_group_name_H-M   'P 1'
#
loop_
_entity.id
_entity.type
_entity.pdbx_description
1 polymer 'Metabotropic glutamate receptor 5'
2 non-polymer 3-cyano-N-(1,3-diphenyl-1H-pyrazol-5-yl)benzamide
#
_entity_poly.entity_id   1
_entity_poly.type   'polypeptide(L)'
_entity_poly.pdbx_seq_one_letter_code
;MKTIIALSYIFCLVFADYKDDDDAAQSSERRVVAHMPGDIIIGALFSVHHQPTVDKVHERKCGAVREQYGIQRVEAMLHT
LERINSDPTLLPNITLGCEIRDSCWHSAVALEQSIEFIRDSLISSEEEEGLVRCVDGSSSSFRSKKPIVGVIGPGSSSVA
IQVQNLLQLFNIPQIAYSATSMDLSDKTLFKYFMRVVPSDAQQARAMVDIVKRYNWTYVSAVHTEGNYGESGMEAFKDMS
AKEGICIAHSYKIYSNAGEQSFDKLLKKLTSHLPKARVVACFCEGMTVRGLLMAMRRLGLAGEFLLLGSDGWADRYDVTD
GYQREAVGGITIKLQSPDVKWFDDYYLKLRPETNHRNPWFQEFWQHRFQCRLEGFPQENSKYNKTCNSSLTLKTHHVQDS
KMGFVINAIYSMAYGLHNMQMSLCPGYAGLCDAMKPIDGRKLLESLMKTNFTGVSGDTILFDENGDSPGRYEIMNFKEMG
KDYFDYINVGSWDNGELKMDDDEVWSKKSNIIRSVCSEPCEKGQIKVIRKGEVSCCWTCTPCKENEYVFDEYTCKACQLG
SWPTDDLTGCDLIPVQYLRWGDPEPIAAVVFACLGLLATLFVTVVFIIYRDTPVVKSSSRELCYIILAGICLGYLCTFCL
IAKPKQIYCYLQRIGIGLSPAMSYSALVTKTNRIARILAGSKKKICTKKPRFMSACAQLVIAFILICIQLGIIVALFIME
PPDIMHDYPSIREVYLICNTTNLGVVTPLGYNGLLILSCTFYAFKTRNVPANFNEAKYIAFTMYTTCIIWLAFVPIYFGS
NYKIITMCFSVSLSATVALGCMFVPKVYIILAKPERNVRSAFTTSTVVRMHVGDGKSSSAASRSSSLVNLWKRRGSSGET
L
;
_entity_poly.pdbx_strand_id   B,A
#
loop_
_chem_comp.id
_chem_comp.type
_chem_comp.name
_chem_comp.formula
YKU non-polymer 3-cyano-N-(1,3-diphenyl-1H-pyrazol-5-yl)benzamide 'C23 H16 N4 O'
#
# COMPACT_ATOMS: atom_id res chain seq x y z
N ARG A 31 -55.17 -25.64 -18.44
CA ARG A 31 -54.24 -25.91 -19.54
C ARG A 31 -54.33 -27.37 -19.99
N VAL A 32 -53.45 -27.74 -20.91
CA VAL A 32 -53.42 -29.09 -21.48
C VAL A 32 -52.00 -29.64 -21.32
N VAL A 33 -51.91 -30.90 -20.92
CA VAL A 33 -50.64 -31.59 -20.72
C VAL A 33 -50.64 -32.87 -21.54
N ALA A 34 -49.50 -33.17 -22.14
CA ALA A 34 -49.35 -34.38 -22.95
C ALA A 34 -48.71 -35.48 -22.10
N HIS A 35 -49.44 -36.57 -21.90
CA HIS A 35 -48.99 -37.70 -21.09
C HIS A 35 -48.37 -38.78 -21.96
N MET A 36 -47.51 -39.59 -21.33
CA MET A 36 -47.07 -40.84 -21.93
C MET A 36 -46.69 -41.79 -20.80
N PRO A 37 -47.35 -42.95 -20.71
CA PRO A 37 -47.24 -43.78 -19.50
C PRO A 37 -45.88 -44.45 -19.37
N GLY A 38 -45.68 -45.08 -18.23
CA GLY A 38 -44.44 -45.77 -17.94
C GLY A 38 -44.27 -45.93 -16.44
N ASP A 39 -43.03 -46.23 -16.05
CA ASP A 39 -42.67 -46.40 -14.66
C ASP A 39 -41.96 -45.18 -14.08
N ILE A 40 -41.12 -44.52 -14.87
CA ILE A 40 -40.40 -43.32 -14.46
C ILE A 40 -40.91 -42.16 -15.30
N ILE A 41 -41.32 -41.08 -14.63
CA ILE A 41 -41.96 -39.95 -15.28
C ILE A 41 -40.97 -38.79 -15.39
N ILE A 42 -40.95 -38.15 -16.55
CA ILE A 42 -40.09 -37.00 -16.83
C ILE A 42 -40.97 -35.84 -17.26
N GLY A 43 -40.62 -34.64 -16.78
CA GLY A 43 -41.37 -33.43 -17.09
C GLY A 43 -40.62 -32.58 -18.10
N ALA A 44 -41.37 -31.89 -18.95
CA ALA A 44 -40.77 -31.01 -19.96
C ALA A 44 -41.62 -29.76 -20.11
N LEU A 45 -40.94 -28.63 -20.31
CA LEU A 45 -41.59 -27.34 -20.51
C LEU A 45 -41.19 -26.80 -21.89
N PHE A 46 -42.14 -26.78 -22.82
CA PHE A 46 -41.88 -26.33 -24.18
C PHE A 46 -42.81 -25.18 -24.54
N SER A 47 -42.26 -24.16 -25.20
CA SER A 47 -43.02 -22.97 -25.56
C SER A 47 -43.73 -23.22 -26.88
N VAL A 48 -44.97 -23.71 -26.80
CA VAL A 48 -45.74 -24.00 -27.99
C VAL A 48 -46.44 -22.77 -28.57
N HIS A 49 -46.77 -21.79 -27.73
CA HIS A 49 -47.48 -20.60 -28.16
C HIS A 49 -46.57 -19.38 -27.99
N HIS A 50 -47.06 -18.22 -28.39
CA HIS A 50 -46.37 -16.96 -28.19
C HIS A 50 -46.69 -16.40 -26.81
N GLN A 51 -45.77 -15.60 -26.28
CA GLN A 51 -45.95 -15.07 -24.94
C GLN A 51 -47.12 -14.09 -24.92
N PRO A 52 -47.90 -14.08 -23.83
CA PRO A 52 -49.03 -13.15 -23.75
C PRO A 52 -48.59 -11.71 -23.81
N THR A 53 -49.42 -10.87 -24.43
CA THR A 53 -49.14 -9.45 -24.52
C THR A 53 -49.22 -8.80 -23.13
N VAL A 54 -48.81 -7.53 -23.07
CA VAL A 54 -48.78 -6.82 -21.79
C VAL A 54 -50.18 -6.68 -21.22
N ASP A 55 -51.20 -6.65 -22.07
CA ASP A 55 -52.56 -6.43 -21.60
C ASP A 55 -53.10 -7.63 -20.84
N LYS A 56 -52.73 -8.85 -21.26
CA LYS A 56 -53.22 -10.08 -20.64
C LYS A 56 -52.13 -10.81 -19.86
N VAL A 57 -51.21 -10.08 -19.22
CA VAL A 57 -50.22 -10.74 -18.38
C VAL A 57 -50.88 -11.37 -17.16
N HIS A 58 -51.92 -10.75 -16.62
CA HIS A 58 -52.60 -11.28 -15.44
C HIS A 58 -53.65 -12.32 -15.77
N GLU A 59 -53.98 -12.51 -17.05
CA GLU A 59 -54.97 -13.49 -17.46
C GLU A 59 -54.42 -14.48 -18.49
N ARG A 60 -53.11 -14.44 -18.74
CA ARG A 60 -52.43 -15.39 -19.61
C ARG A 60 -52.92 -15.25 -21.05
N LYS A 61 -53.64 -16.27 -21.55
CA LYS A 61 -54.17 -16.27 -22.91
C LYS A 61 -53.04 -16.15 -23.94
N CYS A 62 -52.22 -17.19 -23.99
CA CYS A 62 -51.08 -17.24 -24.89
C CYS A 62 -51.51 -17.00 -26.33
N GLY A 63 -50.57 -16.54 -27.15
CA GLY A 63 -50.86 -16.11 -28.50
C GLY A 63 -50.82 -17.19 -29.56
N ALA A 64 -50.04 -16.95 -30.62
CA ALA A 64 -50.04 -17.82 -31.78
C ALA A 64 -49.10 -19.00 -31.59
N VAL A 65 -49.43 -20.12 -32.26
CA VAL A 65 -48.64 -21.33 -32.15
C VAL A 65 -47.32 -21.18 -32.89
N ARG A 66 -46.25 -21.72 -32.32
CA ARG A 66 -44.92 -21.69 -32.91
C ARG A 66 -44.72 -22.89 -33.83
N GLU A 67 -43.77 -22.74 -34.75
CA GLU A 67 -43.48 -23.77 -35.76
C GLU A 67 -42.28 -24.63 -35.37
N GLN A 68 -41.13 -23.99 -35.13
CA GLN A 68 -39.92 -24.75 -34.82
C GLN A 68 -39.89 -25.13 -33.34
N TYR A 69 -40.19 -24.19 -32.46
CA TYR A 69 -40.07 -24.44 -31.03
C TYR A 69 -41.27 -25.16 -30.43
N GLY A 70 -42.37 -25.27 -31.16
CA GLY A 70 -43.59 -25.77 -30.57
C GLY A 70 -43.84 -27.25 -30.71
N ILE A 71 -43.87 -27.77 -31.93
CA ILE A 71 -44.33 -29.14 -32.17
C ILE A 71 -43.15 -30.05 -32.46
N GLN A 72 -42.11 -29.50 -33.08
CA GLN A 72 -40.95 -30.33 -33.44
C GLN A 72 -40.28 -30.90 -32.19
N ARG A 73 -40.11 -30.07 -31.15
CA ARG A 73 -39.46 -30.55 -29.92
C ARG A 73 -40.31 -31.60 -29.21
N VAL A 74 -41.63 -31.39 -29.15
CA VAL A 74 -42.51 -32.37 -28.51
C VAL A 74 -42.44 -33.70 -29.24
N GLU A 75 -42.53 -33.67 -30.57
CA GLU A 75 -42.47 -34.89 -31.36
C GLU A 75 -41.11 -35.57 -31.21
N ALA A 76 -40.03 -34.78 -31.18
CA ALA A 76 -38.70 -35.35 -31.00
C ALA A 76 -38.58 -36.05 -29.66
N MET A 77 -39.09 -35.44 -28.59
CA MET A 77 -39.01 -36.08 -27.28
C MET A 77 -39.83 -37.37 -27.24
N LEU A 78 -41.03 -37.34 -27.82
CA LEU A 78 -41.87 -38.55 -27.84
C LEU A 78 -41.19 -39.68 -28.60
N HIS A 79 -40.66 -39.38 -29.79
CA HIS A 79 -40.01 -40.41 -30.59
C HIS A 79 -38.72 -40.90 -29.93
N THR A 80 -37.98 -40.00 -29.28
CA THR A 80 -36.77 -40.42 -28.58
C THR A 80 -37.09 -41.37 -27.43
N LEU A 81 -38.15 -41.09 -26.67
CA LEU A 81 -38.53 -42.01 -25.61
C LEU A 81 -38.99 -43.35 -26.19
N GLU A 82 -39.73 -43.33 -27.29
CA GLU A 82 -40.14 -44.59 -27.92
C GLU A 82 -38.92 -45.40 -28.35
N ARG A 83 -37.94 -44.73 -28.97
CA ARG A 83 -36.74 -45.42 -29.42
C ARG A 83 -35.95 -46.00 -28.24
N ILE A 84 -35.80 -45.21 -27.17
CA ILE A 84 -35.03 -45.68 -26.03
C ILE A 84 -35.75 -46.82 -25.31
N ASN A 85 -37.08 -46.83 -25.36
CA ASN A 85 -37.82 -47.97 -24.83
C ASN A 85 -37.61 -49.22 -25.70
N SER A 86 -37.57 -49.03 -27.02
CA SER A 86 -37.32 -50.15 -27.91
C SER A 86 -35.90 -50.69 -27.80
N ASP A 87 -34.98 -49.93 -27.22
CA ASP A 87 -33.60 -50.37 -27.10
C ASP A 87 -33.47 -51.36 -25.96
N PRO A 88 -32.98 -52.59 -26.22
CA PRO A 88 -32.87 -53.58 -25.15
C PRO A 88 -31.60 -53.53 -24.32
N THR A 89 -30.61 -52.72 -24.72
CA THR A 89 -29.35 -52.63 -23.98
C THR A 89 -29.32 -51.45 -23.01
N LEU A 90 -30.41 -50.69 -22.91
CA LEU A 90 -30.49 -49.54 -22.01
C LEU A 90 -31.75 -49.66 -21.18
N LEU A 91 -31.59 -49.64 -19.85
CA LEU A 91 -32.69 -49.73 -18.89
C LEU A 91 -33.58 -50.92 -19.20
N PRO A 92 -33.11 -52.15 -18.94
CA PRO A 92 -33.92 -53.32 -19.29
C PRO A 92 -35.12 -53.47 -18.37
N ASN A 93 -36.25 -53.84 -18.96
CA ASN A 93 -37.50 -54.14 -18.27
C ASN A 93 -38.07 -52.95 -17.52
N ILE A 94 -37.58 -51.75 -17.77
CA ILE A 94 -38.09 -50.53 -17.14
C ILE A 94 -38.63 -49.62 -18.23
N THR A 95 -39.89 -49.21 -18.10
CA THR A 95 -40.55 -48.38 -19.09
C THR A 95 -40.61 -46.93 -18.59
N LEU A 96 -40.11 -46.01 -19.39
CA LEU A 96 -40.08 -44.60 -19.05
C LEU A 96 -41.29 -43.88 -19.64
N GLY A 97 -41.74 -42.84 -18.95
CA GLY A 97 -42.86 -42.03 -19.42
C GLY A 97 -42.50 -40.57 -19.49
N CYS A 98 -43.49 -39.72 -19.77
CA CYS A 98 -43.21 -38.29 -19.86
C CYS A 98 -44.48 -37.48 -19.66
N GLU A 99 -44.28 -36.20 -19.33
CA GLU A 99 -45.36 -35.23 -19.22
C GLU A 99 -44.85 -33.90 -19.77
N ILE A 100 -45.49 -33.44 -20.85
CA ILE A 100 -45.06 -32.23 -21.55
C ILE A 100 -46.08 -31.14 -21.31
N ARG A 101 -45.61 -29.96 -20.91
CA ARG A 101 -46.44 -28.82 -20.58
C ARG A 101 -45.93 -27.59 -21.31
N ASP A 102 -46.83 -26.64 -21.53
CA ASP A 102 -46.50 -25.39 -22.19
C ASP A 102 -45.75 -24.47 -21.23
N SER A 103 -44.99 -23.54 -21.81
CA SER A 103 -44.27 -22.55 -21.02
C SER A 103 -44.55 -21.14 -21.55
N CYS A 104 -44.86 -21.03 -22.85
CA CYS A 104 -45.26 -19.80 -23.49
C CYS A 104 -44.21 -18.69 -23.39
N TRP A 105 -42.94 -19.06 -23.19
CA TRP A 105 -41.84 -18.09 -23.11
C TRP A 105 -42.10 -16.99 -22.08
N HIS A 106 -42.87 -17.30 -21.04
CA HIS A 106 -43.24 -16.33 -20.02
C HIS A 106 -42.98 -16.92 -18.64
N SER A 107 -42.59 -16.06 -17.70
CA SER A 107 -42.25 -16.52 -16.36
C SER A 107 -43.45 -17.11 -15.64
N ALA A 108 -44.61 -16.45 -15.73
CA ALA A 108 -45.75 -16.84 -14.92
C ALA A 108 -46.27 -18.23 -15.28
N VAL A 109 -46.40 -18.51 -16.57
CA VAL A 109 -46.95 -19.80 -16.99
C VAL A 109 -46.03 -20.95 -16.58
N ALA A 110 -44.73 -20.80 -16.82
CA ALA A 110 -43.78 -21.83 -16.43
C ALA A 110 -43.76 -22.00 -14.93
N LEU A 111 -43.88 -20.89 -14.18
CA LEU A 111 -43.83 -20.93 -12.73
C LEU A 111 -45.11 -21.49 -12.12
N GLU A 112 -46.19 -21.53 -12.89
CA GLU A 112 -47.40 -22.25 -12.47
C GLU A 112 -47.30 -23.75 -12.79
N GLN A 113 -46.83 -24.07 -13.99
CA GLN A 113 -46.68 -25.49 -14.34
C GLN A 113 -45.65 -26.18 -13.44
N SER A 114 -44.61 -25.46 -13.02
CA SER A 114 -43.66 -26.02 -12.07
C SER A 114 -44.32 -26.33 -10.74
N ILE A 115 -45.24 -25.46 -10.30
CA ILE A 115 -46.00 -25.74 -9.09
C ILE A 115 -46.83 -27.01 -9.27
N GLU A 116 -47.46 -27.15 -10.44
CA GLU A 116 -48.22 -28.37 -10.71
C GLU A 116 -47.33 -29.61 -10.69
N PHE A 117 -46.09 -29.50 -11.17
CA PHE A 117 -45.15 -30.61 -11.11
C PHE A 117 -44.79 -30.96 -9.66
N ILE A 118 -44.36 -29.97 -8.88
CA ILE A 118 -43.89 -30.26 -7.53
C ILE A 118 -45.03 -30.65 -6.61
N ARG A 119 -46.27 -30.38 -7.00
CA ARG A 119 -47.41 -30.85 -6.22
C ARG A 119 -47.59 -32.36 -6.37
N ASP A 120 -47.56 -32.85 -7.60
CA ASP A 120 -47.68 -34.28 -7.84
C ASP A 120 -46.44 -35.03 -7.37
N SER A 121 -45.30 -34.33 -7.26
CA SER A 121 -44.15 -34.94 -6.61
C SER A 121 -44.48 -35.30 -5.15
N LEU A 122 -45.18 -34.41 -4.45
CA LEU A 122 -45.61 -34.67 -3.09
C LEU A 122 -46.73 -35.73 -3.05
N LYS A 145 -50.64 -41.15 -9.15
CA LYS A 145 -49.78 -40.24 -9.90
C LYS A 145 -48.33 -40.33 -9.45
N LYS A 146 -47.47 -40.83 -10.32
CA LYS A 146 -46.06 -40.96 -9.99
C LYS A 146 -45.40 -39.59 -9.90
N PRO A 147 -44.38 -39.45 -9.06
CA PRO A 147 -43.72 -38.15 -8.93
C PRO A 147 -42.75 -37.86 -10.07
N ILE A 148 -42.58 -36.58 -10.37
CA ILE A 148 -41.61 -36.15 -11.36
C ILE A 148 -40.21 -36.28 -10.79
N VAL A 149 -39.27 -36.71 -11.62
CA VAL A 149 -37.89 -36.89 -11.19
C VAL A 149 -36.96 -35.81 -11.75
N GLY A 150 -37.20 -35.33 -12.97
CA GLY A 150 -36.37 -34.29 -13.56
C GLY A 150 -37.15 -33.51 -14.58
N VAL A 151 -36.64 -32.31 -14.88
CA VAL A 151 -37.29 -31.38 -15.79
C VAL A 151 -36.29 -30.97 -16.86
N ILE A 152 -36.72 -30.98 -18.12
CA ILE A 152 -35.91 -30.58 -19.26
C ILE A 152 -36.44 -29.25 -19.78
N GLY A 153 -35.61 -28.22 -19.75
CA GLY A 153 -36.02 -26.90 -20.14
C GLY A 153 -35.88 -25.90 -19.01
N PRO A 154 -36.39 -24.68 -19.21
CA PRO A 154 -37.04 -24.24 -20.45
C PRO A 154 -36.07 -23.59 -21.42
N GLY A 155 -36.59 -23.11 -22.56
CA GLY A 155 -35.72 -22.55 -23.57
C GLY A 155 -35.07 -21.25 -23.17
N SER A 156 -35.81 -20.37 -22.50
CA SER A 156 -35.32 -19.04 -22.20
C SER A 156 -34.19 -19.07 -21.19
N SER A 157 -33.36 -18.03 -21.22
CA SER A 157 -32.20 -17.91 -20.34
C SER A 157 -32.50 -17.08 -19.09
N SER A 158 -33.72 -16.59 -18.95
CA SER A 158 -34.13 -15.84 -17.77
C SER A 158 -35.32 -16.46 -17.05
N VAL A 159 -36.16 -17.21 -17.75
CA VAL A 159 -37.17 -18.02 -17.09
C VAL A 159 -36.51 -19.14 -16.29
N ALA A 160 -35.40 -19.67 -16.81
CA ALA A 160 -34.72 -20.80 -16.15
C ALA A 160 -34.27 -20.46 -14.74
N ILE A 161 -33.83 -19.22 -14.50
CA ILE A 161 -33.42 -18.85 -13.15
C ILE A 161 -34.60 -18.90 -12.19
N GLN A 162 -35.74 -18.35 -12.58
CA GLN A 162 -36.93 -18.37 -11.74
C GLN A 162 -37.48 -19.77 -11.53
N VAL A 163 -37.35 -20.65 -12.52
CA VAL A 163 -37.77 -22.04 -12.33
C VAL A 163 -36.80 -22.79 -11.45
N GLN A 164 -35.49 -22.50 -11.53
CA GLN A 164 -34.51 -23.15 -10.67
C GLN A 164 -34.69 -22.74 -9.22
N ASN A 165 -34.97 -21.46 -8.97
CA ASN A 165 -35.14 -20.98 -7.61
C ASN A 165 -36.33 -21.65 -6.93
N LEU A 166 -37.23 -22.20 -7.72
CA LEU A 166 -38.37 -22.95 -7.21
C LEU A 166 -38.13 -24.45 -7.14
N LEU A 167 -37.43 -25.03 -8.12
CA LEU A 167 -37.19 -26.46 -8.17
C LEU A 167 -36.09 -26.93 -7.22
N GLN A 168 -35.17 -26.05 -6.82
CA GLN A 168 -34.11 -26.50 -5.92
C GLN A 168 -34.54 -26.56 -4.46
N LEU A 169 -35.69 -25.98 -4.12
CA LEU A 169 -36.21 -26.11 -2.76
C LEU A 169 -36.72 -27.51 -2.47
N PHE A 170 -37.13 -28.26 -3.50
CA PHE A 170 -37.70 -29.59 -3.34
C PHE A 170 -36.81 -30.68 -3.92
N ASN A 171 -35.54 -30.37 -4.19
CA ASN A 171 -34.55 -31.35 -4.64
C ASN A 171 -34.97 -32.04 -5.94
N ILE A 172 -35.05 -31.23 -7.00
CA ILE A 172 -35.34 -31.71 -8.34
C ILE A 172 -34.25 -31.25 -9.29
N PRO A 173 -33.47 -32.15 -9.90
CA PRO A 173 -32.46 -31.72 -10.86
C PRO A 173 -33.08 -31.18 -12.14
N GLN A 174 -32.35 -30.28 -12.79
CA GLN A 174 -32.83 -29.61 -14.00
C GLN A 174 -31.72 -29.54 -15.03
N ILE A 175 -32.09 -29.79 -16.28
CA ILE A 175 -31.17 -29.75 -17.42
C ILE A 175 -31.76 -28.83 -18.49
N ALA A 176 -30.95 -27.90 -18.97
CA ALA A 176 -31.36 -26.93 -19.97
C ALA A 176 -30.52 -27.09 -21.23
N TYR A 177 -31.12 -26.78 -22.38
CA TYR A 177 -30.49 -27.00 -23.67
C TYR A 177 -30.30 -25.73 -24.49
N SER A 178 -30.80 -24.58 -24.03
CA SER A 178 -30.56 -23.35 -24.79
C SER A 178 -30.35 -22.13 -23.90
N ALA A 179 -30.01 -22.31 -22.62
CA ALA A 179 -29.74 -21.21 -21.71
C ALA A 179 -28.24 -21.11 -21.51
N THR A 180 -27.67 -19.96 -21.83
CA THR A 180 -26.22 -19.78 -21.88
C THR A 180 -25.78 -18.55 -21.10
N SER A 181 -26.44 -18.26 -19.98
CA SER A 181 -26.01 -17.15 -19.14
C SER A 181 -24.75 -17.53 -18.39
N MET A 182 -24.01 -16.51 -17.94
CA MET A 182 -22.84 -16.71 -17.11
C MET A 182 -23.16 -16.68 -15.63
N ASP A 183 -24.39 -16.36 -15.26
CA ASP A 183 -24.79 -16.37 -13.86
C ASP A 183 -25.22 -17.75 -13.38
N LEU A 184 -25.43 -18.68 -14.31
CA LEU A 184 -25.87 -20.02 -13.97
C LEU A 184 -24.73 -20.97 -13.69
N SER A 185 -23.49 -20.49 -13.73
CA SER A 185 -22.31 -21.30 -13.44
C SER A 185 -21.91 -21.26 -11.97
N ASP A 186 -22.68 -20.58 -11.13
CA ASP A 186 -22.38 -20.50 -9.70
C ASP A 186 -23.18 -21.59 -8.99
N LYS A 187 -22.49 -22.62 -8.50
CA LYS A 187 -23.15 -23.76 -7.89
C LYS A 187 -23.52 -23.54 -6.43
N THR A 188 -23.16 -22.40 -5.86
CA THR A 188 -23.62 -22.07 -4.52
C THR A 188 -25.11 -21.70 -4.54
N LEU A 189 -25.56 -21.01 -5.60
CA LEU A 189 -26.93 -20.56 -5.71
C LEU A 189 -27.78 -21.46 -6.59
N PHE A 190 -27.18 -22.16 -7.54
CA PHE A 190 -27.87 -22.90 -8.59
C PHE A 190 -27.43 -24.35 -8.60
N LYS A 191 -27.48 -24.99 -7.43
CA LYS A 191 -26.85 -26.30 -7.25
C LYS A 191 -27.47 -27.41 -8.09
N TYR A 192 -28.69 -27.23 -8.57
CA TYR A 192 -29.40 -28.30 -9.29
C TYR A 192 -29.51 -28.05 -10.79
N PHE A 193 -28.62 -27.24 -11.36
CA PHE A 193 -28.71 -26.84 -12.76
C PHE A 193 -27.56 -27.48 -13.55
N MET A 194 -27.90 -28.04 -14.72
CA MET A 194 -26.91 -28.53 -15.66
C MET A 194 -27.35 -28.19 -17.08
N ARG A 195 -26.37 -28.04 -17.97
CA ARG A 195 -26.66 -27.69 -19.35
C ARG A 195 -25.67 -28.37 -20.28
N VAL A 196 -26.11 -28.63 -21.51
CA VAL A 196 -25.29 -29.27 -22.53
C VAL A 196 -24.79 -28.28 -23.56
N VAL A 197 -24.94 -26.99 -23.32
CA VAL A 197 -24.51 -25.96 -24.27
C VAL A 197 -23.38 -25.14 -23.66
N PRO A 198 -22.44 -24.65 -24.47
CA PRO A 198 -21.36 -23.83 -23.91
C PRO A 198 -21.88 -22.53 -23.35
N SER A 199 -21.15 -22.00 -22.37
CA SER A 199 -21.51 -20.75 -21.75
C SER A 199 -21.25 -19.59 -22.72
N ASP A 200 -21.49 -18.37 -22.25
CA ASP A 200 -21.19 -17.17 -23.02
C ASP A 200 -19.75 -16.75 -22.90
N ALA A 201 -18.94 -17.44 -22.09
CA ALA A 201 -17.53 -17.16 -21.95
C ALA A 201 -16.68 -18.05 -22.84
N GLN A 202 -17.29 -18.81 -23.74
CA GLN A 202 -16.56 -19.58 -24.73
C GLN A 202 -16.41 -18.85 -26.06
N GLN A 203 -17.33 -17.94 -26.38
CA GLN A 203 -17.13 -17.09 -27.56
C GLN A 203 -16.05 -16.07 -27.31
N ALA A 204 -15.97 -15.53 -26.09
CA ALA A 204 -14.93 -14.59 -25.73
C ALA A 204 -13.55 -15.22 -25.75
N ARG A 205 -13.46 -16.55 -25.75
CA ARG A 205 -12.19 -17.24 -25.87
C ARG A 205 -11.81 -17.49 -27.32
N ALA A 206 -12.79 -17.88 -28.15
CA ALA A 206 -12.52 -18.04 -29.57
C ALA A 206 -12.15 -16.72 -30.22
N MET A 207 -12.82 -15.63 -29.82
CA MET A 207 -12.49 -14.31 -30.35
C MET A 207 -11.05 -13.93 -30.02
N VAL A 208 -10.64 -14.16 -28.76
CA VAL A 208 -9.28 -13.83 -28.36
C VAL A 208 -8.28 -14.69 -29.11
N ASP A 209 -8.60 -15.97 -29.32
CA ASP A 209 -7.70 -16.83 -30.09
C ASP A 209 -7.55 -16.33 -31.52
N ILE A 210 -8.66 -15.93 -32.15
CA ILE A 210 -8.60 -15.45 -33.54
C ILE A 210 -7.79 -14.17 -33.62
N VAL A 211 -8.00 -13.24 -32.68
CA VAL A 211 -7.24 -11.99 -32.69
C VAL A 211 -5.77 -12.26 -32.46
N LYS A 212 -5.46 -13.16 -31.52
CA LYS A 212 -4.07 -13.47 -31.20
C LYS A 212 -3.35 -14.14 -32.38
N ARG A 213 -4.07 -14.96 -33.15
CA ARG A 213 -3.44 -15.65 -34.26
C ARG A 213 -2.92 -14.68 -35.32
N TYR A 214 -3.68 -13.63 -35.62
CA TYR A 214 -3.40 -12.77 -36.75
C TYR A 214 -2.55 -11.56 -36.41
N ASN A 215 -2.04 -11.48 -35.18
CA ASN A 215 -1.18 -10.38 -34.73
C ASN A 215 -1.89 -9.03 -34.87
N TRP A 216 -2.98 -8.89 -34.12
CA TRP A 216 -3.67 -7.62 -33.95
C TRP A 216 -3.53 -7.21 -32.48
N THR A 217 -3.19 -5.95 -32.24
CA THR A 217 -2.86 -5.54 -30.88
C THR A 217 -3.48 -4.19 -30.51
N TYR A 218 -4.40 -3.67 -31.33
CA TYR A 218 -5.03 -2.40 -30.99
C TYR A 218 -6.40 -2.38 -31.67
N VAL A 219 -7.46 -2.60 -30.90
CA VAL A 219 -8.80 -2.80 -31.46
C VAL A 219 -9.81 -1.95 -30.69
N SER A 220 -10.98 -1.79 -31.29
CA SER A 220 -12.10 -1.07 -30.68
C SER A 220 -12.99 -2.05 -29.92
N ALA A 221 -14.19 -1.60 -29.53
CA ALA A 221 -15.11 -2.43 -28.80
C ALA A 221 -16.52 -1.84 -28.89
N VAL A 222 -17.49 -2.69 -29.24
CA VAL A 222 -18.90 -2.30 -29.30
C VAL A 222 -19.73 -3.43 -28.72
N HIS A 223 -20.74 -3.09 -27.92
CA HIS A 223 -21.63 -4.10 -27.38
C HIS A 223 -22.98 -3.47 -27.06
N THR A 224 -24.04 -4.28 -27.22
CA THR A 224 -25.38 -3.89 -26.86
C THR A 224 -25.56 -3.97 -25.34
N GLU A 225 -26.56 -3.26 -24.82
CA GLU A 225 -26.81 -3.22 -23.39
C GLU A 225 -27.70 -4.39 -23.00
N GLY A 226 -27.35 -5.04 -21.91
CA GLY A 226 -28.07 -6.21 -21.44
C GLY A 226 -27.13 -7.11 -20.68
N ASN A 227 -27.68 -8.22 -20.19
CA ASN A 227 -26.83 -9.23 -19.55
C ASN A 227 -25.90 -9.88 -20.56
N TYR A 228 -26.43 -10.22 -21.73
CA TYR A 228 -25.66 -10.92 -22.75
C TYR A 228 -24.43 -10.12 -23.17
N GLY A 229 -24.65 -8.92 -23.73
CA GLY A 229 -23.54 -8.13 -24.24
C GLY A 229 -22.57 -7.71 -23.16
N GLU A 230 -23.09 -7.26 -22.01
CA GLU A 230 -22.21 -6.79 -20.95
C GLU A 230 -21.34 -7.92 -20.40
N SER A 231 -21.94 -9.07 -20.10
CA SER A 231 -21.16 -10.18 -19.56
C SER A 231 -20.14 -10.68 -20.57
N GLY A 232 -20.55 -10.80 -21.84
CA GLY A 232 -19.61 -11.24 -22.86
C GLY A 232 -18.45 -10.29 -23.04
N MET A 233 -18.72 -8.99 -23.04
CA MET A 233 -17.65 -8.02 -23.21
C MET A 233 -16.74 -7.98 -21.99
N GLU A 234 -17.29 -8.18 -20.79
CA GLU A 234 -16.46 -8.26 -19.60
C GLU A 234 -15.51 -9.44 -19.70
N ALA A 235 -16.03 -10.61 -20.10
CA ALA A 235 -15.17 -11.77 -20.27
C ALA A 235 -14.12 -11.55 -21.35
N PHE A 236 -14.51 -10.92 -22.46
CA PHE A 236 -13.57 -10.63 -23.54
C PHE A 236 -12.44 -9.74 -23.06
N LYS A 237 -12.78 -8.67 -22.34
CA LYS A 237 -11.75 -7.76 -21.83
C LYS A 237 -10.82 -8.47 -20.85
N ASP A 238 -11.39 -9.26 -19.95
CA ASP A 238 -10.57 -9.95 -18.96
C ASP A 238 -9.61 -10.94 -19.62
N MET A 239 -10.08 -11.67 -20.64
CA MET A 239 -9.22 -12.63 -21.31
C MET A 239 -8.18 -11.94 -22.19
N SER A 240 -8.54 -10.82 -22.82
CA SER A 240 -7.61 -10.16 -23.74
C SER A 240 -6.54 -9.39 -23.00
N ALA A 241 -6.84 -8.87 -21.80
CA ALA A 241 -5.85 -8.10 -21.06
C ALA A 241 -4.64 -8.95 -20.66
N LYS A 242 -4.79 -10.27 -20.58
CA LYS A 242 -3.70 -11.15 -20.17
C LYS A 242 -2.76 -11.51 -21.30
N GLU A 243 -3.13 -11.23 -22.56
CA GLU A 243 -2.32 -11.61 -23.70
C GLU A 243 -1.66 -10.41 -24.37
N GLY A 244 -1.53 -9.29 -23.66
CA GLY A 244 -0.92 -8.11 -24.23
C GLY A 244 -1.70 -7.53 -25.39
N ILE A 245 -3.02 -7.46 -25.26
CA ILE A 245 -3.89 -6.86 -26.26
C ILE A 245 -4.61 -5.69 -25.61
N CYS A 246 -4.59 -4.55 -26.28
CA CYS A 246 -5.15 -3.32 -25.71
C CYS A 246 -6.33 -2.85 -26.54
N ILE A 247 -7.27 -2.18 -25.86
CA ILE A 247 -8.51 -1.72 -26.46
C ILE A 247 -8.42 -0.20 -26.58
N ALA A 248 -8.76 0.33 -27.76
CA ALA A 248 -8.78 1.77 -27.96
C ALA A 248 -9.80 2.42 -27.03
N HIS A 249 -11.08 2.08 -27.19
CA HIS A 249 -12.13 2.65 -26.36
C HIS A 249 -13.36 1.77 -26.48
N SER A 250 -13.96 1.41 -25.34
CA SER A 250 -15.15 0.59 -25.33
C SER A 250 -16.40 1.44 -25.45
N TYR A 251 -17.36 0.99 -26.25
CA TYR A 251 -18.59 1.71 -26.49
C TYR A 251 -19.78 0.86 -26.01
N LYS A 252 -20.99 1.39 -26.19
CA LYS A 252 -22.19 0.84 -25.60
C LYS A 252 -23.40 1.56 -26.18
N ILE A 253 -24.44 0.81 -26.53
CA ILE A 253 -25.55 1.35 -27.31
C ILE A 253 -26.74 0.38 -27.21
N TYR A 254 -27.94 0.91 -27.49
CA TYR A 254 -29.12 0.08 -27.65
C TYR A 254 -29.06 -0.72 -28.95
N SER A 255 -30.13 -1.46 -29.20
CA SER A 255 -30.35 -2.11 -30.48
C SER A 255 -31.47 -1.47 -31.28
N ASN A 256 -32.11 -0.43 -30.75
CA ASN A 256 -33.20 0.24 -31.44
C ASN A 256 -33.13 1.76 -31.34
N ALA A 257 -31.94 2.32 -31.10
CA ALA A 257 -31.78 3.75 -30.95
C ALA A 257 -31.98 4.44 -32.30
N GLY A 258 -31.86 5.78 -32.29
CA GLY A 258 -32.11 6.57 -33.47
C GLY A 258 -30.93 6.64 -34.41
N GLU A 259 -31.19 7.20 -35.61
CA GLU A 259 -30.15 7.35 -36.62
C GLU A 259 -29.04 8.29 -36.14
N GLN A 260 -29.40 9.31 -35.36
CA GLN A 260 -28.41 10.24 -34.84
C GLN A 260 -27.41 9.51 -33.94
N SER A 261 -27.89 8.58 -33.12
CA SER A 261 -27.00 7.82 -32.25
C SER A 261 -26.00 6.99 -33.06
N PHE A 262 -26.48 6.33 -34.12
CA PHE A 262 -25.58 5.52 -34.94
C PHE A 262 -24.58 6.39 -35.68
N ASP A 263 -25.01 7.56 -36.16
CA ASP A 263 -24.08 8.48 -36.81
C ASP A 263 -23.02 8.96 -35.84
N LYS A 264 -23.42 9.27 -34.60
CA LYS A 264 -22.44 9.66 -33.60
C LYS A 264 -21.49 8.51 -33.28
N LEU A 265 -22.00 7.28 -33.27
CA LEU A 265 -21.13 6.13 -33.06
C LEU A 265 -20.09 6.00 -34.17
N LEU A 266 -20.52 6.17 -35.42
CA LEU A 266 -19.57 6.14 -36.53
C LEU A 266 -18.55 7.26 -36.41
N LYS A 267 -18.98 8.46 -36.04
CA LYS A 267 -18.05 9.57 -35.92
C LYS A 267 -17.06 9.37 -34.78
N LYS A 268 -17.48 8.69 -33.71
CA LYS A 268 -16.58 8.42 -32.60
C LYS A 268 -15.63 7.26 -32.90
N LEU A 269 -16.04 6.32 -33.75
CA LEU A 269 -15.12 5.27 -34.18
C LEU A 269 -14.20 5.70 -35.31
N THR A 270 -14.56 6.75 -36.04
CA THR A 270 -13.71 7.25 -37.12
C THR A 270 -12.51 8.03 -36.60
N SER A 271 -12.52 8.41 -35.31
CA SER A 271 -11.46 9.22 -34.73
C SER A 271 -10.25 8.41 -34.29
N HIS A 272 -10.07 7.20 -34.79
CA HIS A 272 -8.94 6.36 -34.40
C HIS A 272 -8.13 5.80 -35.57
N LEU A 273 -8.61 5.93 -36.80
CA LEU A 273 -7.86 5.42 -37.94
C LEU A 273 -6.57 6.20 -38.14
N PRO A 274 -5.51 5.56 -38.65
CA PRO A 274 -5.47 4.14 -39.01
C PRO A 274 -4.79 3.27 -37.96
N LYS A 275 -5.04 3.57 -36.68
CA LYS A 275 -4.44 2.80 -35.60
C LYS A 275 -5.30 1.64 -35.13
N ALA A 276 -6.63 1.73 -35.30
CA ALA A 276 -7.56 0.68 -34.88
C ALA A 276 -8.48 0.38 -36.07
N ARG A 277 -8.07 -0.58 -36.89
CA ARG A 277 -8.82 -0.95 -38.09
C ARG A 277 -9.68 -2.20 -37.90
N VAL A 278 -9.75 -2.73 -36.68
CA VAL A 278 -10.54 -3.92 -36.39
C VAL A 278 -11.49 -3.61 -35.24
N VAL A 279 -12.78 -3.91 -35.43
CA VAL A 279 -13.81 -3.64 -34.44
C VAL A 279 -14.26 -4.98 -33.88
N ALA A 280 -14.31 -5.07 -32.56
CA ALA A 280 -14.69 -6.31 -31.86
C ALA A 280 -16.13 -6.16 -31.38
N CYS A 281 -17.08 -6.52 -32.25
CA CYS A 281 -18.49 -6.42 -31.94
C CYS A 281 -18.97 -7.67 -31.22
N PHE A 282 -19.59 -7.49 -30.06
CA PHE A 282 -20.28 -8.57 -29.36
C PHE A 282 -21.75 -8.19 -29.20
N CYS A 283 -22.36 -7.71 -30.27
CA CYS A 283 -23.71 -7.17 -30.26
C CYS A 283 -24.68 -8.14 -30.93
N GLU A 284 -25.97 -7.83 -30.79
CA GLU A 284 -27.03 -8.68 -31.31
C GLU A 284 -27.13 -8.51 -32.82
N GLY A 285 -28.14 -9.13 -33.42
CA GLY A 285 -28.28 -9.18 -34.87
C GLY A 285 -28.82 -7.94 -35.52
N MET A 286 -29.24 -6.93 -34.77
CA MET A 286 -29.75 -5.69 -35.34
C MET A 286 -28.80 -4.51 -35.18
N THR A 287 -27.91 -4.55 -34.18
CA THR A 287 -26.90 -3.51 -34.07
C THR A 287 -25.97 -3.53 -35.28
N VAL A 288 -25.65 -4.73 -35.77
CA VAL A 288 -24.83 -4.85 -36.97
C VAL A 288 -25.55 -4.24 -38.17
N ARG A 289 -26.85 -4.52 -38.31
CA ARG A 289 -27.61 -3.94 -39.42
C ARG A 289 -27.65 -2.43 -39.32
N GLY A 290 -27.83 -1.90 -38.10
CA GLY A 290 -27.78 -0.47 -37.92
C GLY A 290 -26.44 0.13 -38.29
N LEU A 291 -25.35 -0.54 -37.92
CA LEU A 291 -24.02 -0.07 -38.29
C LEU A 291 -23.83 -0.07 -39.79
N LEU A 292 -24.31 -1.10 -40.48
CA LEU A 292 -24.21 -1.15 -41.94
C LEU A 292 -25.03 -0.03 -42.59
N MET A 293 -26.25 0.18 -42.10
CA MET A 293 -27.07 1.26 -42.64
C MET A 293 -26.41 2.62 -42.43
N ALA A 294 -25.81 2.84 -41.26
CA ALA A 294 -25.12 4.09 -41.00
C ALA A 294 -23.89 4.24 -41.89
N MET A 295 -23.16 3.15 -42.11
CA MET A 295 -22.00 3.20 -43.01
C MET A 295 -22.43 3.50 -44.44
N ARG A 296 -23.64 3.10 -44.82
CA ARG A 296 -24.09 3.31 -46.20
C ARG A 296 -24.13 4.78 -46.57
N ARG A 297 -24.60 5.63 -45.65
CA ARG A 297 -24.84 7.03 -46.00
C ARG A 297 -23.57 7.88 -45.94
N LEU A 298 -22.67 7.59 -45.00
CA LEU A 298 -21.44 8.36 -44.90
C LEU A 298 -20.39 7.96 -45.93
N GLY A 299 -20.62 6.89 -46.68
CA GLY A 299 -19.66 6.45 -47.68
C GLY A 299 -18.34 5.98 -47.10
N LEU A 300 -18.38 5.32 -45.95
CA LEU A 300 -17.19 4.79 -45.29
C LEU A 300 -16.95 3.32 -45.66
N ALA A 301 -17.74 2.79 -46.59
CA ALA A 301 -17.73 1.37 -46.89
C ALA A 301 -16.36 0.92 -47.42
N GLY A 302 -16.13 -0.38 -47.32
CA GLY A 302 -14.89 -0.99 -47.79
C GLY A 302 -13.65 -0.57 -47.02
N GLU A 303 -13.79 -0.34 -45.72
CA GLU A 303 -12.65 0.07 -44.92
C GLU A 303 -12.46 -0.76 -43.67
N PHE A 304 -13.54 -1.15 -43.00
CA PHE A 304 -13.43 -1.78 -41.69
C PHE A 304 -13.38 -3.30 -41.81
N LEU A 305 -13.17 -3.96 -40.68
CA LEU A 305 -13.14 -5.42 -40.57
C LEU A 305 -13.91 -5.79 -39.30
N LEU A 306 -15.21 -6.03 -39.46
CA LEU A 306 -16.08 -6.29 -38.31
C LEU A 306 -15.91 -7.74 -37.85
N LEU A 307 -15.58 -7.91 -36.58
CA LEU A 307 -15.42 -9.22 -35.96
C LEU A 307 -16.55 -9.39 -34.96
N GLY A 308 -17.44 -10.36 -35.21
CA GLY A 308 -18.66 -10.48 -34.43
C GLY A 308 -18.89 -11.88 -33.92
N SER A 309 -19.77 -11.97 -32.92
CA SER A 309 -20.16 -13.23 -32.30
C SER A 309 -21.26 -13.89 -33.11
N ASP A 310 -21.92 -14.91 -32.53
CA ASP A 310 -22.97 -15.64 -33.23
C ASP A 310 -24.34 -15.00 -33.08
N GLY A 311 -24.40 -13.71 -32.75
CA GLY A 311 -25.65 -12.98 -32.90
C GLY A 311 -25.87 -12.67 -34.36
N TRP A 312 -24.77 -12.38 -35.05
CA TRP A 312 -24.73 -12.25 -36.51
C TRP A 312 -23.78 -13.34 -36.99
N ALA A 313 -24.34 -14.52 -37.29
CA ALA A 313 -23.53 -15.67 -37.67
C ALA A 313 -23.78 -16.09 -39.11
N ASP A 314 -25.03 -16.43 -39.45
CA ASP A 314 -25.36 -16.85 -40.81
C ASP A 314 -26.69 -16.27 -41.27
N ARG A 315 -27.21 -15.27 -40.56
CA ARG A 315 -28.53 -14.72 -40.87
C ARG A 315 -28.45 -13.81 -42.09
N TYR A 316 -29.20 -14.16 -43.13
CA TYR A 316 -29.22 -13.33 -44.33
C TYR A 316 -29.98 -12.03 -44.14
N ASP A 317 -30.81 -11.93 -43.10
CA ASP A 317 -31.61 -10.74 -42.85
C ASP A 317 -30.84 -9.65 -42.13
N VAL A 318 -29.51 -9.74 -42.08
CA VAL A 318 -28.69 -8.69 -41.50
C VAL A 318 -27.88 -7.94 -42.54
N THR A 319 -27.51 -8.58 -43.65
CA THR A 319 -26.72 -7.93 -44.70
C THR A 319 -27.48 -7.80 -46.01
N ASP A 320 -28.80 -8.01 -46.00
CA ASP A 320 -29.58 -7.87 -47.22
C ASP A 320 -29.69 -6.40 -47.61
N GLY A 321 -29.34 -6.09 -48.85
CA GLY A 321 -29.36 -4.72 -49.34
C GLY A 321 -28.15 -3.91 -48.97
N TYR A 322 -27.19 -4.47 -48.23
CA TYR A 322 -26.01 -3.76 -47.79
C TYR A 322 -24.76 -4.62 -47.89
N GLN A 323 -24.70 -5.51 -48.89
CA GLN A 323 -23.60 -6.45 -49.01
C GLN A 323 -22.27 -5.79 -49.34
N ARG A 324 -22.28 -4.53 -49.78
CA ARG A 324 -21.03 -3.90 -50.22
C ARG A 324 -20.15 -3.52 -49.04
N GLU A 325 -20.73 -3.12 -47.92
CA GLU A 325 -19.96 -2.67 -46.78
C GLU A 325 -19.69 -3.76 -45.75
N ALA A 326 -20.26 -4.95 -45.92
CA ALA A 326 -20.04 -6.05 -45.00
C ALA A 326 -19.03 -7.06 -45.51
N VAL A 327 -18.39 -6.79 -46.65
CA VAL A 327 -17.46 -7.76 -47.24
C VAL A 327 -16.22 -7.85 -46.37
N GLY A 328 -15.81 -9.08 -46.07
CA GLY A 328 -14.61 -9.33 -45.28
C GLY A 328 -14.86 -9.69 -43.83
N GLY A 329 -16.08 -9.51 -43.33
CA GLY A 329 -16.32 -9.76 -41.92
C GLY A 329 -16.11 -11.22 -41.56
N ILE A 330 -15.71 -11.43 -40.31
CA ILE A 330 -15.46 -12.77 -39.78
C ILE A 330 -16.42 -13.00 -38.62
N THR A 331 -17.19 -14.08 -38.70
CA THR A 331 -18.18 -14.41 -37.67
C THR A 331 -18.00 -15.87 -37.26
N ILE A 332 -18.43 -16.18 -36.04
CA ILE A 332 -18.38 -17.53 -35.51
C ILE A 332 -19.79 -18.05 -35.33
N LYS A 333 -20.00 -19.33 -35.66
CA LYS A 333 -21.29 -19.98 -35.58
C LYS A 333 -21.24 -21.09 -34.54
N LEU A 334 -22.34 -21.82 -34.40
CA LEU A 334 -22.44 -22.94 -33.48
C LEU A 334 -22.62 -24.22 -34.29
N GLN A 335 -21.72 -25.17 -34.09
CA GLN A 335 -21.74 -26.41 -34.87
C GLN A 335 -22.95 -27.24 -34.47
N SER A 336 -23.73 -27.67 -35.47
CA SER A 336 -24.91 -28.49 -35.23
C SER A 336 -25.33 -29.23 -36.49
N PRO A 337 -24.79 -30.42 -36.73
CA PRO A 337 -25.23 -31.21 -37.89
C PRO A 337 -26.65 -31.71 -37.71
N ASP A 338 -27.31 -31.94 -38.84
CA ASP A 338 -28.71 -32.36 -38.85
C ASP A 338 -28.85 -33.79 -38.33
N VAL A 339 -30.06 -34.11 -37.87
CA VAL A 339 -30.42 -35.43 -37.36
C VAL A 339 -31.24 -36.13 -38.43
N LYS A 340 -30.74 -37.27 -38.91
CA LYS A 340 -31.33 -37.91 -40.08
C LYS A 340 -32.64 -38.61 -39.73
N TRP A 341 -32.69 -39.32 -38.61
CA TRP A 341 -33.83 -40.20 -38.35
C TRP A 341 -35.08 -39.44 -37.89
N PHE A 342 -34.98 -38.15 -37.62
CA PHE A 342 -36.18 -37.40 -37.25
C PHE A 342 -37.06 -37.09 -38.45
N ASP A 343 -36.45 -36.85 -39.63
CA ASP A 343 -37.22 -36.50 -40.81
C ASP A 343 -38.08 -37.67 -41.29
N ASP A 344 -37.54 -38.89 -41.22
CA ASP A 344 -38.29 -40.06 -41.68
C ASP A 344 -39.54 -40.33 -40.83
N TYR A 345 -39.63 -39.73 -39.64
CA TYR A 345 -40.77 -39.89 -38.76
C TYR A 345 -41.69 -38.68 -38.75
N TYR A 346 -41.13 -37.46 -38.80
CA TYR A 346 -41.95 -36.27 -38.71
C TYR A 346 -42.81 -36.07 -39.94
N LEU A 347 -42.30 -36.45 -41.11
CA LEU A 347 -43.03 -36.19 -42.36
C LEU A 347 -44.22 -37.12 -42.54
N LYS A 348 -44.16 -38.32 -41.97
CA LYS A 348 -45.22 -39.30 -42.16
C LYS A 348 -46.48 -39.00 -41.36
N LEU A 349 -46.43 -38.01 -40.46
CA LEU A 349 -47.57 -37.73 -39.61
C LEU A 349 -48.74 -37.16 -40.41
N ARG A 350 -49.95 -37.58 -40.05
CA ARG A 350 -51.18 -37.11 -40.66
C ARG A 350 -52.13 -36.63 -39.57
N PRO A 351 -52.93 -35.59 -39.84
CA PRO A 351 -53.86 -35.09 -38.83
C PRO A 351 -54.88 -36.12 -38.39
N GLU A 352 -55.30 -37.02 -39.29
CA GLU A 352 -56.34 -37.99 -38.95
C GLU A 352 -55.83 -39.11 -38.04
N THR A 353 -54.51 -39.35 -38.01
CA THR A 353 -53.96 -40.47 -37.26
C THR A 353 -52.99 -40.02 -36.17
N ASN A 354 -53.17 -38.81 -35.64
CA ASN A 354 -52.34 -38.30 -34.55
C ASN A 354 -53.26 -37.92 -33.40
N HIS A 355 -53.24 -38.73 -32.33
CA HIS A 355 -54.12 -38.53 -31.20
C HIS A 355 -53.40 -38.18 -29.90
N ARG A 356 -52.10 -38.43 -29.80
CA ARG A 356 -51.36 -38.15 -28.57
C ARG A 356 -50.80 -36.73 -28.53
N ASN A 357 -51.07 -35.90 -29.53
CA ASN A 357 -50.63 -34.51 -29.56
C ASN A 357 -51.85 -33.61 -29.65
N PRO A 358 -52.35 -33.10 -28.53
CA PRO A 358 -53.56 -32.26 -28.57
C PRO A 358 -53.38 -30.97 -29.37
N TRP A 359 -52.15 -30.51 -29.57
CA TRP A 359 -51.90 -29.28 -30.30
C TRP A 359 -51.85 -29.48 -31.81
N PHE A 360 -52.04 -30.71 -32.30
CA PHE A 360 -51.75 -31.01 -33.70
C PHE A 360 -52.79 -30.40 -34.64
N GLN A 361 -54.08 -30.51 -34.30
CA GLN A 361 -55.12 -30.08 -35.24
C GLN A 361 -55.08 -28.57 -35.47
N GLU A 362 -54.95 -27.79 -34.40
CA GLU A 362 -54.83 -26.34 -34.55
C GLU A 362 -53.56 -25.98 -35.32
N PHE A 363 -52.48 -26.74 -35.09
CA PHE A 363 -51.25 -26.54 -35.86
C PHE A 363 -51.50 -26.74 -37.35
N TRP A 364 -52.18 -27.83 -37.71
CA TRP A 364 -52.43 -28.13 -39.11
C TRP A 364 -53.29 -27.05 -39.75
N GLN A 365 -54.36 -26.64 -39.06
CA GLN A 365 -55.25 -25.62 -39.59
C GLN A 365 -54.52 -24.29 -39.76
N HIS A 366 -53.69 -23.92 -38.79
CA HIS A 366 -52.93 -22.67 -38.90
C HIS A 366 -51.93 -22.73 -40.05
N ARG A 367 -51.24 -23.86 -40.20
CA ARG A 367 -50.22 -23.98 -41.23
C ARG A 367 -50.83 -23.94 -42.62
N PHE A 368 -51.94 -24.63 -42.83
CA PHE A 368 -52.53 -24.73 -44.16
C PHE A 368 -53.68 -23.76 -44.39
N GLN A 369 -54.02 -22.93 -43.39
CA GLN A 369 -55.02 -21.87 -43.52
C GLN A 369 -56.34 -22.39 -44.09
N CYS A 370 -56.77 -23.54 -43.56
CA CYS A 370 -58.00 -24.17 -44.02
C CYS A 370 -58.76 -24.70 -42.81
N ARG A 371 -59.92 -25.30 -43.08
CA ARG A 371 -60.79 -25.84 -42.03
C ARG A 371 -60.88 -27.36 -42.20
N LEU A 372 -60.71 -28.08 -41.10
CA LEU A 372 -60.76 -29.54 -41.10
C LEU A 372 -62.20 -29.95 -40.79
N GLU A 373 -62.99 -30.17 -41.84
CA GLU A 373 -64.37 -30.57 -41.68
C GLU A 373 -64.45 -31.97 -41.07
N GLY A 374 -65.46 -32.17 -40.23
CA GLY A 374 -65.63 -33.45 -39.56
C GLY A 374 -64.54 -33.79 -38.57
N PHE A 375 -64.09 -32.82 -37.79
CA PHE A 375 -63.03 -33.00 -36.81
C PHE A 375 -63.47 -32.42 -35.47
N PRO A 376 -62.94 -32.95 -34.37
CA PRO A 376 -63.31 -32.41 -33.05
C PRO A 376 -62.90 -30.97 -32.84
N GLN A 377 -61.93 -30.47 -33.60
CA GLN A 377 -61.45 -29.10 -33.42
C GLN A 377 -61.67 -28.28 -34.69
N GLU A 378 -62.85 -28.41 -35.30
CA GLU A 378 -63.17 -27.65 -36.49
C GLU A 378 -63.30 -26.16 -36.16
N ASN A 379 -62.83 -25.32 -37.08
CA ASN A 379 -62.87 -23.88 -36.93
C ASN A 379 -63.64 -23.27 -38.09
N SER A 380 -64.49 -22.29 -37.78
CA SER A 380 -65.28 -21.60 -38.79
C SER A 380 -64.58 -20.38 -39.35
N LYS A 381 -63.43 -19.99 -38.81
CA LYS A 381 -62.72 -18.83 -39.30
C LYS A 381 -62.23 -19.04 -40.74
N TYR A 382 -61.76 -20.25 -41.05
CA TYR A 382 -61.23 -20.55 -42.37
C TYR A 382 -62.36 -21.04 -43.26
N ASN A 383 -62.67 -20.27 -44.31
CA ASN A 383 -63.70 -20.67 -45.25
C ASN A 383 -63.22 -21.80 -46.16
N LYS A 384 -61.97 -21.72 -46.61
CA LYS A 384 -61.43 -22.74 -47.50
C LYS A 384 -61.29 -24.07 -46.77
N THR A 385 -61.64 -25.15 -47.46
CA THR A 385 -61.58 -26.50 -46.90
C THR A 385 -60.29 -27.18 -47.32
N CYS A 386 -59.70 -27.92 -46.38
CA CYS A 386 -58.45 -28.62 -46.64
C CYS A 386 -58.66 -29.73 -47.66
N ASN A 387 -57.60 -30.03 -48.41
CA ASN A 387 -57.60 -31.10 -49.40
C ASN A 387 -56.91 -32.33 -48.82
N SER A 388 -57.36 -33.51 -49.28
CA SER A 388 -56.80 -34.77 -48.80
C SER A 388 -55.41 -35.05 -49.32
N SER A 389 -54.92 -34.26 -50.28
CA SER A 389 -53.59 -34.46 -50.85
C SER A 389 -52.51 -33.63 -50.18
N LEU A 390 -52.86 -32.85 -49.15
CA LEU A 390 -51.86 -32.03 -48.47
C LEU A 390 -50.84 -32.88 -47.74
N THR A 391 -49.59 -32.43 -47.74
CA THR A 391 -48.52 -33.15 -47.07
C THR A 391 -47.51 -32.15 -46.54
N LEU A 392 -46.68 -32.63 -45.61
CA LEU A 392 -45.73 -31.78 -44.90
C LEU A 392 -44.39 -31.63 -45.61
N LYS A 393 -44.20 -32.30 -46.77
CA LYS A 393 -42.94 -32.21 -47.48
C LYS A 393 -42.70 -30.83 -48.10
N THR A 394 -43.71 -29.96 -48.11
CA THR A 394 -43.60 -28.67 -48.77
C THR A 394 -42.91 -27.67 -47.84
N HIS A 395 -41.77 -27.14 -48.28
CA HIS A 395 -40.99 -26.17 -47.51
C HIS A 395 -40.65 -26.67 -46.11
N HIS A 396 -40.25 -27.94 -46.02
CA HIS A 396 -39.87 -28.50 -44.73
C HIS A 396 -38.50 -27.97 -44.32
N VAL A 397 -38.41 -27.41 -43.12
CA VAL A 397 -37.17 -26.86 -42.57
C VAL A 397 -36.93 -27.49 -41.21
N GLN A 398 -35.72 -28.01 -41.01
CA GLN A 398 -35.38 -28.64 -39.75
C GLN A 398 -35.03 -27.58 -38.70
N ASP A 399 -35.36 -27.90 -37.45
CA ASP A 399 -35.01 -27.03 -36.34
C ASP A 399 -33.49 -26.94 -36.19
N SER A 400 -33.02 -25.78 -35.78
CA SER A 400 -31.59 -25.51 -35.67
C SER A 400 -31.01 -25.87 -34.32
N LYS A 401 -31.80 -26.43 -33.41
CA LYS A 401 -31.34 -26.83 -32.09
C LYS A 401 -31.82 -28.23 -31.73
N MET A 402 -31.86 -29.13 -32.71
CA MET A 402 -32.43 -30.45 -32.52
C MET A 402 -31.46 -31.45 -31.90
N GLY A 403 -30.19 -31.11 -31.77
CA GLY A 403 -29.23 -32.04 -31.20
C GLY A 403 -29.20 -32.02 -29.68
N PHE A 404 -29.19 -30.82 -29.11
CA PHE A 404 -29.13 -30.70 -27.65
C PHE A 404 -30.41 -31.20 -26.98
N VAL A 405 -31.54 -31.06 -27.67
CA VAL A 405 -32.80 -31.55 -27.12
C VAL A 405 -32.76 -33.06 -26.92
N ILE A 406 -32.07 -33.77 -27.79
CA ILE A 406 -31.93 -35.22 -27.66
C ILE A 406 -30.80 -35.58 -26.70
N ASN A 407 -29.72 -34.79 -26.71
CA ASN A 407 -28.60 -35.06 -25.82
C ASN A 407 -29.01 -34.92 -24.35
N ALA A 408 -29.89 -33.97 -24.04
CA ALA A 408 -30.33 -33.81 -22.65
C ALA A 408 -31.08 -35.05 -22.17
N ILE A 409 -32.00 -35.56 -23.00
CA ILE A 409 -32.74 -36.76 -22.63
C ILE A 409 -31.80 -37.95 -22.49
N TYR A 410 -30.84 -38.08 -23.40
CA TYR A 410 -29.89 -39.18 -23.29
C TYR A 410 -29.05 -39.08 -22.02
N SER A 411 -28.66 -37.86 -21.64
CA SER A 411 -27.88 -37.68 -20.42
C SER A 411 -28.69 -38.07 -19.18
N MET A 412 -29.96 -37.65 -19.13
CA MET A 412 -30.79 -38.05 -17.98
C MET A 412 -30.99 -39.56 -17.94
N ALA A 413 -31.22 -40.18 -19.10
CA ALA A 413 -31.40 -41.63 -19.13
C ALA A 413 -30.14 -42.36 -18.68
N TYR A 414 -28.98 -41.89 -19.11
CA TYR A 414 -27.73 -42.52 -18.69
C TYR A 414 -27.49 -42.34 -17.20
N GLY A 415 -27.84 -41.19 -16.64
CA GLY A 415 -27.75 -41.01 -15.21
C GLY A 415 -28.64 -41.97 -14.45
N LEU A 416 -29.88 -42.15 -14.90
CA LEU A 416 -30.77 -43.12 -14.26
C LEU A 416 -30.22 -44.53 -14.37
N HIS A 417 -29.69 -44.90 -15.54
CA HIS A 417 -29.14 -46.24 -15.72
C HIS A 417 -27.95 -46.48 -14.80
N ASN A 418 -27.06 -45.49 -14.68
CA ASN A 418 -25.90 -45.63 -13.80
C ASN A 418 -26.34 -45.76 -12.35
N MET A 419 -27.31 -44.95 -11.92
CA MET A 419 -27.79 -45.04 -10.54
C MET A 419 -28.42 -46.40 -10.26
N GLN A 420 -29.21 -46.90 -11.20
CA GLN A 420 -29.82 -48.22 -11.02
C GLN A 420 -28.75 -49.32 -10.96
N MET A 421 -27.73 -49.23 -11.82
CA MET A 421 -26.70 -50.25 -11.83
C MET A 421 -25.84 -50.21 -10.58
N SER A 422 -25.66 -49.02 -9.99
CA SER A 422 -24.82 -48.90 -8.80
C SER A 422 -25.60 -49.04 -7.49
N LEU A 423 -26.94 -49.05 -7.54
CA LEU A 423 -27.73 -49.19 -6.33
C LEU A 423 -28.39 -50.56 -6.17
N CYS A 424 -28.69 -51.25 -7.25
CA CYS A 424 -29.32 -52.58 -7.19
C CYS A 424 -28.53 -53.55 -8.07
N PRO A 425 -27.31 -53.89 -7.67
CA PRO A 425 -26.49 -54.76 -8.51
C PRO A 425 -27.03 -56.18 -8.57
N GLY A 426 -26.77 -56.85 -9.68
CA GLY A 426 -27.19 -58.22 -9.85
C GLY A 426 -28.68 -58.42 -9.97
N TYR A 427 -29.42 -57.38 -10.37
CA TYR A 427 -30.86 -57.47 -10.51
C TYR A 427 -31.29 -56.70 -11.75
N ALA A 428 -32.42 -57.10 -12.31
CA ALA A 428 -32.97 -56.51 -13.53
C ALA A 428 -34.37 -55.99 -13.22
N GLY A 429 -34.45 -54.74 -12.78
CA GLY A 429 -35.71 -54.11 -12.47
C GLY A 429 -35.56 -53.16 -11.31
N LEU A 430 -36.68 -52.83 -10.69
CA LEU A 430 -36.72 -51.91 -9.55
C LEU A 430 -36.51 -52.71 -8.27
N CYS A 431 -35.32 -52.59 -7.69
CA CYS A 431 -35.04 -53.28 -6.44
C CYS A 431 -35.78 -52.60 -5.29
N ASP A 432 -35.89 -53.31 -4.17
CA ASP A 432 -36.63 -52.78 -3.02
C ASP A 432 -35.94 -51.59 -2.39
N ALA A 433 -34.63 -51.43 -2.61
CA ALA A 433 -33.87 -50.33 -2.03
C ALA A 433 -33.96 -49.06 -2.84
N MET A 434 -34.84 -48.98 -3.83
CA MET A 434 -34.99 -47.82 -4.69
C MET A 434 -36.48 -47.47 -4.84
N LYS A 435 -37.17 -47.36 -3.71
CA LYS A 435 -38.56 -46.95 -3.75
C LYS A 435 -38.88 -46.08 -2.55
N PRO A 436 -39.10 -44.78 -2.74
CA PRO A 436 -39.07 -44.11 -4.04
C PRO A 436 -37.67 -43.66 -4.45
N ILE A 437 -37.57 -43.01 -5.61
CA ILE A 437 -36.29 -42.52 -6.11
C ILE A 437 -35.99 -41.16 -5.48
N ASP A 438 -34.83 -41.05 -4.85
CA ASP A 438 -34.45 -39.81 -4.18
C ASP A 438 -33.67 -38.92 -5.14
N GLY A 439 -33.89 -37.61 -5.03
CA GLY A 439 -33.26 -36.64 -5.90
C GLY A 439 -31.89 -36.16 -5.49
N ARG A 440 -31.34 -36.69 -4.40
CA ARG A 440 -30.01 -36.28 -3.95
C ARG A 440 -28.90 -37.15 -4.50
N LYS A 441 -29.16 -38.43 -4.73
CA LYS A 441 -28.18 -39.29 -5.38
C LYS A 441 -28.18 -39.16 -6.90
N LEU A 442 -29.32 -38.75 -7.48
CA LEU A 442 -29.37 -38.54 -8.91
C LEU A 442 -28.51 -37.35 -9.34
N LEU A 443 -28.42 -36.32 -8.50
CA LEU A 443 -27.57 -35.18 -8.85
C LEU A 443 -26.10 -35.55 -8.91
N GLU A 444 -25.67 -36.56 -8.15
CA GLU A 444 -24.30 -37.03 -8.22
C GLU A 444 -24.09 -38.11 -9.27
N SER A 445 -25.15 -38.86 -9.60
CA SER A 445 -25.06 -39.77 -10.75
C SER A 445 -24.97 -38.99 -12.06
N LEU A 446 -25.67 -37.85 -12.14
CA LEU A 446 -25.74 -37.11 -13.40
C LEU A 446 -24.46 -36.36 -13.70
N MET A 447 -23.79 -35.83 -12.66
CA MET A 447 -22.64 -34.97 -12.90
C MET A 447 -21.46 -35.75 -13.48
N LYS A 448 -21.40 -37.06 -13.26
CA LYS A 448 -20.30 -37.87 -13.74
C LYS A 448 -20.64 -38.64 -15.02
N THR A 449 -21.67 -38.22 -15.73
CA THR A 449 -22.00 -38.87 -17.00
C THR A 449 -20.99 -38.49 -18.07
N ASN A 450 -20.65 -39.45 -18.93
CA ASN A 450 -19.66 -39.23 -19.98
C ASN A 450 -19.95 -40.24 -21.08
N PHE A 451 -20.44 -39.77 -22.22
CA PHE A 451 -20.82 -40.69 -23.29
C PHE A 451 -20.62 -40.01 -24.63
N THR A 452 -21.19 -40.60 -25.69
CA THR A 452 -21.05 -40.10 -27.05
C THR A 452 -22.42 -39.68 -27.58
N GLY A 453 -22.49 -38.49 -28.16
CA GLY A 453 -23.74 -37.93 -28.62
C GLY A 453 -24.21 -38.53 -29.93
N VAL A 454 -25.26 -37.91 -30.49
CA VAL A 454 -25.84 -38.39 -31.73
C VAL A 454 -24.86 -38.21 -32.89
N SER A 455 -24.08 -37.13 -32.88
CA SER A 455 -23.17 -36.81 -33.97
C SER A 455 -21.75 -37.30 -33.71
N GLY A 456 -21.59 -38.31 -32.85
CA GLY A 456 -20.28 -38.86 -32.57
C GLY A 456 -19.39 -38.01 -31.70
N ASP A 457 -19.93 -36.97 -31.07
CA ASP A 457 -19.15 -36.11 -30.19
C ASP A 457 -19.30 -36.57 -28.75
N THR A 458 -18.31 -36.20 -27.92
CA THR A 458 -18.27 -36.62 -26.54
C THR A 458 -19.02 -35.62 -25.67
N ILE A 459 -19.90 -36.14 -24.81
CA ILE A 459 -20.69 -35.33 -23.88
C ILE A 459 -20.21 -35.63 -22.47
N LEU A 460 -19.82 -34.58 -21.74
CA LEU A 460 -19.37 -34.68 -20.37
C LEU A 460 -19.56 -33.33 -19.69
N PHE A 461 -19.75 -33.37 -18.37
CA PHE A 461 -19.93 -32.18 -17.56
C PHE A 461 -18.73 -32.02 -16.63
N ASP A 462 -18.22 -30.80 -16.54
CA ASP A 462 -17.14 -30.49 -15.60
C ASP A 462 -17.76 -30.26 -14.22
N GLU A 463 -16.96 -29.70 -13.29
CA GLU A 463 -17.42 -29.57 -11.92
C GLU A 463 -18.60 -28.62 -11.79
N ASN A 464 -18.71 -27.65 -12.70
CA ASN A 464 -19.80 -26.69 -12.67
C ASN A 464 -21.02 -27.13 -13.47
N GLY A 465 -20.99 -28.34 -14.03
CA GLY A 465 -22.09 -28.76 -14.87
C GLY A 465 -22.14 -28.11 -16.22
N ASP A 466 -21.04 -27.50 -16.66
CA ASP A 466 -20.96 -26.85 -17.96
C ASP A 466 -20.57 -27.88 -19.02
N SER A 467 -20.26 -27.41 -20.22
CA SER A 467 -19.85 -28.26 -21.32
C SER A 467 -18.79 -27.53 -22.14
N PRO A 468 -17.91 -28.26 -22.81
CA PRO A 468 -16.93 -27.62 -23.69
C PRO A 468 -17.59 -27.07 -24.95
N GLY A 469 -16.91 -26.09 -25.55
CA GLY A 469 -17.43 -25.36 -26.69
C GLY A 469 -16.89 -25.88 -28.01
N ARG A 470 -17.73 -25.82 -29.04
CA ARG A 470 -17.35 -26.22 -30.39
C ARG A 470 -18.01 -25.26 -31.37
N TYR A 471 -17.21 -24.47 -32.07
CA TYR A 471 -17.72 -23.42 -32.94
C TYR A 471 -17.13 -23.55 -34.34
N GLU A 472 -17.85 -22.99 -35.31
CA GLU A 472 -17.35 -22.83 -36.67
C GLU A 472 -16.88 -21.40 -36.88
N ILE A 473 -16.30 -21.15 -38.05
CA ILE A 473 -15.84 -19.82 -38.43
C ILE A 473 -16.24 -19.57 -39.88
N MET A 474 -16.90 -18.46 -40.14
CA MET A 474 -17.41 -18.14 -41.47
C MET A 474 -16.69 -16.92 -42.03
N ASN A 475 -17.10 -16.52 -43.22
CA ASN A 475 -16.49 -15.39 -43.92
C ASN A 475 -17.45 -14.92 -45.01
N PHE A 476 -17.75 -13.63 -45.03
CA PHE A 476 -18.68 -13.04 -45.98
C PHE A 476 -17.86 -12.31 -47.03
N LYS A 477 -17.62 -12.97 -48.16
CA LYS A 477 -16.82 -12.39 -49.24
C LYS A 477 -17.53 -12.59 -50.57
N GLU A 478 -17.18 -11.73 -51.52
CA GLU A 478 -17.83 -11.71 -52.82
C GLU A 478 -17.41 -12.91 -53.66
N MET A 479 -18.38 -13.56 -54.31
CA MET A 479 -18.10 -14.69 -55.19
C MET A 479 -17.92 -14.27 -56.64
N GLY A 480 -18.68 -13.29 -57.10
CA GLY A 480 -18.58 -12.86 -58.48
C GLY A 480 -19.40 -11.61 -58.71
N LYS A 481 -19.88 -11.46 -59.95
CA LYS A 481 -20.67 -10.30 -60.31
C LYS A 481 -22.00 -10.31 -59.58
N ASP A 482 -22.13 -9.46 -58.55
CA ASP A 482 -23.35 -9.35 -57.75
C ASP A 482 -23.74 -10.70 -57.15
N TYR A 483 -22.85 -11.22 -56.30
CA TYR A 483 -23.10 -12.49 -55.63
C TYR A 483 -22.27 -12.53 -54.35
N PHE A 484 -22.93 -12.70 -53.22
CA PHE A 484 -22.26 -12.73 -51.92
C PHE A 484 -22.81 -13.91 -51.11
N ASP A 485 -21.94 -14.54 -50.33
CA ASP A 485 -22.33 -15.71 -49.56
C ASP A 485 -21.32 -15.93 -48.44
N TYR A 486 -21.72 -16.73 -47.46
CA TYR A 486 -20.88 -17.15 -46.36
C TYR A 486 -20.22 -18.48 -46.70
N ILE A 487 -18.95 -18.63 -46.32
CA ILE A 487 -18.22 -19.87 -46.55
C ILE A 487 -17.42 -20.22 -45.30
N ASN A 488 -17.39 -21.51 -44.98
CA ASN A 488 -16.65 -21.98 -43.80
C ASN A 488 -15.15 -21.94 -44.07
N VAL A 489 -14.40 -21.36 -43.13
CA VAL A 489 -12.95 -21.24 -43.29
C VAL A 489 -12.21 -21.70 -42.04
N GLY A 490 -12.85 -22.49 -41.20
CA GLY A 490 -12.15 -23.02 -40.04
C GLY A 490 -13.11 -23.54 -38.98
N SER A 491 -12.56 -23.75 -37.79
CA SER A 491 -13.30 -24.30 -36.66
C SER A 491 -12.48 -24.14 -35.39
N TRP A 492 -13.19 -24.16 -34.25
CA TRP A 492 -12.61 -24.11 -32.92
C TRP A 492 -13.20 -25.26 -32.12
N ASP A 493 -12.34 -26.06 -31.51
CA ASP A 493 -12.71 -27.36 -30.94
C ASP A 493 -12.12 -27.52 -29.55
N ASN A 494 -12.38 -26.54 -28.67
CA ASN A 494 -11.95 -26.56 -27.28
C ASN A 494 -10.44 -26.50 -27.15
N GLY A 495 -9.83 -25.44 -27.69
CA GLY A 495 -8.41 -25.19 -27.54
C GLY A 495 -7.62 -25.28 -28.82
N GLU A 496 -8.16 -25.95 -29.84
CA GLU A 496 -7.46 -26.16 -31.10
C GLU A 496 -8.16 -25.34 -32.19
N LEU A 497 -7.53 -24.25 -32.59
CA LEU A 497 -8.04 -23.39 -33.66
C LEU A 497 -7.50 -23.89 -34.98
N LYS A 498 -8.36 -24.44 -35.82
CA LYS A 498 -7.97 -24.96 -37.14
C LYS A 498 -8.61 -24.06 -38.17
N MET A 499 -7.85 -23.14 -38.73
CA MET A 499 -8.38 -22.13 -39.64
C MET A 499 -7.56 -22.09 -40.91
N ASP A 500 -8.25 -22.01 -42.04
CA ASP A 500 -7.62 -22.03 -43.36
C ASP A 500 -7.25 -20.60 -43.74
N ASP A 501 -5.95 -20.29 -43.69
CA ASP A 501 -5.50 -18.92 -43.94
C ASP A 501 -5.51 -18.57 -45.42
N ASP A 502 -5.38 -19.57 -46.30
CA ASP A 502 -5.26 -19.27 -47.73
C ASP A 502 -6.58 -18.77 -48.30
N GLU A 503 -7.71 -19.29 -47.82
CA GLU A 503 -9.01 -18.91 -48.38
C GLU A 503 -9.44 -17.53 -47.92
N VAL A 504 -9.08 -17.14 -46.69
CA VAL A 504 -9.56 -15.88 -46.14
C VAL A 504 -9.00 -14.70 -46.93
N TRP A 505 -7.70 -14.73 -47.21
CA TRP A 505 -7.02 -13.64 -47.91
C TRP A 505 -6.51 -14.13 -49.25
N SER A 506 -6.79 -13.38 -50.31
CA SER A 506 -6.33 -13.76 -51.64
C SER A 506 -4.81 -13.75 -51.73
N LYS A 507 -4.18 -12.73 -51.17
CA LYS A 507 -2.72 -12.59 -51.18
C LYS A 507 -2.23 -12.29 -49.78
N LYS A 508 -1.00 -12.71 -49.49
CA LYS A 508 -0.42 -12.51 -48.16
C LYS A 508 -0.23 -11.03 -47.86
N SER A 509 0.14 -10.24 -48.87
CA SER A 509 0.39 -8.82 -48.67
C SER A 509 -0.89 -8.02 -48.42
N ASN A 510 -2.06 -8.63 -48.60
CA ASN A 510 -3.33 -7.94 -48.44
C ASN A 510 -3.88 -8.03 -47.02
N ILE A 511 -3.12 -8.61 -46.08
CA ILE A 511 -3.61 -8.77 -44.71
C ILE A 511 -3.74 -7.40 -44.06
N ILE A 512 -4.90 -7.14 -43.44
CA ILE A 512 -5.12 -5.89 -42.75
C ILE A 512 -4.28 -5.85 -41.47
N ARG A 513 -3.64 -4.71 -41.22
CA ARG A 513 -2.77 -4.53 -40.07
C ARG A 513 -3.40 -3.53 -39.11
N SER A 514 -3.22 -3.77 -37.81
CA SER A 514 -3.71 -2.85 -36.79
C SER A 514 -2.75 -2.91 -35.59
N VAL A 515 -1.77 -2.01 -35.60
CA VAL A 515 -0.83 -1.85 -34.49
C VAL A 515 -0.65 -0.37 -34.23
N CYS A 516 -0.51 0.00 -32.95
CA CYS A 516 -0.43 1.40 -32.58
C CYS A 516 0.92 2.01 -32.96
N SER A 517 2.00 1.49 -32.38
CA SER A 517 3.32 2.05 -32.56
C SER A 517 4.29 0.98 -33.02
N GLU A 518 5.19 1.37 -33.93
CA GLU A 518 6.22 0.46 -34.41
C GLU A 518 7.22 0.16 -33.30
N PRO A 519 7.86 -1.01 -33.34
CA PRO A 519 8.86 -1.33 -32.32
C PRO A 519 10.14 -0.52 -32.50
N CYS A 520 10.99 -0.59 -31.48
CA CYS A 520 12.26 0.12 -31.52
C CYS A 520 13.21 -0.53 -32.52
N GLU A 521 14.42 0.01 -32.57
CA GLU A 521 15.36 -0.28 -33.65
C GLU A 521 16.76 -0.56 -33.10
N LYS A 522 17.76 -0.46 -33.96
CA LYS A 522 19.11 -0.76 -33.53
C LYS A 522 19.57 0.31 -32.55
N GLY A 523 19.33 0.05 -31.26
CA GLY A 523 19.74 0.97 -30.22
C GLY A 523 18.72 2.05 -29.92
N GLN A 524 17.50 1.65 -29.58
CA GLN A 524 16.44 2.58 -29.26
C GLN A 524 15.72 2.11 -28.00
N ILE A 525 15.46 3.04 -27.09
CA ILE A 525 14.84 2.75 -25.83
C ILE A 525 13.37 3.12 -25.90
N LYS A 526 12.61 2.69 -24.90
CA LYS A 526 11.18 2.92 -24.83
C LYS A 526 10.88 4.00 -23.78
N VAL A 527 10.07 4.98 -24.17
CA VAL A 527 9.55 6.00 -23.27
C VAL A 527 8.05 6.08 -23.50
N ILE A 528 7.28 5.99 -22.43
CA ILE A 528 5.82 5.98 -22.48
C ILE A 528 5.30 7.15 -21.65
N ARG A 529 4.45 7.97 -22.26
CA ARG A 529 3.86 9.08 -21.53
C ARG A 529 2.86 8.58 -20.49
N LYS A 530 2.56 9.44 -19.52
CA LYS A 530 1.63 9.09 -18.46
C LYS A 530 0.20 9.26 -18.93
N GLY A 531 -0.65 8.28 -18.57
CA GLY A 531 -2.05 8.32 -18.91
C GLY A 531 -2.41 7.65 -20.22
N GLU A 532 -1.43 7.23 -21.01
CA GLU A 532 -1.70 6.60 -22.29
C GLU A 532 -1.76 5.09 -22.15
N VAL A 533 -2.13 4.44 -23.25
CA VAL A 533 -2.24 2.98 -23.29
C VAL A 533 -0.84 2.37 -23.29
N SER A 534 -0.70 1.21 -22.64
CA SER A 534 0.61 0.60 -22.46
C SER A 534 1.23 0.19 -23.78
N CYS A 535 0.44 0.01 -24.83
CA CYS A 535 0.95 -0.43 -26.13
C CYS A 535 1.04 0.73 -27.12
N CYS A 536 1.36 1.93 -26.64
CA CYS A 536 1.60 3.09 -27.50
C CYS A 536 2.80 3.84 -26.91
N TRP A 537 3.99 3.50 -27.37
CA TRP A 537 5.24 4.01 -26.80
C TRP A 537 6.00 4.82 -27.85
N THR A 538 7.11 5.42 -27.40
CA THR A 538 8.02 6.16 -28.25
C THR A 538 9.41 5.57 -28.14
N CYS A 539 10.11 5.50 -29.26
CA CYS A 539 11.46 4.95 -29.32
C CYS A 539 12.46 6.11 -29.45
N THR A 540 13.38 6.21 -28.50
CA THR A 540 14.31 7.32 -28.44
C THR A 540 15.74 6.82 -28.29
N PRO A 541 16.73 7.57 -28.78
CA PRO A 541 18.11 7.09 -28.72
C PRO A 541 18.86 7.61 -27.50
N CYS A 542 19.70 6.73 -26.94
CA CYS A 542 20.66 7.17 -25.93
C CYS A 542 21.78 7.96 -26.59
N LYS A 543 22.39 8.86 -25.83
CA LYS A 543 23.51 9.63 -26.34
C LYS A 543 24.74 8.74 -26.46
N GLU A 544 25.79 9.30 -27.06
CA GLU A 544 27.01 8.54 -27.29
C GLU A 544 27.73 8.19 -25.99
N ASN A 545 27.42 8.88 -24.89
CA ASN A 545 28.07 8.64 -23.62
C ASN A 545 27.42 7.53 -22.81
N GLU A 546 26.26 7.04 -23.21
CA GLU A 546 25.56 6.02 -22.45
C GLU A 546 25.05 4.92 -23.39
N TYR A 547 25.05 3.69 -22.89
CA TYR A 547 24.52 2.55 -23.62
C TYR A 547 23.09 2.27 -23.17
N VAL A 548 22.51 1.18 -23.65
CA VAL A 548 21.14 0.82 -23.33
C VAL A 548 21.14 -0.28 -22.28
N PHE A 549 20.43 -0.04 -21.17
CA PHE A 549 20.39 -1.00 -20.07
C PHE A 549 19.46 -2.16 -20.40
N ASP A 550 18.17 -1.86 -20.57
CA ASP A 550 17.18 -2.84 -20.95
C ASP A 550 16.28 -2.20 -22.00
N GLU A 551 15.16 -2.87 -22.30
CA GLU A 551 14.23 -2.34 -23.28
C GLU A 551 13.63 -1.00 -22.85
N TYR A 552 13.72 -0.65 -21.56
CA TYR A 552 13.04 0.53 -21.06
C TYR A 552 13.98 1.70 -20.73
N THR A 553 15.25 1.45 -20.42
CA THR A 553 16.11 2.49 -19.89
C THR A 553 17.47 2.49 -20.58
N CYS A 554 18.11 3.66 -20.55
CA CYS A 554 19.52 3.78 -20.90
C CYS A 554 20.35 3.48 -19.66
N LYS A 555 21.66 3.73 -19.74
CA LYS A 555 22.56 3.63 -18.60
C LYS A 555 23.89 4.23 -18.99
N ALA A 556 24.44 5.07 -18.13
CA ALA A 556 25.71 5.74 -18.37
C ALA A 556 26.80 5.04 -17.57
N CYS A 557 27.85 4.59 -18.25
CA CYS A 557 28.94 3.90 -17.58
C CYS A 557 29.98 4.90 -17.08
N GLN A 558 30.90 4.40 -16.27
CA GLN A 558 31.85 5.24 -15.55
C GLN A 558 32.85 5.88 -16.51
N LEU A 559 33.56 6.88 -15.99
CA LEU A 559 34.59 7.57 -16.77
C LEU A 559 35.74 6.63 -17.07
N GLY A 560 36.37 6.84 -18.22
CA GLY A 560 37.39 5.94 -18.71
C GLY A 560 36.87 4.72 -19.44
N SER A 561 35.56 4.60 -19.60
CA SER A 561 34.94 3.50 -20.31
C SER A 561 34.21 4.04 -21.54
N TRP A 562 33.70 3.12 -22.35
CA TRP A 562 33.04 3.49 -23.59
C TRP A 562 32.08 2.40 -24.02
N PRO A 563 30.83 2.74 -24.37
CA PRO A 563 29.92 1.73 -24.91
C PRO A 563 30.46 1.16 -26.21
N THR A 564 30.27 -0.14 -26.40
CA THR A 564 30.78 -0.82 -27.58
C THR A 564 29.84 -0.60 -28.76
N ASP A 565 30.16 -1.24 -29.89
CA ASP A 565 29.35 -1.11 -31.08
C ASP A 565 27.99 -1.78 -30.93
N ASP A 566 27.91 -2.83 -30.11
CA ASP A 566 26.65 -3.52 -29.88
C ASP A 566 25.79 -2.85 -28.81
N LEU A 567 26.34 -1.87 -28.09
CA LEU A 567 25.60 -1.14 -27.05
C LEU A 567 25.08 -2.08 -25.97
N THR A 568 25.85 -3.12 -25.65
CA THR A 568 25.48 -4.06 -24.61
C THR A 568 26.37 -4.01 -23.38
N GLY A 569 27.62 -3.58 -23.51
CA GLY A 569 28.51 -3.50 -22.37
C GLY A 569 29.66 -2.53 -22.59
N CYS A 570 29.86 -1.62 -21.64
CA CYS A 570 30.93 -0.64 -21.75
C CYS A 570 32.28 -1.31 -21.50
N ASP A 571 33.23 -1.05 -22.39
CA ASP A 571 34.58 -1.59 -22.29
C ASP A 571 35.56 -0.47 -21.98
N LEU A 572 36.73 -0.86 -21.47
CA LEU A 572 37.72 0.10 -20.98
C LEU A 572 38.64 0.54 -22.11
N ILE A 573 38.85 1.84 -22.23
CA ILE A 573 39.79 2.38 -23.22
C ILE A 573 41.21 2.05 -22.78
N PRO A 574 42.06 1.54 -23.66
CA PRO A 574 43.46 1.30 -23.28
C PRO A 574 44.16 2.61 -22.94
N VAL A 575 45.05 2.54 -21.93
CA VAL A 575 45.80 3.71 -21.53
C VAL A 575 46.77 4.13 -22.63
N GLN A 576 46.83 5.42 -22.90
CA GLN A 576 47.67 5.97 -23.95
C GLN A 576 48.56 7.06 -23.38
N TYR A 577 49.84 7.01 -23.71
CA TYR A 577 50.82 7.97 -23.20
C TYR A 577 51.88 8.18 -24.27
N LEU A 578 53.02 8.72 -23.87
CA LEU A 578 54.10 9.07 -24.80
C LEU A 578 54.59 7.83 -25.54
N ARG A 579 55.37 8.07 -26.59
CA ARG A 579 55.92 7.00 -27.42
C ARG A 579 57.38 7.30 -27.73
N TRP A 580 58.21 6.26 -27.70
CA TRP A 580 59.62 6.41 -28.04
C TRP A 580 59.79 6.81 -29.50
N GLY A 581 58.98 6.22 -30.40
CA GLY A 581 59.13 6.47 -31.82
C GLY A 581 58.88 7.90 -32.25
N ASP A 582 58.26 8.70 -31.39
CA ASP A 582 58.03 10.09 -31.73
C ASP A 582 59.36 10.83 -31.89
N PRO A 583 59.46 11.78 -32.81
CA PRO A 583 60.73 12.49 -33.01
C PRO A 583 61.21 13.26 -31.79
N GLU A 584 60.30 13.77 -30.98
CA GLU A 584 60.70 14.61 -29.85
C GLU A 584 61.50 13.85 -28.80
N PRO A 585 61.07 12.69 -28.30
CA PRO A 585 61.90 11.98 -27.31
C PRO A 585 63.24 11.54 -27.84
N ILE A 586 63.32 11.08 -29.10
CA ILE A 586 64.60 10.64 -29.63
C ILE A 586 65.53 11.84 -29.84
N ALA A 587 64.97 12.99 -30.23
CA ALA A 587 65.77 14.20 -30.33
C ALA A 587 66.31 14.60 -28.96
N ALA A 588 65.48 14.51 -27.93
CA ALA A 588 65.95 14.79 -26.58
C ALA A 588 67.06 13.83 -26.18
N VAL A 589 66.92 12.55 -26.51
CA VAL A 589 67.92 11.56 -26.15
C VAL A 589 69.24 11.83 -26.85
N VAL A 590 69.20 12.17 -28.14
CA VAL A 590 70.45 12.42 -28.86
C VAL A 590 71.10 13.71 -28.35
N PHE A 591 70.30 14.71 -27.98
CA PHE A 591 70.84 15.91 -27.36
C PHE A 591 71.55 15.58 -26.06
N ALA A 592 70.93 14.74 -25.24
CA ALA A 592 71.55 14.32 -23.99
C ALA A 592 72.85 13.55 -24.25
N CYS A 593 72.85 12.68 -25.26
CA CYS A 593 74.06 11.93 -25.57
C CYS A 593 75.19 12.84 -26.01
N LEU A 594 74.88 13.85 -26.83
CA LEU A 594 75.90 14.82 -27.21
C LEU A 594 76.42 15.57 -26.00
N GLY A 595 75.53 15.95 -25.08
CA GLY A 595 75.95 16.61 -23.86
C GLY A 595 76.87 15.75 -23.01
N LEU A 596 76.53 14.46 -22.89
CA LEU A 596 77.41 13.54 -22.16
C LEU A 596 78.77 13.42 -22.83
N LEU A 597 78.80 13.38 -24.18
CA LEU A 597 80.08 13.33 -24.86
C LEU A 597 80.92 14.57 -24.55
N ALA A 598 80.29 15.75 -24.60
CA ALA A 598 81.02 16.98 -24.33
C ALA A 598 81.55 17.02 -22.90
N THR A 599 80.70 16.69 -21.93
CA THR A 599 81.15 16.74 -20.54
C THR A 599 82.18 15.67 -20.23
N LEU A 600 82.08 14.50 -20.89
CA LEU A 600 83.11 13.48 -20.72
C LEU A 600 84.45 13.97 -21.27
N PHE A 601 84.44 14.62 -22.42
CA PHE A 601 85.69 15.17 -22.96
C PHE A 601 86.28 16.22 -22.02
N VAL A 602 85.43 17.11 -21.49
CA VAL A 602 85.92 18.18 -20.61
C VAL A 602 86.51 17.59 -19.33
N THR A 603 85.80 16.65 -18.72
CA THR A 603 86.29 16.08 -17.48
C THR A 603 87.55 15.23 -17.71
N VAL A 604 87.65 14.57 -18.86
CA VAL A 604 88.86 13.83 -19.19
C VAL A 604 90.04 14.79 -19.31
N VAL A 605 89.83 15.93 -19.98
CA VAL A 605 90.89 16.91 -20.13
C VAL A 605 91.35 17.41 -18.76
N PHE A 606 90.40 17.79 -17.90
CA PHE A 606 90.76 18.30 -16.59
C PHE A 606 91.46 17.24 -15.74
N ILE A 607 91.00 15.99 -15.81
CA ILE A 607 91.66 14.92 -15.05
C ILE A 607 93.08 14.71 -15.54
N ILE A 608 93.29 14.69 -16.86
CA ILE A 608 94.61 14.43 -17.41
C ILE A 608 95.57 15.57 -17.08
N TYR A 609 95.08 16.81 -17.11
CA TYR A 609 95.92 17.99 -16.94
C TYR A 609 95.63 18.73 -15.65
N ARG A 610 95.46 17.98 -14.55
CA ARG A 610 95.16 18.60 -13.27
C ARG A 610 96.31 19.45 -12.74
N ASP A 611 97.53 19.24 -13.23
CA ASP A 611 98.70 19.98 -12.78
C ASP A 611 98.99 21.22 -13.61
N THR A 612 98.12 21.56 -14.55
CA THR A 612 98.35 22.71 -15.41
C THR A 612 98.24 24.01 -14.62
N PRO A 613 98.95 25.07 -15.05
CA PRO A 613 98.80 26.35 -14.35
C PRO A 613 97.39 26.90 -14.37
N VAL A 614 96.63 26.65 -15.44
CA VAL A 614 95.24 27.10 -15.50
C VAL A 614 94.41 26.44 -14.40
N VAL A 615 94.59 25.13 -14.23
CA VAL A 615 93.86 24.41 -13.18
C VAL A 615 94.27 24.93 -11.80
N LYS A 616 95.55 25.22 -11.61
CA LYS A 616 96.01 25.77 -10.35
C LYS A 616 95.40 27.13 -10.07
N SER A 617 95.23 27.94 -11.11
CA SER A 617 94.64 29.27 -10.94
C SER A 617 93.20 29.17 -10.45
N SER A 618 92.43 28.24 -10.99
CA SER A 618 91.05 28.05 -10.56
C SER A 618 90.99 27.06 -9.40
N SER A 619 89.79 26.79 -8.92
CA SER A 619 89.56 25.85 -7.82
C SER A 619 89.12 24.51 -8.40
N ARG A 620 89.89 23.47 -8.11
CA ARG A 620 89.62 22.16 -8.70
C ARG A 620 88.32 21.57 -8.17
N GLU A 621 88.13 21.60 -6.85
CA GLU A 621 86.96 20.97 -6.25
C GLU A 621 85.66 21.62 -6.74
N LEU A 622 85.65 22.95 -6.82
CA LEU A 622 84.44 23.64 -7.29
C LEU A 622 84.16 23.31 -8.75
N CYS A 623 85.20 23.20 -9.58
CA CYS A 623 85.00 22.81 -10.96
C CYS A 623 84.42 21.40 -11.06
N TYR A 624 84.92 20.47 -10.23
CA TYR A 624 84.38 19.12 -10.21
C TYR A 624 82.92 19.13 -9.78
N ILE A 625 82.57 19.98 -8.80
CA ILE A 625 81.19 20.08 -8.35
C ILE A 625 80.30 20.58 -9.48
N ILE A 626 80.76 21.61 -10.21
CA ILE A 626 79.97 22.13 -11.32
C ILE A 626 79.80 21.06 -12.41
N LEU A 627 80.86 20.30 -12.68
CA LEU A 627 80.76 19.23 -13.66
C LEU A 627 79.74 18.18 -13.24
N ALA A 628 79.75 17.79 -11.96
CA ALA A 628 78.78 16.82 -11.47
C ALA A 628 77.36 17.38 -11.58
N GLY A 629 77.17 18.66 -11.28
CA GLY A 629 75.86 19.26 -11.42
C GLY A 629 75.37 19.24 -12.86
N ILE A 630 76.25 19.55 -13.81
CA ILE A 630 75.86 19.54 -15.21
C ILE A 630 75.55 18.10 -15.68
N CYS A 631 76.31 17.13 -15.18
CA CYS A 631 76.02 15.74 -15.53
C CYS A 631 74.65 15.31 -15.01
N LEU A 632 74.34 15.64 -13.75
CA LEU A 632 73.02 15.31 -13.22
C LEU A 632 71.91 16.10 -13.90
N GLY A 633 72.21 17.27 -14.44
CA GLY A 633 71.24 17.96 -15.28
C GLY A 633 70.96 17.21 -16.57
N TYR A 634 72.02 16.72 -17.24
CA TYR A 634 71.83 15.95 -18.46
C TYR A 634 71.07 14.65 -18.21
N LEU A 635 71.37 13.95 -17.12
CA LEU A 635 70.78 12.62 -16.90
C LEU A 635 69.43 12.67 -16.21
N CYS A 636 68.67 13.73 -16.39
CA CYS A 636 67.26 13.73 -15.98
C CYS A 636 66.31 13.40 -17.11
N THR A 637 66.74 13.52 -18.37
CA THR A 637 65.83 13.26 -19.48
C THR A 637 65.51 11.77 -19.62
N PHE A 638 66.48 10.90 -19.32
CA PHE A 638 66.21 9.47 -19.38
C PHE A 638 65.19 9.07 -18.32
N CYS A 639 65.32 9.61 -17.12
CA CYS A 639 64.33 9.36 -16.07
C CYS A 639 62.97 9.94 -16.44
N LEU A 640 62.95 11.13 -17.04
CA LEU A 640 61.69 11.82 -17.29
C LEU A 640 60.91 11.20 -18.45
N ILE A 641 61.59 10.84 -19.53
CA ILE A 641 60.89 10.43 -20.75
C ILE A 641 60.34 9.01 -20.70
N ALA A 642 60.74 8.23 -19.70
CA ALA A 642 60.27 6.84 -19.63
C ALA A 642 58.81 6.80 -19.18
N LYS A 643 58.22 5.61 -19.32
CA LYS A 643 56.84 5.42 -18.89
C LYS A 643 56.74 5.55 -17.38
N PRO A 644 55.78 6.30 -16.85
CA PRO A 644 55.73 6.54 -15.40
C PRO A 644 55.57 5.26 -14.61
N LYS A 645 56.26 5.20 -13.48
CA LYS A 645 56.26 4.04 -12.59
C LYS A 645 56.36 4.54 -11.15
N GLN A 646 56.76 3.66 -10.24
CA GLN A 646 56.78 4.02 -8.82
C GLN A 646 57.89 5.01 -8.51
N ILE A 647 59.15 4.61 -8.74
CA ILE A 647 60.28 5.44 -8.31
C ILE A 647 60.77 6.37 -9.40
N TYR A 648 60.38 6.16 -10.65
CA TYR A 648 60.84 7.03 -11.72
C TYR A 648 60.36 8.46 -11.50
N CYS A 649 59.12 8.63 -11.05
CA CYS A 649 58.61 9.97 -10.82
C CYS A 649 59.32 10.62 -9.64
N TYR A 650 59.68 9.83 -8.63
CA TYR A 650 60.45 10.37 -7.51
C TYR A 650 61.82 10.86 -7.97
N LEU A 651 62.51 10.06 -8.79
CA LEU A 651 63.80 10.50 -9.31
C LEU A 651 63.66 11.74 -10.18
N GLN A 652 62.60 11.83 -10.99
CA GLN A 652 62.45 13.02 -11.82
C GLN A 652 62.12 14.26 -11.00
N ARG A 653 61.40 14.13 -9.86
CA ARG A 653 61.19 15.32 -9.05
C ARG A 653 62.38 15.64 -8.15
N ILE A 654 63.28 14.70 -7.96
CA ILE A 654 64.47 14.96 -7.16
C ILE A 654 65.58 15.61 -7.99
N GLY A 655 65.82 15.10 -9.20
CA GLY A 655 66.89 15.65 -10.02
C GLY A 655 66.64 17.09 -10.43
N ILE A 656 65.41 17.41 -10.80
CA ILE A 656 65.06 18.77 -11.22
C ILE A 656 65.24 19.79 -10.11
N GLY A 657 65.23 19.36 -8.85
CA GLY A 657 65.41 20.27 -7.74
C GLY A 657 66.83 20.25 -7.19
N LEU A 658 67.56 19.17 -7.49
CA LEU A 658 68.94 19.06 -7.02
C LEU A 658 69.93 19.71 -8.00
N SER A 659 69.77 19.44 -9.29
CA SER A 659 70.73 19.93 -10.28
C SER A 659 70.90 21.45 -10.29
N PRO A 660 69.86 22.28 -10.22
CA PRO A 660 70.07 23.73 -10.22
C PRO A 660 70.50 24.31 -8.88
N ALA A 661 70.96 23.51 -7.94
CA ALA A 661 71.38 24.02 -6.64
C ALA A 661 72.84 23.75 -6.31
N MET A 662 73.31 22.51 -6.54
CA MET A 662 74.64 22.14 -6.04
C MET A 662 75.75 22.79 -6.85
N SER A 663 75.54 23.00 -8.15
CA SER A 663 76.52 23.74 -8.93
C SER A 663 76.49 25.23 -8.62
N TYR A 664 75.30 25.80 -8.51
CA TYR A 664 75.19 27.23 -8.31
C TYR A 664 75.64 27.65 -6.92
N SER A 665 75.57 26.76 -5.93
CA SER A 665 76.10 27.10 -4.60
C SER A 665 77.61 27.30 -4.66
N ALA A 666 78.32 26.37 -5.29
CA ALA A 666 79.76 26.52 -5.44
C ALA A 666 80.10 27.76 -6.28
N LEU A 667 79.35 27.99 -7.35
CA LEU A 667 79.62 29.15 -8.19
C LEU A 667 79.43 30.45 -7.40
N VAL A 668 78.35 30.53 -6.62
CA VAL A 668 78.07 31.77 -5.89
C VAL A 668 79.09 31.97 -4.77
N THR A 669 79.54 30.90 -4.13
CA THR A 669 80.55 31.09 -3.09
C THR A 669 81.89 31.50 -3.68
N LYS A 670 82.25 30.96 -4.85
CA LYS A 670 83.47 31.39 -5.52
C LYS A 670 83.40 32.87 -5.89
N THR A 671 82.30 33.28 -6.50
CA THR A 671 82.17 34.68 -6.90
C THR A 671 82.10 35.60 -5.68
N ASN A 672 81.48 35.13 -4.59
CA ASN A 672 81.44 35.92 -3.37
C ASN A 672 82.84 36.12 -2.80
N ARG A 673 83.66 35.07 -2.79
CA ARG A 673 85.03 35.23 -2.31
C ARG A 673 85.82 36.19 -3.19
N ILE A 674 85.67 36.06 -4.51
CA ILE A 674 86.40 36.95 -5.42
C ILE A 674 85.97 38.40 -5.21
N ALA A 675 84.67 38.64 -5.04
CA ALA A 675 84.21 40.01 -4.79
C ALA A 675 84.63 40.50 -3.40
N ARG A 676 84.79 39.59 -2.44
CA ARG A 676 85.22 40.00 -1.11
C ARG A 676 86.69 40.40 -1.10
N ILE A 677 87.52 39.73 -1.89
CA ILE A 677 88.94 40.10 -1.95
C ILE A 677 89.09 41.53 -2.46
N LEU A 678 88.35 41.88 -3.51
CA LEU A 678 88.39 43.23 -4.05
C LEU A 678 87.45 44.14 -3.24
N PHE A 692 88.33 33.93 6.00
CA PHE A 692 87.79 32.67 5.51
C PHE A 692 88.18 32.44 4.05
N MET A 693 89.49 32.45 3.78
CA MET A 693 90.00 32.25 2.43
C MET A 693 90.37 30.81 2.14
N SER A 694 90.19 29.91 3.10
CA SER A 694 90.52 28.50 2.89
C SER A 694 89.46 27.83 2.01
N ALA A 695 89.92 26.91 1.16
CA ALA A 695 88.99 26.19 0.30
C ALA A 695 88.11 25.23 1.09
N CYS A 696 88.58 24.77 2.25
CA CYS A 696 87.78 23.86 3.08
C CYS A 696 86.51 24.55 3.55
N ALA A 697 86.60 25.82 3.95
CA ALA A 697 85.41 26.55 4.37
C ALA A 697 84.42 26.71 3.22
N GLN A 698 84.93 26.99 2.01
CA GLN A 698 84.06 27.11 0.84
C GLN A 698 83.36 25.78 0.55
N LEU A 699 84.09 24.67 0.62
CA LEU A 699 83.48 23.36 0.40
C LEU A 699 82.43 23.07 1.45
N VAL A 700 82.71 23.40 2.72
CA VAL A 700 81.75 23.19 3.79
C VAL A 700 80.49 24.01 3.56
N ILE A 701 80.65 25.26 3.13
CA ILE A 701 79.49 26.11 2.88
C ILE A 701 78.67 25.55 1.71
N ALA A 702 79.34 25.13 0.64
CA ALA A 702 78.62 24.55 -0.49
C ALA A 702 77.86 23.30 -0.07
N PHE A 703 78.49 22.44 0.73
CA PHE A 703 77.81 21.24 1.20
C PHE A 703 76.66 21.57 2.14
N ILE A 704 76.78 22.64 2.93
CA ILE A 704 75.68 23.04 3.81
C ILE A 704 74.49 23.51 2.99
N LEU A 705 74.73 24.31 1.95
CA LEU A 705 73.63 24.72 1.07
C LEU A 705 73.02 23.53 0.35
N ILE A 706 73.85 22.58 -0.08
CA ILE A 706 73.34 21.36 -0.70
C ILE A 706 72.44 20.59 0.27
N CYS A 707 72.88 20.48 1.53
CA CYS A 707 72.09 19.79 2.53
C CYS A 707 70.77 20.51 2.79
N ILE A 708 70.79 21.84 2.78
CA ILE A 708 69.55 22.59 2.96
C ILE A 708 68.59 22.32 1.80
N GLN A 709 69.11 22.30 0.57
CA GLN A 709 68.26 22.00 -0.58
C GLN A 709 67.67 20.60 -0.48
N LEU A 710 68.49 19.62 -0.09
CA LEU A 710 67.98 18.25 0.05
C LEU A 710 66.96 18.15 1.18
N GLY A 711 67.14 18.93 2.25
CA GLY A 711 66.14 18.97 3.30
C GLY A 711 64.82 19.53 2.82
N ILE A 712 64.87 20.59 2.00
CA ILE A 712 63.64 21.13 1.41
C ILE A 712 62.99 20.08 0.52
N ILE A 713 63.80 19.34 -0.25
CA ILE A 713 63.27 18.28 -1.12
C ILE A 713 62.57 17.22 -0.28
N VAL A 714 63.19 16.81 0.83
CA VAL A 714 62.60 15.79 1.69
C VAL A 714 61.31 16.30 2.32
N ALA A 715 61.27 17.57 2.71
CA ALA A 715 60.05 18.15 3.25
C ALA A 715 58.92 18.13 2.22
N LEU A 716 59.24 18.49 0.97
CA LEU A 716 58.23 18.44 -0.09
C LEU A 716 57.79 17.01 -0.35
N PHE A 717 58.71 16.05 -0.26
CA PHE A 717 58.34 14.64 -0.38
C PHE A 717 57.37 14.23 0.71
N ILE A 718 57.64 14.67 1.95
CA ILE A 718 56.77 14.30 3.07
C ILE A 718 55.40 14.95 2.92
N MET A 719 55.35 16.16 2.37
CA MET A 719 54.07 16.85 2.19
C MET A 719 53.16 16.09 1.23
N GLU A 720 53.73 15.57 0.13
CA GLU A 720 52.96 14.81 -0.85
C GLU A 720 53.71 13.55 -1.25
N PRO A 721 53.30 12.38 -0.74
CA PRO A 721 53.99 11.14 -1.10
C PRO A 721 53.87 10.87 -2.58
N PRO A 722 54.88 10.24 -3.18
CA PRO A 722 54.80 9.91 -4.61
C PRO A 722 53.72 8.88 -4.91
N ASP A 723 53.16 8.98 -6.10
CA ASP A 723 52.12 8.05 -6.53
C ASP A 723 52.00 8.10 -8.05
N ILE A 724 51.32 7.10 -8.60
CA ILE A 724 50.98 7.06 -10.02
C ILE A 724 49.54 7.50 -10.17
N MET A 725 49.26 8.28 -11.22
CA MET A 725 47.97 8.91 -11.39
C MET A 725 47.45 8.70 -12.80
N HIS A 726 46.13 8.60 -12.94
CA HIS A 726 45.47 8.54 -14.23
C HIS A 726 44.85 9.90 -14.54
N ASP A 727 45.14 10.42 -15.73
CA ASP A 727 44.63 11.71 -16.15
C ASP A 727 43.37 11.52 -16.98
N TYR A 728 42.43 12.45 -16.83
CA TYR A 728 41.16 12.44 -17.56
C TYR A 728 40.95 13.81 -18.20
N PRO A 729 41.70 14.12 -19.26
CA PRO A 729 41.49 15.43 -19.92
C PRO A 729 40.20 15.48 -20.72
N SER A 730 39.86 14.40 -21.42
CA SER A 730 38.64 14.35 -22.21
C SER A 730 38.02 12.97 -22.05
N ILE A 731 36.74 12.87 -22.42
CA ILE A 731 36.02 11.61 -22.26
C ILE A 731 36.63 10.52 -23.14
N ARG A 732 37.06 10.89 -24.35
CA ARG A 732 37.50 9.88 -25.31
C ARG A 732 38.85 9.28 -24.94
N GLU A 733 39.74 10.06 -24.36
CA GLU A 733 41.12 9.65 -24.16
C GLU A 733 41.51 9.70 -22.70
N VAL A 734 42.43 8.81 -22.30
CA VAL A 734 42.94 8.74 -20.94
C VAL A 734 44.46 8.66 -21.01
N TYR A 735 45.13 9.49 -20.23
CA TYR A 735 46.59 9.55 -20.20
C TYR A 735 47.12 8.80 -18.99
N LEU A 736 48.44 8.90 -18.77
CA LEU A 736 49.10 8.28 -17.63
C LEU A 736 50.26 9.18 -17.23
N ILE A 737 50.05 10.02 -16.22
CA ILE A 737 51.06 10.93 -15.72
C ILE A 737 51.16 10.77 -14.21
N CYS A 738 52.38 10.76 -13.69
CA CYS A 738 52.57 10.49 -12.27
C CYS A 738 52.08 11.67 -11.43
N ASN A 739 52.07 11.45 -10.11
CA ASN A 739 51.66 12.49 -9.18
C ASN A 739 52.61 13.67 -9.26
N THR A 740 52.09 14.82 -9.68
CA THR A 740 52.90 16.03 -9.82
C THR A 740 52.00 17.23 -9.57
N THR A 741 52.07 17.79 -8.36
CA THR A 741 51.28 18.94 -8.00
C THR A 741 52.01 20.23 -8.37
N ASN A 742 51.36 21.36 -8.10
CA ASN A 742 51.99 22.65 -8.41
C ASN A 742 53.08 23.00 -7.40
N LEU A 743 52.86 22.68 -6.12
CA LEU A 743 53.80 23.08 -5.09
C LEU A 743 55.15 22.42 -5.26
N GLY A 744 55.16 21.11 -5.53
CA GLY A 744 56.39 20.36 -5.66
C GLY A 744 57.28 20.81 -6.81
N VAL A 745 56.73 21.60 -7.72
CA VAL A 745 57.50 22.19 -8.81
C VAL A 745 57.84 23.65 -8.52
N VAL A 746 56.87 24.42 -8.01
CA VAL A 746 57.11 25.85 -7.82
C VAL A 746 58.10 26.12 -6.70
N THR A 747 58.06 25.32 -5.62
CA THR A 747 58.92 25.59 -4.48
C THR A 747 60.40 25.49 -4.80
N PRO A 748 60.90 24.44 -5.47
CA PRO A 748 62.34 24.43 -5.81
C PRO A 748 62.74 25.59 -6.70
N LEU A 749 61.87 26.01 -7.62
CA LEU A 749 62.19 27.15 -8.47
C LEU A 749 62.34 28.42 -7.63
N GLY A 750 61.44 28.63 -6.67
CA GLY A 750 61.56 29.78 -5.80
C GLY A 750 62.82 29.74 -4.95
N TYR A 751 63.18 28.54 -4.47
CA TYR A 751 64.38 28.42 -3.66
C TYR A 751 65.64 28.69 -4.47
N ASN A 752 65.69 28.20 -5.71
CA ASN A 752 66.87 28.34 -6.55
C ASN A 752 66.92 29.66 -7.32
N GLY A 753 65.86 30.46 -7.27
CA GLY A 753 65.95 31.80 -7.85
C GLY A 753 66.93 32.68 -7.10
N LEU A 754 67.01 32.53 -5.78
CA LEU A 754 67.88 33.39 -4.98
C LEU A 754 69.35 33.20 -5.36
N LEU A 755 69.78 31.96 -5.56
CA LEU A 755 71.17 31.71 -5.86
C LEU A 755 71.57 32.31 -7.20
N ILE A 756 70.74 32.16 -8.22
CA ILE A 756 71.08 32.73 -9.53
C ILE A 756 71.01 34.25 -9.48
N LEU A 757 70.07 34.81 -8.70
CA LEU A 757 70.04 36.26 -8.55
C LEU A 757 71.32 36.78 -7.90
N SER A 758 71.79 36.11 -6.85
CA SER A 758 73.05 36.52 -6.21
C SER A 758 74.21 36.38 -7.18
N CYS A 759 74.25 35.28 -7.94
CA CYS A 759 75.32 35.06 -8.90
C CYS A 759 75.36 36.19 -9.94
N THR A 760 74.21 36.54 -10.50
CA THR A 760 74.21 37.57 -11.54
C THR A 760 74.51 38.95 -10.95
N PHE A 761 74.06 39.23 -9.71
CA PHE A 761 74.38 40.51 -9.10
C PHE A 761 75.89 40.64 -8.87
N TYR A 762 76.51 39.60 -8.32
CA TYR A 762 77.95 39.66 -8.08
C TYR A 762 78.75 39.67 -9.37
N ALA A 763 78.27 38.96 -10.40
CA ALA A 763 78.94 38.99 -11.69
C ALA A 763 78.89 40.37 -12.31
N PHE A 764 77.74 41.05 -12.20
CA PHE A 764 77.65 42.42 -12.68
C PHE A 764 78.52 43.36 -11.85
N LYS A 765 78.69 43.05 -10.56
CA LYS A 765 79.50 43.91 -9.71
C LYS A 765 80.99 43.81 -10.03
N THR A 766 81.46 42.64 -10.46
CA THR A 766 82.89 42.37 -10.63
C THR A 766 83.14 41.84 -12.05
N ARG A 767 82.62 42.56 -13.04
CA ARG A 767 82.73 42.14 -14.43
C ARG A 767 83.92 42.72 -15.17
N ASN A 768 84.80 43.45 -14.48
CA ASN A 768 85.91 44.15 -15.12
C ASN A 768 87.22 43.89 -14.39
N VAL A 769 87.50 42.62 -14.09
CA VAL A 769 88.75 42.21 -13.45
C VAL A 769 89.48 41.27 -14.39
N PRO A 770 90.73 41.56 -14.75
CA PRO A 770 91.44 40.73 -15.74
C PRO A 770 92.06 39.48 -15.14
N ALA A 771 91.59 39.07 -13.96
CA ALA A 771 92.18 37.92 -13.29
C ALA A 771 91.89 36.63 -14.05
N ASN A 772 92.91 35.75 -14.09
CA ASN A 772 92.81 34.40 -14.65
C ASN A 772 92.30 34.44 -16.10
N PHE A 773 93.07 35.13 -16.94
CA PHE A 773 92.79 35.22 -18.37
C PHE A 773 91.37 35.75 -18.62
N ASN A 774 91.00 36.78 -17.86
CA ASN A 774 89.67 37.40 -17.97
C ASN A 774 88.56 36.40 -17.65
N GLU A 775 88.73 35.68 -16.54
CA GLU A 775 87.70 34.72 -16.13
C GLU A 775 86.41 35.41 -15.74
N ALA A 776 86.51 36.62 -15.18
CA ALA A 776 85.33 37.33 -14.71
C ALA A 776 84.39 37.67 -15.87
N LYS A 777 84.94 37.99 -17.04
CA LYS A 777 84.10 38.32 -18.19
C LYS A 777 83.23 37.13 -18.59
N TYR A 778 83.82 35.94 -18.66
CA TYR A 778 83.05 34.75 -19.00
C TYR A 778 82.05 34.39 -17.90
N ILE A 779 82.45 34.55 -16.64
CA ILE A 779 81.53 34.24 -15.54
C ILE A 779 80.34 35.19 -15.57
N ALA A 780 80.57 36.45 -15.94
CA ALA A 780 79.46 37.40 -16.04
C ALA A 780 78.60 37.14 -17.26
N PHE A 781 79.22 36.69 -18.36
CA PHE A 781 78.45 36.41 -19.57
C PHE A 781 77.63 35.14 -19.46
N THR A 782 78.06 34.18 -18.63
CA THR A 782 77.32 32.93 -18.49
C THR A 782 75.93 33.15 -17.89
N MET A 783 75.92 33.89 -16.77
CA MET A 783 74.67 34.09 -16.00
C MET A 783 73.53 34.55 -16.91
N TYR A 784 73.83 35.33 -17.95
CA TYR A 784 72.73 35.87 -18.77
C TYR A 784 71.84 34.72 -19.26
N THR A 785 72.45 33.73 -19.92
CA THR A 785 71.68 32.58 -20.45
C THR A 785 70.94 31.87 -19.31
N THR A 786 71.60 31.54 -18.20
CA THR A 786 70.89 30.79 -17.14
C THR A 786 69.62 31.57 -16.79
N CYS A 787 69.77 32.87 -16.54
CA CYS A 787 68.59 33.68 -16.13
C CYS A 787 67.50 33.65 -17.21
N ILE A 788 67.86 33.92 -18.46
CA ILE A 788 66.84 33.98 -19.54
C ILE A 788 66.13 32.62 -19.66
N ILE A 789 66.84 31.51 -19.50
CA ILE A 789 66.21 30.17 -19.67
C ILE A 789 65.26 29.96 -18.50
N TRP A 790 65.70 30.25 -17.28
CA TRP A 790 64.73 30.14 -16.17
C TRP A 790 63.47 30.93 -16.55
N LEU A 791 63.64 32.14 -17.07
CA LEU A 791 62.44 32.99 -17.34
C LEU A 791 61.55 32.32 -18.38
N ALA A 792 62.12 31.96 -19.53
CA ALA A 792 61.32 31.36 -20.64
C ALA A 792 60.66 30.06 -20.19
N PHE A 793 61.22 29.39 -19.18
CA PHE A 793 60.69 28.05 -18.79
C PHE A 793 59.31 28.13 -18.13
N VAL A 794 58.91 29.31 -17.65
CA VAL A 794 57.63 29.39 -16.90
C VAL A 794 56.42 29.44 -17.85
N PRO A 795 56.24 30.48 -18.70
CA PRO A 795 55.03 30.62 -19.51
C PRO A 795 54.60 29.35 -20.24
N ILE A 796 55.49 28.81 -21.08
CA ILE A 796 55.11 27.68 -21.91
C ILE A 796 55.00 26.39 -21.09
N TYR A 797 55.71 26.33 -19.95
CA TYR A 797 55.50 25.19 -19.06
C TYR A 797 54.10 25.21 -18.46
N PHE A 798 53.62 26.39 -18.07
CA PHE A 798 52.29 26.54 -17.49
C PHE A 798 51.27 27.05 -18.50
N GLY A 799 51.40 26.67 -19.76
CA GLY A 799 50.50 27.18 -20.78
C GLY A 799 50.12 26.20 -21.87
N SER A 800 50.46 24.92 -21.70
CA SER A 800 50.14 23.92 -22.71
C SER A 800 50.15 22.54 -22.05
N ASN A 801 49.96 21.50 -22.86
CA ASN A 801 49.98 20.11 -22.40
C ASN A 801 51.26 19.40 -22.84
N TYR A 802 52.29 20.15 -23.21
CA TYR A 802 53.58 19.60 -23.64
C TYR A 802 54.63 19.73 -22.55
N LYS A 803 54.24 19.48 -21.29
CA LYS A 803 55.11 19.76 -20.16
C LYS A 803 56.40 18.96 -20.23
N ILE A 804 56.32 17.68 -20.59
CA ILE A 804 57.48 16.80 -20.52
C ILE A 804 58.57 17.27 -21.48
N ILE A 805 58.19 17.55 -22.74
CA ILE A 805 59.20 17.91 -23.73
C ILE A 805 59.86 19.24 -23.38
N THR A 806 59.08 20.24 -22.95
CA THR A 806 59.67 21.54 -22.67
C THR A 806 60.54 21.48 -21.42
N MET A 807 60.11 20.75 -20.39
CA MET A 807 60.94 20.68 -19.19
C MET A 807 62.12 19.73 -19.37
N CYS A 808 62.10 18.88 -20.39
CA CYS A 808 63.27 18.11 -20.76
C CYS A 808 64.28 18.95 -21.56
N PHE A 809 63.78 19.82 -22.44
CA PHE A 809 64.68 20.65 -23.22
C PHE A 809 65.27 21.81 -22.41
N SER A 810 64.51 22.36 -21.46
CA SER A 810 64.99 23.54 -20.73
C SER A 810 66.24 23.22 -19.91
N VAL A 811 66.19 22.16 -19.11
CA VAL A 811 67.32 21.83 -18.25
C VAL A 811 68.54 21.50 -19.09
N SER A 812 68.36 20.72 -20.16
CA SER A 812 69.48 20.36 -21.02
C SER A 812 70.09 21.58 -21.67
N LEU A 813 69.26 22.51 -22.17
CA LEU A 813 69.79 23.70 -22.81
C LEU A 813 70.54 24.57 -21.82
N SER A 814 70.00 24.76 -20.61
CA SER A 814 70.66 25.58 -19.62
C SER A 814 72.01 24.98 -19.22
N ALA A 815 72.05 23.67 -18.99
CA ALA A 815 73.31 23.02 -18.63
C ALA A 815 74.30 23.09 -19.78
N THR A 816 73.84 22.92 -21.02
CA THR A 816 74.74 22.99 -22.16
C THR A 816 75.37 24.37 -22.30
N VAL A 817 74.56 25.42 -22.16
CA VAL A 817 75.12 26.77 -22.29
C VAL A 817 76.05 27.08 -21.13
N ALA A 818 75.72 26.61 -19.92
CA ALA A 818 76.60 26.83 -18.77
C ALA A 818 77.94 26.14 -18.96
N LEU A 819 77.92 24.91 -19.49
CA LEU A 819 79.18 24.19 -19.70
C LEU A 819 79.97 24.72 -20.89
N GLY A 820 79.29 25.28 -21.89
CA GLY A 820 79.97 25.79 -23.05
C GLY A 820 80.47 27.21 -22.96
N CYS A 821 79.95 28.00 -22.01
CA CYS A 821 80.38 29.38 -21.84
C CYS A 821 81.26 29.56 -20.61
N MET A 822 81.73 28.47 -20.00
CA MET A 822 82.58 28.59 -18.83
C MET A 822 83.88 27.81 -18.94
N PHE A 823 83.85 26.62 -19.55
CA PHE A 823 85.03 25.78 -19.63
C PHE A 823 85.61 25.64 -21.03
N VAL A 824 84.82 25.95 -22.07
CA VAL A 824 85.32 25.82 -23.44
C VAL A 824 86.53 26.70 -23.70
N PRO A 825 86.54 27.99 -23.33
CA PRO A 825 87.77 28.78 -23.53
C PRO A 825 88.97 28.21 -22.79
N LYS A 826 88.77 27.61 -21.61
CA LYS A 826 89.89 27.06 -20.87
C LYS A 826 90.54 25.91 -21.62
N VAL A 827 89.73 24.96 -22.12
CA VAL A 827 90.29 23.84 -22.85
C VAL A 827 90.87 24.30 -24.18
N TYR A 828 90.25 25.30 -24.82
CA TYR A 828 90.79 25.83 -26.06
C TYR A 828 92.16 26.45 -25.83
N ILE A 829 92.34 27.17 -24.72
CA ILE A 829 93.62 27.80 -24.44
C ILE A 829 94.67 26.76 -24.07
N ILE A 830 94.31 25.79 -23.23
CA ILE A 830 95.29 24.79 -22.81
C ILE A 830 95.68 23.89 -23.98
N LEU A 831 94.78 23.70 -24.95
CA LEU A 831 95.12 22.87 -26.11
C LEU A 831 96.23 23.51 -26.93
N ALA A 832 96.17 24.82 -27.13
CA ALA A 832 97.19 25.53 -27.89
C ALA A 832 97.26 26.99 -27.49
N ARG B 31 -54.17 -32.76 5.89
CA ARG B 31 -54.09 -31.93 7.08
C ARG B 31 -55.42 -31.21 7.34
N VAL B 32 -55.44 -30.40 8.39
CA VAL B 32 -56.62 -29.66 8.80
C VAL B 32 -56.27 -28.17 8.84
N VAL B 33 -57.19 -27.35 8.36
CA VAL B 33 -57.01 -25.90 8.33
C VAL B 33 -58.22 -25.24 9.00
N ALA B 34 -57.95 -24.22 9.81
CA ALA B 34 -59.00 -23.49 10.51
C ALA B 34 -59.41 -22.27 9.69
N HIS B 35 -60.67 -22.25 9.26
CA HIS B 35 -61.20 -21.17 8.43
C HIS B 35 -61.92 -20.13 9.28
N MET B 36 -62.01 -18.92 8.75
CA MET B 36 -62.91 -17.91 9.29
C MET B 36 -63.29 -16.97 8.16
N PRO B 37 -64.58 -16.84 7.85
CA PRO B 37 -64.99 -16.18 6.61
C PRO B 37 -64.77 -14.68 6.66
N GLY B 38 -65.00 -14.05 5.52
CA GLY B 38 -64.83 -12.62 5.38
C GLY B 38 -64.61 -12.24 3.93
N ASP B 39 -64.14 -11.01 3.73
CA ASP B 39 -63.83 -10.48 2.41
C ASP B 39 -62.35 -10.53 2.09
N ILE B 40 -61.49 -10.25 3.06
CA ILE B 40 -60.05 -10.30 2.89
C ILE B 40 -59.52 -11.45 3.74
N ILE B 41 -58.73 -12.33 3.12
CA ILE B 41 -58.25 -13.55 3.76
C ILE B 41 -56.78 -13.39 4.15
N ILE B 42 -56.44 -13.86 5.34
CA ILE B 42 -55.08 -13.83 5.86
C ILE B 42 -54.67 -15.25 6.24
N GLY B 43 -53.42 -15.58 5.95
CA GLY B 43 -52.87 -16.90 6.24
C GLY B 43 -51.95 -16.85 7.45
N ALA B 44 -51.94 -17.94 8.22
CA ALA B 44 -51.08 -18.03 9.39
C ALA B 44 -50.53 -19.45 9.51
N LEU B 45 -49.27 -19.55 9.94
CA LEU B 45 -48.59 -20.83 10.13
C LEU B 45 -48.18 -20.92 11.60
N PHE B 46 -48.83 -21.81 12.35
CA PHE B 46 -48.57 -21.98 13.77
C PHE B 46 -48.18 -23.43 14.06
N SER B 47 -47.17 -23.60 14.92
CA SER B 47 -46.66 -24.93 15.25
C SER B 47 -47.49 -25.50 16.40
N VAL B 48 -48.53 -26.25 16.05
CA VAL B 48 -49.41 -26.84 17.06
C VAL B 48 -48.88 -28.15 17.59
N HIS B 49 -48.11 -28.89 16.81
CA HIS B 49 -47.57 -30.19 17.21
C HIS B 49 -46.05 -30.11 17.31
N HIS B 50 -45.44 -31.22 17.73
CA HIS B 50 -44.00 -31.32 17.78
C HIS B 50 -43.47 -31.78 16.42
N GLN B 51 -42.22 -31.41 16.15
CA GLN B 51 -41.63 -31.74 14.86
C GLN B 51 -41.46 -33.25 14.72
N PRO B 52 -41.66 -33.80 13.53
CA PRO B 52 -41.52 -35.25 13.34
C PRO B 52 -40.09 -35.71 13.62
N THR B 53 -39.97 -36.92 14.15
CA THR B 53 -38.67 -37.50 14.43
C THR B 53 -37.92 -37.77 13.12
N VAL B 54 -36.64 -38.14 13.26
CA VAL B 54 -35.79 -38.36 12.09
C VAL B 54 -36.31 -39.54 11.27
N ASP B 55 -37.01 -40.49 11.91
CA ASP B 55 -37.49 -41.66 11.20
C ASP B 55 -38.66 -41.32 10.27
N LYS B 56 -39.49 -40.35 10.67
CA LYS B 56 -40.70 -40.00 9.92
C LYS B 56 -40.58 -38.66 9.20
N VAL B 57 -39.36 -38.26 8.83
CA VAL B 57 -39.19 -36.99 8.13
C VAL B 57 -39.83 -37.06 6.74
N HIS B 58 -39.74 -38.21 6.08
CA HIS B 58 -40.30 -38.37 4.75
C HIS B 58 -41.78 -38.73 4.76
N GLU B 59 -42.36 -39.00 5.93
CA GLU B 59 -43.77 -39.34 6.05
C GLU B 59 -44.50 -38.45 7.05
N ARG B 60 -43.84 -37.39 7.53
CA ARG B 60 -44.45 -36.40 8.40
C ARG B 60 -44.87 -37.01 9.74
N LYS B 61 -46.17 -37.07 10.01
CA LYS B 61 -46.71 -37.62 11.25
C LYS B 61 -46.15 -36.89 12.47
N CYS B 62 -46.59 -35.63 12.59
CA CYS B 62 -46.17 -34.75 13.67
C CYS B 62 -46.42 -35.36 15.04
N GLY B 63 -45.69 -34.90 16.04
CA GLY B 63 -45.73 -35.51 17.36
C GLY B 63 -46.80 -34.99 18.31
N ALA B 64 -46.39 -34.63 19.52
CA ALA B 64 -47.33 -34.24 20.56
C ALA B 64 -47.75 -32.78 20.41
N VAL B 65 -48.95 -32.48 20.90
CA VAL B 65 -49.50 -31.14 20.80
C VAL B 65 -48.77 -30.19 21.75
N ARG B 66 -48.63 -28.94 21.33
CA ARG B 66 -48.01 -27.90 22.14
C ARG B 66 -49.06 -27.13 22.91
N GLU B 67 -48.64 -26.59 24.06
CA GLU B 67 -49.51 -25.82 24.94
C GLU B 67 -49.36 -24.32 24.72
N GLN B 68 -48.15 -23.79 24.88
CA GLN B 68 -47.95 -22.35 24.77
C GLN B 68 -48.01 -21.88 23.32
N TYR B 69 -47.36 -22.63 22.42
CA TYR B 69 -47.26 -22.21 21.02
C TYR B 69 -48.40 -22.73 20.15
N GLY B 70 -49.22 -23.65 20.65
CA GLY B 70 -50.18 -24.30 19.80
C GLY B 70 -51.56 -23.69 19.75
N ILE B 71 -52.21 -23.58 20.90
CA ILE B 71 -53.62 -23.18 20.95
C ILE B 71 -53.78 -21.72 21.33
N GLN B 72 -52.89 -21.20 22.18
CA GLN B 72 -53.01 -19.82 22.64
C GLN B 72 -52.89 -18.84 21.47
N ARG B 73 -51.94 -19.08 20.56
CA ARG B 73 -51.76 -18.17 19.44
C ARG B 73 -52.96 -18.21 18.49
N VAL B 74 -53.49 -19.40 18.21
CA VAL B 74 -54.65 -19.51 17.33
C VAL B 74 -55.84 -18.78 17.94
N GLU B 75 -56.09 -19.01 19.23
CA GLU B 75 -57.21 -18.34 19.89
C GLU B 75 -57.01 -16.83 19.93
N ALA B 76 -55.78 -16.38 20.15
CA ALA B 76 -55.49 -14.95 20.16
C ALA B 76 -55.76 -14.32 18.80
N MET B 77 -55.35 -14.99 17.72
CA MET B 77 -55.60 -14.45 16.39
C MET B 77 -57.09 -14.39 16.09
N LEU B 78 -57.83 -15.45 16.44
CA LEU B 78 -59.26 -15.46 16.20
C LEU B 78 -59.96 -14.34 16.96
N HIS B 79 -59.64 -14.19 18.25
CA HIS B 79 -60.28 -13.15 19.04
C HIS B 79 -59.87 -11.75 18.58
N THR B 80 -58.62 -11.58 18.16
CA THR B 80 -58.18 -10.29 17.65
C THR B 80 -58.94 -9.90 16.39
N LEU B 81 -59.14 -10.87 15.47
CA LEU B 81 -59.93 -10.56 14.29
C LEU B 81 -61.37 -10.25 14.63
N GLU B 82 -61.95 -10.97 15.59
CA GLU B 82 -63.31 -10.65 16.02
C GLU B 82 -63.39 -9.23 16.58
N ARG B 83 -62.43 -8.86 17.43
CA ARG B 83 -62.42 -7.51 18.01
C ARG B 83 -62.25 -6.45 16.95
N ILE B 84 -61.35 -6.67 15.99
CA ILE B 84 -61.11 -5.67 14.96
C ILE B 84 -62.31 -5.56 14.02
N ASN B 85 -63.07 -6.64 13.85
CA ASN B 85 -64.30 -6.56 13.09
C ASN B 85 -65.37 -5.79 13.85
N SER B 86 -65.42 -5.95 15.17
CA SER B 86 -66.38 -5.21 15.98
C SER B 86 -66.05 -3.72 16.07
N ASP B 87 -64.84 -3.32 15.71
CA ASP B 87 -64.45 -1.92 15.78
C ASP B 87 -65.03 -1.16 14.60
N PRO B 88 -65.80 -0.10 14.82
CA PRO B 88 -66.36 0.67 13.70
C PRO B 88 -65.43 1.73 13.15
N THR B 89 -64.29 1.98 13.79
CA THR B 89 -63.35 3.00 13.31
C THR B 89 -62.37 2.44 12.29
N LEU B 90 -62.00 1.17 12.40
CA LEU B 90 -61.02 0.56 11.53
C LEU B 90 -61.70 -0.30 10.48
N LEU B 91 -61.39 -0.04 9.21
CA LEU B 91 -61.90 -0.79 8.07
C LEU B 91 -63.42 -0.88 8.11
N PRO B 92 -64.13 0.21 7.82
CA PRO B 92 -65.60 0.18 7.89
C PRO B 92 -66.21 -0.64 6.77
N ASN B 93 -67.22 -1.42 7.11
CA ASN B 93 -68.03 -2.20 6.17
C ASN B 93 -67.22 -3.25 5.41
N ILE B 94 -66.02 -3.56 5.88
CA ILE B 94 -65.18 -4.60 5.29
C ILE B 94 -64.92 -5.67 6.34
N THR B 95 -65.23 -6.91 6.01
CA THR B 95 -65.08 -8.04 6.93
C THR B 95 -63.84 -8.83 6.56
N LEU B 96 -62.96 -9.05 7.54
CA LEU B 96 -61.72 -9.77 7.34
C LEU B 96 -61.87 -11.22 7.78
N GLY B 97 -61.15 -12.12 7.10
CA GLY B 97 -61.18 -13.52 7.43
C GLY B 97 -59.79 -14.07 7.71
N CYS B 98 -59.67 -15.38 7.90
CA CYS B 98 -58.36 -15.96 8.17
C CYS B 98 -58.35 -17.44 7.82
N GLU B 99 -57.13 -17.96 7.66
CA GLU B 99 -56.89 -19.38 7.44
C GLU B 99 -55.63 -19.75 8.21
N ILE B 100 -55.78 -20.63 9.20
CA ILE B 100 -54.69 -21.03 10.08
C ILE B 100 -54.30 -22.46 9.77
N ARG B 101 -52.99 -22.68 9.58
CA ARG B 101 -52.45 -23.99 9.21
C ARG B 101 -51.29 -24.33 10.13
N ASP B 102 -51.03 -25.63 10.27
CA ASP B 102 -49.94 -26.12 11.09
C ASP B 102 -48.61 -25.92 10.38
N SER B 103 -47.54 -25.88 11.17
CA SER B 103 -46.19 -25.77 10.62
C SER B 103 -45.28 -26.85 11.22
N CYS B 104 -45.59 -27.28 12.44
CA CYS B 104 -44.91 -28.37 13.13
C CYS B 104 -43.41 -28.11 13.32
N TRP B 105 -42.98 -26.84 13.30
CA TRP B 105 -41.59 -26.47 13.51
C TRP B 105 -40.65 -27.20 12.56
N HIS B 106 -41.13 -27.56 11.38
CA HIS B 106 -40.35 -28.31 10.40
C HIS B 106 -40.45 -27.63 9.04
N SER B 107 -39.36 -27.69 8.26
CA SER B 107 -39.33 -27.02 6.98
C SER B 107 -40.33 -27.62 5.99
N ALA B 108 -40.42 -28.95 5.95
CA ALA B 108 -41.21 -29.61 4.92
C ALA B 108 -42.70 -29.30 5.05
N VAL B 109 -43.23 -29.35 6.28
CA VAL B 109 -44.66 -29.13 6.47
C VAL B 109 -45.04 -27.70 6.11
N ALA B 110 -44.26 -26.72 6.59
CA ALA B 110 -44.54 -25.32 6.26
C ALA B 110 -44.39 -25.08 4.77
N LEU B 111 -43.41 -25.73 4.14
CA LEU B 111 -43.16 -25.53 2.72
C LEU B 111 -44.20 -26.24 1.85
N GLU B 112 -44.97 -27.17 2.41
CA GLU B 112 -46.13 -27.72 1.72
C GLU B 112 -47.36 -26.86 1.90
N GLN B 113 -47.59 -26.38 3.13
CA GLN B 113 -48.74 -25.50 3.37
C GLN B 113 -48.60 -24.19 2.59
N SER B 114 -47.38 -23.71 2.39
CA SER B 114 -47.17 -22.53 1.55
C SER B 114 -47.57 -22.81 0.11
N ILE B 115 -47.27 -24.01 -0.39
CA ILE B 115 -47.73 -24.41 -1.72
C ILE B 115 -49.25 -24.41 -1.78
N GLU B 116 -49.89 -24.93 -0.74
CA GLU B 116 -51.35 -24.91 -0.69
C GLU B 116 -51.90 -23.50 -0.68
N PHE B 117 -51.20 -22.57 -0.03
CA PHE B 117 -51.62 -21.16 -0.05
C PHE B 117 -51.50 -20.58 -1.46
N ILE B 118 -50.35 -20.78 -2.10
CA ILE B 118 -50.11 -20.13 -3.38
C ILE B 118 -50.90 -20.78 -4.51
N ARG B 119 -51.44 -21.99 -4.30
CA ARG B 119 -52.43 -22.49 -5.27
C ARG B 119 -53.69 -21.63 -5.24
N ASP B 120 -54.26 -21.44 -4.05
CA ASP B 120 -55.48 -20.65 -3.90
C ASP B 120 -55.25 -19.19 -4.29
N SER B 121 -54.02 -18.70 -4.15
CA SER B 121 -53.73 -17.36 -4.65
C SER B 121 -53.95 -17.29 -6.16
N LEU B 122 -53.54 -18.33 -6.88
CA LEU B 122 -53.75 -18.40 -8.33
C LEU B 122 -55.20 -18.75 -8.64
N LYS B 145 -62.84 -19.43 -3.86
CA LYS B 145 -61.74 -19.33 -2.91
C LYS B 145 -60.95 -18.04 -3.12
N LYS B 146 -61.05 -17.12 -2.16
CA LYS B 146 -60.35 -15.86 -2.26
C LYS B 146 -58.85 -16.08 -2.10
N PRO B 147 -58.02 -15.25 -2.73
CA PRO B 147 -56.58 -15.42 -2.63
C PRO B 147 -56.03 -14.89 -1.30
N ILE B 148 -54.92 -15.50 -0.86
CA ILE B 148 -54.23 -15.04 0.33
C ILE B 148 -53.48 -13.76 0.02
N VAL B 149 -53.49 -12.82 0.95
CA VAL B 149 -52.81 -11.54 0.77
C VAL B 149 -51.53 -11.43 1.59
N GLY B 150 -51.48 -12.00 2.78
CA GLY B 150 -50.27 -11.96 3.59
C GLY B 150 -50.23 -13.13 4.54
N VAL B 151 -49.02 -13.40 5.06
CA VAL B 151 -48.78 -14.54 5.93
C VAL B 151 -48.06 -14.04 7.18
N ILE B 152 -48.54 -14.48 8.35
CA ILE B 152 -47.93 -14.16 9.64
C ILE B 152 -47.24 -15.42 10.15
N GLY B 153 -45.94 -15.34 10.36
CA GLY B 153 -45.16 -16.48 10.79
C GLY B 153 -44.07 -16.81 9.81
N PRO B 154 -43.35 -17.93 10.04
CA PRO B 154 -43.54 -18.83 11.17
C PRO B 154 -42.69 -18.47 12.37
N GLY B 155 -42.77 -19.29 13.43
CA GLY B 155 -42.03 -18.98 14.64
C GLY B 155 -40.53 -19.12 14.49
N SER B 156 -40.08 -20.16 13.77
CA SER B 156 -38.66 -20.47 13.70
C SER B 156 -37.91 -19.42 12.90
N SER B 157 -36.61 -19.33 13.15
CA SER B 157 -35.74 -18.37 12.48
C SER B 157 -35.00 -18.98 11.30
N SER B 158 -35.21 -20.26 11.00
CA SER B 158 -34.61 -20.90 9.83
C SER B 158 -35.65 -21.45 8.87
N VAL B 159 -36.84 -21.79 9.34
CA VAL B 159 -37.95 -22.09 8.44
C VAL B 159 -38.36 -20.84 7.67
N ALA B 160 -38.28 -19.68 8.33
CA ALA B 160 -38.73 -18.43 7.71
C ALA B 160 -37.96 -18.11 6.43
N ILE B 161 -36.66 -18.42 6.38
CA ILE B 161 -35.89 -18.17 5.17
C ILE B 161 -36.40 -19.01 4.01
N GLN B 162 -36.64 -20.30 4.24
CA GLN B 162 -37.14 -21.19 3.21
C GLN B 162 -38.55 -20.84 2.78
N VAL B 163 -39.38 -20.34 3.69
CA VAL B 163 -40.72 -19.89 3.30
C VAL B 163 -40.66 -18.57 2.53
N GLN B 164 -39.73 -17.67 2.87
CA GLN B 164 -39.58 -16.42 2.16
C GLN B 164 -39.09 -16.65 0.73
N ASN B 165 -38.14 -17.57 0.55
CA ASN B 165 -37.59 -17.86 -0.77
C ASN B 165 -38.66 -18.39 -1.71
N LEU B 166 -39.75 -18.91 -1.14
CA LEU B 166 -40.89 -19.36 -1.93
C LEU B 166 -41.97 -18.32 -2.08
N LEU B 167 -42.25 -17.52 -1.06
CA LEU B 167 -43.30 -16.53 -1.10
C LEU B 167 -42.93 -15.28 -1.88
N GLN B 168 -41.64 -14.97 -2.02
CA GLN B 168 -41.28 -13.76 -2.75
C GLN B 168 -41.31 -13.94 -4.26
N LEU B 169 -41.38 -15.18 -4.74
CA LEU B 169 -41.53 -15.40 -6.18
C LEU B 169 -42.91 -15.01 -6.69
N PHE B 170 -43.93 -15.02 -5.82
CA PHE B 170 -45.30 -14.74 -6.22
C PHE B 170 -45.82 -13.45 -5.59
N ASN B 171 -44.93 -12.61 -5.06
CA ASN B 171 -45.27 -11.28 -4.54
C ASN B 171 -46.30 -11.36 -3.40
N ILE B 172 -45.86 -11.98 -2.31
CA ILE B 172 -46.66 -12.08 -1.09
C ILE B 172 -45.85 -11.53 0.08
N PRO B 173 -46.28 -10.45 0.73
CA PRO B 173 -45.56 -9.95 1.90
C PRO B 173 -45.67 -10.89 3.09
N GLN B 174 -44.65 -10.85 3.95
CA GLN B 174 -44.58 -11.73 5.10
C GLN B 174 -44.10 -10.95 6.32
N ILE B 175 -44.73 -11.24 7.46
CA ILE B 175 -44.40 -10.62 8.74
C ILE B 175 -44.14 -11.72 9.76
N ALA B 176 -43.02 -11.61 10.46
CA ALA B 176 -42.62 -12.60 11.46
C ALA B 176 -42.51 -11.94 12.83
N TYR B 177 -42.82 -12.72 13.87
CA TYR B 177 -42.89 -12.21 15.23
C TYR B 177 -41.89 -12.83 16.20
N SER B 178 -41.11 -13.84 15.78
CA SER B 178 -40.12 -14.42 16.68
C SER B 178 -38.84 -14.82 15.96
N ALA B 179 -38.59 -14.30 14.75
CA ALA B 179 -37.37 -14.61 14.01
C ALA B 179 -36.43 -13.41 14.11
N THR B 180 -35.23 -13.64 14.64
CA THR B 180 -34.30 -12.57 14.96
C THR B 180 -32.92 -12.83 14.38
N SER B 181 -32.87 -13.38 13.17
CA SER B 181 -31.58 -13.57 12.51
C SER B 181 -31.06 -12.25 11.98
N MET B 182 -29.75 -12.20 11.73
CA MET B 182 -29.12 -11.04 11.10
C MET B 182 -29.01 -11.18 9.59
N ASP B 183 -29.35 -12.35 9.05
CA ASP B 183 -29.35 -12.55 7.60
C ASP B 183 -30.62 -12.03 6.95
N LEU B 184 -31.67 -11.80 7.72
CA LEU B 184 -32.96 -11.36 7.20
C LEU B 184 -33.05 -9.86 7.03
N SER B 185 -31.98 -9.12 7.34
CA SER B 185 -31.96 -7.67 7.18
C SER B 185 -31.44 -7.22 5.83
N ASP B 186 -31.16 -8.16 4.93
CA ASP B 186 -30.67 -7.84 3.59
C ASP B 186 -31.87 -7.82 2.64
N LYS B 187 -32.28 -6.63 2.22
CA LYS B 187 -33.47 -6.47 1.40
C LYS B 187 -33.23 -6.77 -0.08
N THR B 188 -31.98 -7.02 -0.47
CA THR B 188 -31.71 -7.48 -1.83
C THR B 188 -32.23 -8.91 -2.03
N LEU B 189 -32.08 -9.76 -1.03
CA LEU B 189 -32.47 -11.16 -1.12
C LEU B 189 -33.82 -11.45 -0.50
N PHE B 190 -34.24 -10.64 0.47
CA PHE B 190 -35.42 -10.90 1.30
C PHE B 190 -36.37 -9.72 1.25
N LYS B 191 -36.72 -9.29 0.03
CA LYS B 191 -37.43 -8.02 -0.15
C LYS B 191 -38.82 -8.00 0.46
N TYR B 192 -39.42 -9.15 0.74
CA TYR B 192 -40.80 -9.19 1.22
C TYR B 192 -40.92 -9.56 2.69
N PHE B 193 -39.88 -9.34 3.49
CA PHE B 193 -39.84 -9.77 4.88
C PHE B 193 -39.90 -8.55 5.80
N MET B 194 -40.75 -8.63 6.83
CA MET B 194 -40.80 -7.62 7.88
C MET B 194 -41.00 -8.31 9.22
N ARG B 195 -40.51 -7.66 10.28
CA ARG B 195 -40.61 -8.23 11.62
C ARG B 195 -40.80 -7.12 12.64
N VAL B 196 -41.50 -7.45 13.72
CA VAL B 196 -41.78 -6.50 14.79
C VAL B 196 -40.88 -6.74 16.00
N VAL B 197 -39.80 -7.51 15.84
CA VAL B 197 -38.91 -7.84 16.94
C VAL B 197 -37.51 -7.33 16.63
N PRO B 198 -36.73 -6.94 17.63
CA PRO B 198 -35.37 -6.47 17.37
C PRO B 198 -34.49 -7.60 16.85
N SER B 199 -33.48 -7.20 16.08
CA SER B 199 -32.53 -8.16 15.54
C SER B 199 -31.61 -8.67 16.65
N ASP B 200 -30.65 -9.51 16.27
CA ASP B 200 -29.64 -10.00 17.19
C ASP B 200 -28.48 -9.02 17.36
N ALA B 201 -28.50 -7.90 16.63
CA ALA B 201 -27.48 -6.87 16.76
C ALA B 201 -27.90 -5.75 17.71
N GLN B 202 -29.01 -5.93 18.41
CA GLN B 202 -29.42 -4.98 19.45
C GLN B 202 -28.99 -5.40 20.84
N GLN B 203 -28.80 -6.70 21.09
CA GLN B 203 -28.21 -7.13 22.34
C GLN B 203 -26.72 -6.78 22.39
N ALA B 204 -26.03 -6.90 21.27
CA ALA B 204 -24.63 -6.55 21.20
C ALA B 204 -24.40 -5.05 21.38
N ARG B 205 -25.45 -4.24 21.27
CA ARG B 205 -25.36 -2.81 21.53
C ARG B 205 -25.61 -2.49 23.01
N ALA B 206 -26.60 -3.15 23.61
CA ALA B 206 -26.85 -2.98 25.04
C ALA B 206 -25.67 -3.49 25.87
N MET B 207 -25.07 -4.60 25.46
CA MET B 207 -23.90 -5.11 26.16
C MET B 207 -22.76 -4.12 26.12
N VAL B 208 -22.50 -3.54 24.95
CA VAL B 208 -21.42 -2.56 24.82
C VAL B 208 -21.72 -1.32 25.65
N ASP B 209 -22.98 -0.89 25.68
CA ASP B 209 -23.34 0.26 26.52
C ASP B 209 -23.10 -0.03 27.99
N ILE B 210 -23.48 -1.23 28.45
CA ILE B 210 -23.31 -1.58 29.86
C ILE B 210 -21.83 -1.64 30.22
N VAL B 211 -21.01 -2.25 29.35
CA VAL B 211 -19.58 -2.32 29.61
C VAL B 211 -18.97 -0.93 29.62
N LYS B 212 -19.37 -0.09 28.67
CA LYS B 212 -18.82 1.27 28.57
C LYS B 212 -19.19 2.11 29.79
N ARG B 213 -20.38 1.90 30.34
CA ARG B 213 -20.82 2.70 31.49
C ARG B 213 -19.91 2.48 32.71
N TYR B 214 -19.50 1.24 32.95
CA TYR B 214 -18.83 0.88 34.20
C TYR B 214 -17.32 0.94 34.11
N ASN B 215 -16.76 1.43 33.00
CA ASN B 215 -15.32 1.57 32.82
C ASN B 215 -14.60 0.21 32.93
N TRP B 216 -14.96 -0.68 32.02
CA TRP B 216 -14.26 -1.94 31.84
C TRP B 216 -13.60 -1.93 30.47
N THR B 217 -12.33 -2.36 30.41
CA THR B 217 -11.57 -2.18 29.18
C THR B 217 -10.74 -3.42 28.82
N TYR B 218 -10.92 -4.54 29.54
CA TYR B 218 -10.17 -5.74 29.23
C TYR B 218 -11.00 -6.94 29.68
N VAL B 219 -11.65 -7.61 28.71
CA VAL B 219 -12.64 -8.64 29.00
C VAL B 219 -12.36 -9.88 28.15
N SER B 220 -12.97 -10.98 28.54
CA SER B 220 -12.87 -12.25 27.83
C SER B 220 -14.01 -12.36 26.82
N ALA B 221 -14.22 -13.56 26.28
CA ALA B 221 -15.28 -13.78 25.30
C ALA B 221 -15.57 -15.28 25.19
N VAL B 222 -16.85 -15.64 25.27
CA VAL B 222 -17.30 -17.01 25.10
C VAL B 222 -18.56 -17.01 24.26
N HIS B 223 -18.69 -17.96 23.35
CA HIS B 223 -19.90 -18.08 22.55
C HIS B 223 -20.06 -19.51 22.06
N THR B 224 -21.31 -19.93 21.93
CA THR B 224 -21.65 -21.26 21.42
C THR B 224 -21.48 -21.26 19.89
N GLU B 225 -21.45 -22.45 19.29
CA GLU B 225 -21.33 -22.59 17.85
C GLU B 225 -22.69 -22.65 17.20
N GLY B 226 -22.86 -21.88 16.14
CA GLY B 226 -24.13 -21.75 15.46
C GLY B 226 -24.21 -20.37 14.83
N ASN B 227 -25.35 -20.12 14.18
CA ASN B 227 -25.55 -18.80 13.59
C ASN B 227 -25.77 -17.75 14.67
N TYR B 228 -26.56 -18.10 15.70
CA TYR B 228 -26.89 -17.16 16.77
C TYR B 228 -25.64 -16.63 17.47
N GLY B 229 -24.89 -17.53 18.10
CA GLY B 229 -23.73 -17.10 18.87
C GLY B 229 -22.67 -16.44 18.01
N GLU B 230 -22.39 -17.01 16.84
CA GLU B 230 -21.34 -16.47 15.98
C GLU B 230 -21.69 -15.07 15.49
N SER B 231 -22.91 -14.88 14.98
CA SER B 231 -23.29 -13.56 14.49
C SER B 231 -23.33 -12.53 15.63
N GLY B 232 -23.88 -12.94 16.78
CA GLY B 232 -23.90 -12.01 17.91
C GLY B 232 -22.53 -11.60 18.36
N MET B 233 -21.59 -12.56 18.43
CA MET B 233 -20.25 -12.22 18.88
C MET B 233 -19.51 -11.37 17.84
N GLU B 234 -19.77 -11.62 16.56
CA GLU B 234 -19.17 -10.78 15.52
C GLU B 234 -19.64 -9.34 15.67
N ALA B 235 -20.95 -9.15 15.86
CA ALA B 235 -21.47 -7.80 16.06
C ALA B 235 -20.91 -7.16 17.32
N PHE B 236 -20.80 -7.94 18.41
CA PHE B 236 -20.26 -7.42 19.65
C PHE B 236 -18.82 -6.95 19.47
N LYS B 237 -17.99 -7.77 18.82
CA LYS B 237 -16.60 -7.38 18.60
C LYS B 237 -16.52 -6.14 17.73
N ASP B 238 -17.31 -6.08 16.65
CA ASP B 238 -17.25 -4.93 15.76
C ASP B 238 -17.66 -3.64 16.47
N MET B 239 -18.70 -3.71 17.31
CA MET B 239 -19.13 -2.50 18.01
C MET B 239 -18.16 -2.12 19.12
N SER B 240 -17.57 -3.10 19.80
CA SER B 240 -16.69 -2.79 20.92
C SER B 240 -15.33 -2.29 20.47
N ALA B 241 -14.87 -2.71 19.28
CA ALA B 241 -13.57 -2.25 18.81
C ALA B 241 -13.53 -0.76 18.56
N LYS B 242 -14.68 -0.11 18.35
CA LYS B 242 -14.74 1.31 18.07
C LYS B 242 -14.75 2.18 19.32
N GLU B 243 -14.90 1.59 20.50
CA GLU B 243 -14.98 2.34 21.74
C GLU B 243 -13.77 2.14 22.64
N GLY B 244 -12.65 1.71 22.07
CA GLY B 244 -11.45 1.49 22.86
C GLY B 244 -11.60 0.39 23.90
N ILE B 245 -12.24 -0.72 23.53
CA ILE B 245 -12.40 -1.87 24.39
C ILE B 245 -11.74 -3.06 23.71
N CYS B 246 -10.87 -3.76 24.44
CA CYS B 246 -10.10 -4.86 23.89
C CYS B 246 -10.47 -6.17 24.56
N ILE B 247 -10.36 -7.24 23.80
CA ILE B 247 -10.73 -8.58 24.25
C ILE B 247 -9.46 -9.36 24.53
N ALA B 248 -9.42 -10.05 25.68
CA ALA B 248 -8.27 -10.87 26.01
C ALA B 248 -8.07 -11.97 24.98
N HIS B 249 -9.06 -12.87 24.87
CA HIS B 249 -9.00 -13.94 23.88
C HIS B 249 -10.40 -14.50 23.69
N SER B 250 -10.84 -14.60 22.44
CA SER B 250 -12.17 -15.11 22.15
C SER B 250 -12.15 -16.64 22.09
N TYR B 251 -13.19 -17.25 22.62
CA TYR B 251 -13.26 -18.71 22.74
C TYR B 251 -14.46 -19.23 21.94
N LYS B 252 -14.72 -20.53 22.07
CA LYS B 252 -15.74 -21.21 21.29
C LYS B 252 -15.97 -22.59 21.88
N ILE B 253 -17.23 -23.02 21.93
CA ILE B 253 -17.58 -24.31 22.53
C ILE B 253 -18.98 -24.73 22.13
N TYR B 254 -19.24 -26.03 22.14
CA TYR B 254 -20.60 -26.53 21.97
C TYR B 254 -21.42 -26.31 23.23
N SER B 255 -22.68 -26.75 23.18
CA SER B 255 -23.56 -26.71 24.33
C SER B 255 -23.79 -28.08 24.95
N ASN B 256 -23.16 -29.13 24.41
CA ASN B 256 -23.32 -30.48 24.95
C ASN B 256 -22.00 -31.25 24.99
N ALA B 257 -20.87 -30.54 25.03
CA ALA B 257 -19.57 -31.21 25.06
C ALA B 257 -19.34 -31.87 26.41
N GLY B 258 -18.18 -32.52 26.54
CA GLY B 258 -17.88 -33.28 27.74
C GLY B 258 -17.34 -32.43 28.88
N GLU B 259 -17.25 -33.05 30.06
CA GLU B 259 -16.73 -32.38 31.24
C GLU B 259 -15.28 -31.96 31.06
N GLN B 260 -14.49 -32.76 30.32
CA GLN B 260 -13.09 -32.40 30.08
C GLN B 260 -12.99 -31.09 29.31
N SER B 261 -13.88 -30.88 28.33
CA SER B 261 -13.86 -29.64 27.57
C SER B 261 -14.16 -28.44 28.47
N PHE B 262 -15.15 -28.57 29.35
CA PHE B 262 -15.48 -27.47 30.26
C PHE B 262 -14.34 -27.19 31.23
N ASP B 263 -13.69 -28.25 31.73
CA ASP B 263 -12.55 -28.06 32.62
C ASP B 263 -11.41 -27.36 31.90
N LYS B 264 -11.14 -27.73 30.65
CA LYS B 264 -10.12 -27.05 29.87
C LYS B 264 -10.50 -25.60 29.62
N LEU B 265 -11.79 -25.33 29.43
CA LEU B 265 -12.26 -23.96 29.26
C LEU B 265 -11.99 -23.13 30.51
N LEU B 266 -12.27 -23.70 31.68
CA LEU B 266 -11.98 -22.99 32.93
C LEU B 266 -10.48 -22.76 33.08
N LYS B 267 -9.66 -23.77 32.76
CA LYS B 267 -8.22 -23.62 32.91
C LYS B 267 -7.66 -22.58 31.95
N LYS B 268 -8.25 -22.46 30.76
CA LYS B 268 -7.79 -21.45 29.81
C LYS B 268 -8.28 -20.05 30.17
N LEU B 269 -9.45 -19.94 30.82
CA LEU B 269 -9.92 -18.63 31.26
C LEU B 269 -9.30 -18.20 32.58
N THR B 270 -8.72 -19.13 33.35
CA THR B 270 -8.08 -18.79 34.60
C THR B 270 -6.70 -18.17 34.40
N SER B 271 -6.11 -18.33 33.22
CA SER B 271 -4.76 -17.86 32.94
C SER B 271 -4.70 -16.39 32.56
N HIS B 272 -5.68 -15.59 33.00
CA HIS B 272 -5.67 -14.16 32.73
C HIS B 272 -5.91 -13.30 33.96
N LEU B 273 -6.28 -13.88 35.10
CA LEU B 273 -6.52 -13.10 36.30
C LEU B 273 -5.20 -12.51 36.81
N PRO B 274 -5.26 -11.33 37.46
CA PRO B 274 -6.47 -10.53 37.65
C PRO B 274 -6.59 -9.38 36.66
N LYS B 275 -6.31 -9.66 35.39
CA LYS B 275 -6.41 -8.65 34.34
C LYS B 275 -7.75 -8.66 33.62
N ALA B 276 -8.43 -9.80 33.57
CA ALA B 276 -9.73 -9.91 32.91
C ALA B 276 -10.68 -10.60 33.87
N ARG B 277 -11.42 -9.82 34.66
CA ARG B 277 -12.32 -10.34 35.67
C ARG B 277 -13.78 -10.32 35.20
N VAL B 278 -14.04 -9.98 33.95
CA VAL B 278 -15.39 -9.91 33.40
C VAL B 278 -15.44 -10.77 32.14
N VAL B 279 -16.43 -11.66 32.07
CA VAL B 279 -16.60 -12.58 30.96
C VAL B 279 -17.83 -12.14 30.17
N ALA B 280 -17.67 -11.95 28.86
CA ALA B 280 -18.76 -11.53 28.00
C ALA B 280 -19.32 -12.75 27.29
N CYS B 281 -20.35 -13.37 27.87
CA CYS B 281 -20.95 -14.59 27.35
C CYS B 281 -22.10 -14.24 26.42
N PHE B 282 -22.05 -14.77 25.19
CA PHE B 282 -23.16 -14.70 24.25
C PHE B 282 -23.62 -16.10 23.89
N CYS B 283 -23.76 -16.95 24.90
CA CYS B 283 -24.06 -18.36 24.72
C CYS B 283 -25.50 -18.67 25.10
N GLU B 284 -25.91 -19.90 24.81
CA GLU B 284 -27.29 -20.32 25.05
C GLU B 284 -27.48 -20.63 26.53
N GLY B 285 -28.64 -21.19 26.88
CA GLY B 285 -29.02 -21.41 28.25
C GLY B 285 -28.41 -22.62 28.93
N MET B 286 -27.66 -23.45 28.21
CA MET B 286 -27.02 -24.60 28.81
C MET B 286 -25.51 -24.48 28.92
N THR B 287 -24.88 -23.64 28.10
CA THR B 287 -23.46 -23.39 28.27
C THR B 287 -23.18 -22.71 29.62
N VAL B 288 -24.09 -21.83 30.05
CA VAL B 288 -23.95 -21.20 31.37
C VAL B 288 -24.06 -22.24 32.47
N ARG B 289 -25.02 -23.17 32.35
CA ARG B 289 -25.15 -24.23 33.36
C ARG B 289 -23.90 -25.10 33.39
N GLY B 290 -23.36 -25.42 32.22
CA GLY B 290 -22.12 -26.19 32.18
C GLY B 290 -20.96 -25.45 32.84
N LEU B 291 -20.87 -24.14 32.60
CA LEU B 291 -19.83 -23.35 33.23
C LEU B 291 -19.98 -23.33 34.75
N LEU B 292 -21.22 -23.21 35.24
CA LEU B 292 -21.44 -23.23 36.68
C LEU B 292 -21.09 -24.59 37.28
N MET B 293 -21.49 -25.68 36.61
CA MET B 293 -21.16 -27.01 37.11
C MET B 293 -19.66 -27.23 37.15
N ALA B 294 -18.95 -26.77 36.11
CA ALA B 294 -17.50 -26.89 36.10
C ALA B 294 -16.86 -26.03 37.17
N MET B 295 -17.39 -24.84 37.42
CA MET B 295 -16.87 -23.97 38.47
C MET B 295 -17.05 -24.61 39.84
N ARG B 296 -18.12 -25.38 40.02
CA ARG B 296 -18.40 -25.96 41.33
C ARG B 296 -17.27 -26.89 41.79
N ARG B 297 -16.77 -27.73 40.89
CA ARG B 297 -15.80 -28.75 41.30
C ARG B 297 -14.41 -28.18 41.54
N LEU B 298 -14.01 -27.16 40.78
CA LEU B 298 -12.68 -26.58 40.94
C LEU B 298 -12.59 -25.58 42.08
N GLY B 299 -13.69 -25.26 42.74
CA GLY B 299 -13.68 -24.32 43.85
C GLY B 299 -13.29 -22.91 43.45
N LEU B 300 -13.71 -22.47 42.28
CA LEU B 300 -13.42 -21.13 41.78
C LEU B 300 -14.58 -20.17 42.04
N ALA B 301 -15.59 -20.61 42.78
CA ALA B 301 -16.82 -19.84 42.96
C ALA B 301 -16.55 -18.52 43.67
N GLY B 302 -17.47 -17.58 43.48
CA GLY B 302 -17.39 -16.27 44.10
C GLY B 302 -16.24 -15.42 43.62
N GLU B 303 -15.87 -15.53 42.35
CA GLU B 303 -14.77 -14.75 41.82
C GLU B 303 -15.12 -14.00 40.54
N PHE B 304 -15.91 -14.60 39.65
CA PHE B 304 -16.13 -14.05 38.33
C PHE B 304 -17.38 -13.16 38.32
N LEU B 305 -17.61 -12.51 37.17
CA LEU B 305 -18.79 -11.67 36.95
C LEU B 305 -19.28 -11.97 35.52
N LEU B 306 -20.21 -12.91 35.40
CA LEU B 306 -20.68 -13.35 34.09
C LEU B 306 -21.68 -12.35 33.54
N LEU B 307 -21.42 -11.85 32.33
CA LEU B 307 -22.30 -10.93 31.62
C LEU B 307 -22.86 -11.67 30.42
N GLY B 308 -24.17 -11.88 30.40
CA GLY B 308 -24.78 -12.74 29.42
C GLY B 308 -25.98 -12.10 28.75
N SER B 309 -26.34 -12.66 27.58
CA SER B 309 -27.48 -12.22 26.79
C SER B 309 -28.76 -12.82 27.34
N ASP B 310 -29.85 -12.75 26.57
CA ASP B 310 -31.15 -13.25 27.01
C ASP B 310 -31.34 -14.72 26.70
N GLY B 311 -30.27 -15.47 26.48
CA GLY B 311 -30.36 -16.92 26.48
C GLY B 311 -30.48 -17.40 27.90
N TRP B 312 -29.77 -16.73 28.80
CA TRP B 312 -29.89 -16.90 30.25
C TRP B 312 -30.38 -15.56 30.78
N ALA B 313 -31.69 -15.37 30.84
CA ALA B 313 -32.26 -14.09 31.26
C ALA B 313 -33.01 -14.21 32.57
N ASP B 314 -34.02 -15.08 32.65
CA ASP B 314 -34.78 -15.26 33.87
C ASP B 314 -35.11 -16.73 34.12
N ARG B 315 -34.48 -17.65 33.39
CA ARG B 315 -34.79 -19.07 33.52
C ARG B 315 -34.19 -19.61 34.82
N TYR B 316 -35.07 -20.10 35.70
CA TYR B 316 -34.59 -20.68 36.95
C TYR B 316 -33.87 -22.00 36.73
N ASP B 317 -34.11 -22.69 35.62
CA ASP B 317 -33.52 -24.00 35.37
C ASP B 317 -32.08 -23.92 34.88
N VAL B 318 -31.42 -22.78 35.04
CA VAL B 318 -30.01 -22.65 34.74
C VAL B 318 -29.15 -22.53 36.00
N THR B 319 -29.71 -22.03 37.10
CA THR B 319 -28.95 -21.83 38.33
C THR B 319 -29.50 -22.64 39.50
N ASP B 320 -30.36 -23.62 39.26
CA ASP B 320 -30.85 -24.45 40.35
C ASP B 320 -29.74 -25.38 40.84
N GLY B 321 -29.50 -25.38 42.15
CA GLY B 321 -28.47 -26.18 42.74
C GLY B 321 -27.07 -25.60 42.66
N TYR B 322 -26.92 -24.43 42.02
CA TYR B 322 -25.61 -23.81 41.85
C TYR B 322 -25.68 -22.31 42.09
N GLN B 323 -26.52 -21.87 43.03
CA GLN B 323 -26.74 -20.45 43.26
C GLN B 323 -25.53 -19.74 43.87
N ARG B 324 -24.57 -20.49 44.41
CA ARG B 324 -23.46 -19.86 45.12
C ARG B 324 -22.46 -19.22 44.15
N GLU B 325 -22.26 -19.83 42.97
CA GLU B 325 -21.26 -19.34 42.04
C GLU B 325 -21.85 -18.42 40.97
N ALA B 326 -23.17 -18.23 40.94
CA ALA B 326 -23.79 -17.34 39.97
C ALA B 326 -24.16 -15.99 40.55
N VAL B 327 -23.81 -15.72 41.80
CA VAL B 327 -24.18 -14.46 42.43
C VAL B 327 -23.39 -13.32 41.79
N GLY B 328 -24.10 -12.25 41.43
CA GLY B 328 -23.50 -11.08 40.83
C GLY B 328 -23.70 -10.96 39.33
N GLY B 329 -24.15 -12.02 38.67
CA GLY B 329 -24.28 -11.95 37.22
C GLY B 329 -25.29 -10.92 36.79
N ILE B 330 -25.04 -10.34 35.61
CA ILE B 330 -25.90 -9.33 35.01
C ILE B 330 -26.41 -9.88 33.68
N THR B 331 -27.73 -9.95 33.53
CA THR B 331 -28.36 -10.47 32.32
C THR B 331 -29.38 -9.45 31.82
N ILE B 332 -29.66 -9.51 30.52
CA ILE B 332 -30.64 -8.64 29.88
C ILE B 332 -31.80 -9.51 29.41
N LYS B 333 -33.02 -8.99 29.57
CA LYS B 333 -34.23 -9.68 29.20
C LYS B 333 -34.93 -8.92 28.07
N LEU B 334 -36.10 -9.40 27.68
CA LEU B 334 -36.92 -8.76 26.65
C LEU B 334 -38.21 -8.27 27.29
N GLN B 335 -38.48 -6.97 27.17
CA GLN B 335 -39.64 -6.38 27.80
C GLN B 335 -40.91 -6.86 27.13
N SER B 336 -41.85 -7.36 27.92
CA SER B 336 -43.13 -7.85 27.40
C SER B 336 -44.19 -7.89 28.48
N PRO B 337 -44.92 -6.80 28.71
CA PRO B 337 -46.02 -6.84 29.69
C PRO B 337 -47.16 -7.71 29.22
N ASP B 338 -47.91 -8.22 30.18
CA ASP B 338 -49.01 -9.14 29.90
C ASP B 338 -50.17 -8.42 29.23
N VAL B 339 -51.01 -9.20 28.54
CA VAL B 339 -52.19 -8.69 27.85
C VAL B 339 -53.41 -9.07 28.69
N LYS B 340 -54.15 -8.06 29.14
CA LYS B 340 -55.20 -8.29 30.12
C LYS B 340 -56.43 -8.95 29.49
N TRP B 341 -56.83 -8.50 28.31
CA TRP B 341 -58.13 -8.92 27.77
C TRP B 341 -58.11 -10.32 27.17
N PHE B 342 -56.95 -10.95 27.04
CA PHE B 342 -56.91 -12.32 26.54
C PHE B 342 -57.34 -13.33 27.59
N ASP B 343 -57.03 -13.07 28.86
CA ASP B 343 -57.38 -14.02 29.92
C ASP B 343 -58.88 -14.12 30.11
N ASP B 344 -59.59 -12.99 30.03
CA ASP B 344 -61.04 -13.02 30.23
C ASP B 344 -61.75 -13.80 29.14
N TYR B 345 -61.10 -14.06 28.01
CA TYR B 345 -61.67 -14.85 26.92
C TYR B 345 -61.18 -16.29 26.89
N TYR B 346 -59.90 -16.52 27.18
CA TYR B 346 -59.34 -17.86 27.07
C TYR B 346 -59.89 -18.79 28.13
N LEU B 347 -60.15 -18.26 29.33
CA LEU B 347 -60.56 -19.11 30.44
C LEU B 347 -62.00 -19.58 30.31
N LYS B 348 -62.87 -18.79 29.66
CA LYS B 348 -64.28 -19.13 29.56
C LYS B 348 -64.55 -20.27 28.57
N LEU B 349 -63.55 -20.69 27.80
CA LEU B 349 -63.77 -21.72 26.79
C LEU B 349 -64.08 -23.07 27.43
N ARG B 350 -65.01 -23.80 26.81
CA ARG B 350 -65.39 -25.13 27.24
C ARG B 350 -65.30 -26.08 26.05
N PRO B 351 -64.95 -27.35 26.28
CA PRO B 351 -64.85 -28.31 25.16
C PRO B 351 -66.19 -28.52 24.46
N GLU B 352 -67.31 -28.43 25.17
CA GLU B 352 -68.60 -28.71 24.56
C GLU B 352 -69.10 -27.58 23.68
N THR B 353 -68.56 -26.36 23.83
CA THR B 353 -69.05 -25.19 23.10
C THR B 353 -67.97 -24.56 22.22
N ASN B 354 -66.94 -25.33 21.85
CA ASN B 354 -65.88 -24.84 20.98
C ASN B 354 -65.87 -25.71 19.72
N HIS B 355 -66.33 -25.14 18.60
CA HIS B 355 -66.45 -25.87 17.35
C HIS B 355 -65.55 -25.36 16.24
N ARG B 356 -65.04 -24.13 16.33
CA ARG B 356 -64.20 -23.57 15.28
C ARG B 356 -62.73 -23.91 15.45
N ASN B 357 -62.37 -24.66 16.49
CA ASN B 357 -60.99 -25.09 16.73
C ASN B 357 -60.92 -26.61 16.68
N PRO B 358 -60.58 -27.20 15.54
CA PRO B 358 -60.55 -28.67 15.46
C PRO B 358 -59.53 -29.32 16.38
N TRP B 359 -58.52 -28.58 16.85
CA TRP B 359 -57.50 -29.13 17.72
C TRP B 359 -57.90 -29.12 19.19
N PHE B 360 -59.11 -28.64 19.52
CA PHE B 360 -59.44 -28.37 20.91
C PHE B 360 -59.66 -29.65 21.71
N GLN B 361 -60.39 -30.62 21.15
CA GLN B 361 -60.75 -31.82 21.91
C GLN B 361 -59.52 -32.64 22.28
N GLU B 362 -58.62 -32.85 21.33
CA GLU B 362 -57.39 -33.59 21.63
C GLU B 362 -56.55 -32.84 22.65
N PHE B 363 -56.53 -31.51 22.56
CA PHE B 363 -55.84 -30.69 23.56
C PHE B 363 -56.42 -30.91 24.95
N TRP B 364 -57.75 -30.89 25.06
CA TRP B 364 -58.39 -31.06 26.36
C TRP B 364 -58.08 -32.43 26.94
N GLN B 365 -58.19 -33.47 26.11
CA GLN B 365 -57.91 -34.83 26.58
C GLN B 365 -56.45 -34.98 27.00
N HIS B 366 -55.53 -34.41 26.23
CA HIS B 366 -54.12 -34.49 26.59
C HIS B 366 -53.83 -33.74 27.89
N ARG B 367 -54.42 -32.56 28.06
CA ARG B 367 -54.15 -31.76 29.25
C ARG B 367 -54.69 -32.41 30.50
N PHE B 368 -55.92 -32.95 30.43
CA PHE B 368 -56.55 -33.51 31.62
C PHE B 368 -56.41 -35.01 31.73
N GLN B 369 -55.73 -35.66 30.77
CA GLN B 369 -55.42 -37.09 30.84
C GLN B 369 -56.66 -37.94 31.11
N CYS B 370 -57.74 -37.62 30.40
CA CYS B 370 -59.00 -38.32 30.58
C CYS B 370 -59.63 -38.56 29.21
N ARG B 371 -60.83 -39.13 29.22
CA ARG B 371 -61.56 -39.43 28.00
C ARG B 371 -62.91 -38.72 28.04
N LEU B 372 -63.31 -38.15 26.91
CA LEU B 372 -64.56 -37.39 26.79
C LEU B 372 -65.60 -38.30 26.16
N GLU B 373 -66.50 -38.82 27.00
CA GLU B 373 -67.57 -39.68 26.49
C GLU B 373 -68.59 -38.86 25.69
N GLY B 374 -69.14 -39.50 24.67
CA GLY B 374 -70.11 -38.83 23.81
C GLY B 374 -69.54 -37.66 23.02
N PHE B 375 -68.34 -37.83 22.48
CA PHE B 375 -67.68 -36.78 21.72
C PHE B 375 -67.19 -37.35 20.39
N PRO B 376 -67.12 -36.54 19.34
CA PRO B 376 -66.64 -37.04 18.04
C PRO B 376 -65.19 -37.50 18.06
N GLN B 377 -64.39 -37.07 19.03
CA GLN B 377 -62.98 -37.44 19.08
C GLN B 377 -62.65 -38.20 20.36
N GLU B 378 -63.51 -39.15 20.73
CA GLU B 378 -63.26 -39.96 21.91
C GLU B 378 -62.05 -40.85 21.72
N ASN B 379 -61.24 -41.00 22.77
CA ASN B 379 -60.04 -41.81 22.74
C ASN B 379 -60.16 -42.90 23.79
N SER B 380 -59.79 -44.13 23.42
CA SER B 380 -59.84 -45.27 24.32
C SER B 380 -58.56 -45.44 25.13
N LYS B 381 -57.52 -44.66 24.85
CA LYS B 381 -56.28 -44.78 25.60
C LYS B 381 -56.47 -44.39 27.06
N TYR B 382 -57.23 -43.33 27.32
CA TYR B 382 -57.42 -42.85 28.68
C TYR B 382 -58.55 -43.63 29.35
N ASN B 383 -58.23 -44.34 30.43
CA ASN B 383 -59.25 -45.10 31.14
C ASN B 383 -60.17 -44.19 31.95
N LYS B 384 -59.60 -43.18 32.61
CA LYS B 384 -60.39 -42.27 33.43
C LYS B 384 -61.31 -41.42 32.58
N THR B 385 -62.42 -40.99 33.19
CA THR B 385 -63.41 -40.15 32.51
C THR B 385 -63.37 -38.74 33.09
N CYS B 386 -63.43 -37.76 32.20
CA CYS B 386 -63.38 -36.36 32.62
C CYS B 386 -64.61 -35.99 33.44
N ASN B 387 -64.40 -35.13 34.43
CA ASN B 387 -65.47 -34.62 35.26
C ASN B 387 -66.01 -33.31 34.69
N SER B 388 -67.29 -33.04 34.99
CA SER B 388 -67.93 -31.83 34.49
C SER B 388 -67.48 -30.56 35.21
N SER B 389 -66.73 -30.69 36.30
CA SER B 389 -66.27 -29.54 37.08
C SER B 389 -64.89 -29.06 36.67
N LEU B 390 -64.26 -29.67 35.68
CA LEU B 390 -62.93 -29.26 35.26
C LEU B 390 -62.96 -27.88 34.64
N THR B 391 -61.92 -27.09 34.90
CA THR B 391 -61.83 -25.74 34.37
C THR B 391 -60.36 -25.40 34.14
N LEU B 392 -60.13 -24.35 33.36
CA LEU B 392 -58.80 -24.00 32.87
C LEU B 392 -58.05 -23.05 33.80
N LYS B 393 -58.63 -22.62 34.91
CA LYS B 393 -57.92 -21.74 35.83
C LYS B 393 -56.81 -22.45 36.59
N THR B 394 -56.72 -23.77 36.49
CA THR B 394 -55.77 -24.54 37.29
C THR B 394 -54.39 -24.48 36.66
N HIS B 395 -53.45 -23.80 37.34
CA HIS B 395 -52.10 -23.53 36.82
C HIS B 395 -52.13 -22.88 35.44
N HIS B 396 -52.98 -21.87 35.28
CA HIS B 396 -52.98 -21.11 34.03
C HIS B 396 -51.72 -20.24 33.95
N VAL B 397 -51.01 -20.37 32.83
CA VAL B 397 -49.79 -19.59 32.58
C VAL B 397 -49.92 -18.90 31.24
N GLN B 398 -49.65 -17.60 31.21
CA GLN B 398 -49.74 -16.83 29.98
C GLN B 398 -48.50 -17.04 29.12
N ASP B 399 -48.71 -17.00 27.80
CA ASP B 399 -47.60 -17.09 26.86
C ASP B 399 -46.69 -15.88 27.00
N SER B 400 -45.40 -16.09 26.76
CA SER B 400 -44.39 -15.06 26.95
C SER B 400 -44.13 -14.25 25.68
N LYS B 401 -44.86 -14.51 24.60
CA LYS B 401 -44.69 -13.78 23.34
C LYS B 401 -46.04 -13.35 22.77
N MET B 402 -46.98 -12.97 23.65
CA MET B 402 -48.34 -12.68 23.22
C MET B 402 -48.53 -11.26 22.70
N GLY B 403 -47.53 -10.40 22.82
CA GLY B 403 -47.67 -9.03 22.34
C GLY B 403 -47.38 -8.87 20.87
N PHE B 404 -46.28 -9.49 20.42
CA PHE B 404 -45.89 -9.36 19.02
C PHE B 404 -46.88 -10.07 18.10
N VAL B 405 -47.49 -11.15 18.57
CA VAL B 405 -48.48 -11.86 17.76
C VAL B 405 -49.66 -10.96 17.44
N ILE B 406 -50.04 -10.07 18.35
CA ILE B 406 -51.13 -9.13 18.09
C ILE B 406 -50.64 -7.91 17.32
N ASN B 407 -49.42 -7.47 17.61
CA ASN B 407 -48.87 -6.31 16.91
C ASN B 407 -48.72 -6.58 15.41
N ALA B 408 -48.36 -7.82 15.03
CA ALA B 408 -48.23 -8.14 13.62
C ALA B 408 -49.56 -8.01 12.89
N ILE B 409 -50.62 -8.55 13.50
CA ILE B 409 -51.95 -8.46 12.89
C ILE B 409 -52.39 -7.01 12.80
N TYR B 410 -52.13 -6.23 13.85
CA TYR B 410 -52.51 -4.81 13.81
C TYR B 410 -51.74 -4.07 12.72
N SER B 411 -50.46 -4.39 12.54
CA SER B 411 -49.68 -3.75 11.49
C SER B 411 -50.23 -4.07 10.11
N MET B 412 -50.56 -5.34 9.87
CA MET B 412 -51.13 -5.69 8.56
C MET B 412 -52.48 -5.00 8.34
N ALA B 413 -53.31 -4.95 9.37
CA ALA B 413 -54.61 -4.29 9.24
C ALA B 413 -54.45 -2.80 8.95
N TYR B 414 -53.49 -2.15 9.62
CA TYR B 414 -53.26 -0.73 9.37
C TYR B 414 -52.73 -0.51 7.96
N GLY B 415 -51.88 -1.40 7.47
CA GLY B 415 -51.43 -1.29 6.09
C GLY B 415 -52.56 -1.40 5.09
N LEU B 416 -53.46 -2.37 5.30
CA LEU B 416 -54.61 -2.50 4.41
C LEU B 416 -55.51 -1.26 4.49
N HIS B 417 -55.72 -0.72 5.70
CA HIS B 417 -56.55 0.46 5.85
C HIS B 417 -55.93 1.66 5.12
N ASN B 418 -54.63 1.85 5.26
CA ASN B 418 -53.96 2.95 4.56
C ASN B 418 -54.05 2.78 3.05
N MET B 419 -53.84 1.56 2.56
CA MET B 419 -53.92 1.33 1.12
C MET B 419 -55.32 1.62 0.59
N GLN B 420 -56.35 1.17 1.32
CA GLN B 420 -57.73 1.45 0.89
C GLN B 420 -58.03 2.94 0.92
N MET B 421 -57.56 3.64 1.97
CA MET B 421 -57.82 5.06 2.09
C MET B 421 -57.15 5.86 0.98
N SER B 422 -55.93 5.48 0.61
CA SER B 422 -55.20 6.21 -0.42
C SER B 422 -55.51 5.73 -1.83
N LEU B 423 -56.22 4.62 -1.98
CA LEU B 423 -56.56 4.09 -3.30
C LEU B 423 -58.01 4.27 -3.69
N CYS B 424 -58.93 4.33 -2.72
CA CYS B 424 -60.36 4.45 -3.00
C CYS B 424 -60.90 5.63 -2.21
N PRO B 425 -60.48 6.86 -2.54
CA PRO B 425 -60.86 8.01 -1.73
C PRO B 425 -62.34 8.33 -1.85
N GLY B 426 -62.89 8.89 -0.78
CA GLY B 426 -64.27 9.31 -0.77
C GLY B 426 -65.28 8.20 -0.89
N TYR B 427 -64.90 6.96 -0.55
CA TYR B 427 -65.80 5.82 -0.65
C TYR B 427 -65.61 4.93 0.57
N ALA B 428 -66.65 4.17 0.89
CA ALA B 428 -66.66 3.27 2.04
C ALA B 428 -66.94 1.86 1.54
N GLY B 429 -65.90 1.13 1.20
CA GLY B 429 -66.02 -0.23 0.74
C GLY B 429 -64.98 -0.54 -0.32
N LEU B 430 -65.24 -1.60 -1.08
CA LEU B 430 -64.33 -2.05 -2.12
C LEU B 430 -64.63 -1.30 -3.40
N CYS B 431 -63.81 -0.31 -3.72
CA CYS B 431 -64.03 0.44 -4.96
C CYS B 431 -63.56 -0.40 -6.16
N ASP B 432 -64.01 0.01 -7.35
CA ASP B 432 -63.73 -0.78 -8.55
C ASP B 432 -62.27 -0.80 -8.93
N ALA B 433 -61.48 0.16 -8.45
CA ALA B 433 -60.07 0.26 -8.83
C ALA B 433 -59.15 -0.56 -7.93
N MET B 434 -59.69 -1.36 -7.02
CA MET B 434 -58.89 -2.17 -6.11
C MET B 434 -59.43 -3.60 -6.06
N LYS B 435 -59.66 -4.17 -7.24
CA LYS B 435 -60.08 -5.56 -7.40
C LYS B 435 -59.37 -6.18 -8.58
N PRO B 436 -58.47 -7.15 -8.35
CA PRO B 436 -58.12 -7.67 -7.02
C PRO B 436 -57.03 -6.86 -6.34
N ILE B 437 -56.64 -7.26 -5.14
CA ILE B 437 -55.62 -6.57 -4.37
C ILE B 437 -54.25 -7.02 -4.83
N ASP B 438 -53.43 -6.08 -5.28
CA ASP B 438 -52.10 -6.40 -5.77
C ASP B 438 -51.10 -6.36 -4.62
N GLY B 439 -50.12 -7.27 -4.66
CA GLY B 439 -49.14 -7.39 -3.61
C GLY B 439 -47.94 -6.48 -3.71
N ARG B 440 -47.88 -5.62 -4.74
CA ARG B 440 -46.75 -4.72 -4.90
C ARG B 440 -46.96 -3.37 -4.24
N LYS B 441 -48.20 -2.89 -4.18
CA LYS B 441 -48.49 -1.65 -3.45
C LYS B 441 -48.66 -1.88 -1.96
N LEU B 442 -49.06 -3.09 -1.56
CA LEU B 442 -49.18 -3.38 -0.14
C LEU B 442 -47.83 -3.40 0.54
N LEU B 443 -46.77 -3.82 -0.15
CA LEU B 443 -45.45 -3.81 0.45
C LEU B 443 -44.97 -2.39 0.75
N GLU B 444 -45.38 -1.41 -0.04
CA GLU B 444 -45.04 -0.02 0.23
C GLU B 444 -46.00 0.66 1.20
N SER B 445 -47.25 0.19 1.26
CA SER B 445 -48.16 0.66 2.31
C SER B 445 -47.70 0.17 3.68
N LEU B 446 -47.16 -1.05 3.75
CA LEU B 446 -46.82 -1.66 5.04
C LEU B 446 -45.56 -1.06 5.63
N MET B 447 -44.59 -0.70 4.79
CA MET B 447 -43.30 -0.25 5.32
C MET B 447 -43.40 1.09 6.02
N LYS B 448 -44.39 1.91 5.68
CA LYS B 448 -44.55 3.23 6.27
C LYS B 448 -45.61 3.27 7.37
N THR B 449 -45.92 2.13 7.96
CA THR B 449 -46.85 2.09 9.08
C THR B 449 -46.19 2.62 10.34
N ASN B 450 -46.97 3.33 11.16
CA ASN B 450 -46.45 3.93 12.37
C ASN B 450 -47.63 4.15 13.31
N PHE B 451 -47.70 3.37 14.38
CA PHE B 451 -48.85 3.48 15.28
C PHE B 451 -48.43 3.14 16.70
N THR B 452 -49.40 2.91 17.58
CA THR B 452 -49.15 2.62 18.99
C THR B 452 -49.64 1.21 19.30
N GLY B 453 -48.80 0.43 19.97
CA GLY B 453 -49.11 -0.96 20.24
C GLY B 453 -50.08 -1.13 21.40
N VAL B 454 -50.23 -2.39 21.82
CA VAL B 454 -51.17 -2.72 22.89
C VAL B 454 -50.70 -2.13 24.21
N SER B 455 -49.38 -2.09 24.43
CA SER B 455 -48.80 -1.63 25.69
C SER B 455 -48.41 -0.16 25.64
N GLY B 456 -48.99 0.61 24.73
CA GLY B 456 -48.68 2.03 24.65
C GLY B 456 -47.36 2.36 24.01
N ASP B 457 -46.66 1.39 23.43
CA ASP B 457 -45.39 1.64 22.77
C ASP B 457 -45.60 1.91 21.28
N THR B 458 -44.61 2.57 20.69
CA THR B 458 -44.69 2.98 19.29
C THR B 458 -44.13 1.89 18.40
N ILE B 459 -44.88 1.52 17.37
CA ILE B 459 -44.50 0.52 16.39
C ILE B 459 -44.22 1.23 15.06
N LEU B 460 -43.02 1.02 14.53
CA LEU B 460 -42.61 1.58 13.25
C LEU B 460 -41.49 0.73 12.67
N PHE B 461 -41.39 0.73 11.35
CA PHE B 461 -40.35 0.00 10.63
C PHE B 461 -39.40 0.97 9.96
N ASP B 462 -38.11 0.72 10.07
CA ASP B 462 -37.11 1.52 9.36
C ASP B 462 -37.01 1.02 7.92
N GLU B 463 -35.97 1.45 7.21
CA GLU B 463 -35.87 1.13 5.78
C GLU B 463 -35.70 -0.37 5.54
N ASN B 464 -35.11 -1.08 6.51
CA ASN B 464 -34.90 -2.52 6.36
C ASN B 464 -36.06 -3.35 6.89
N GLY B 465 -37.14 -2.71 7.34
CA GLY B 465 -38.23 -3.46 7.93
C GLY B 465 -37.96 -3.98 9.31
N ASP B 466 -36.94 -3.47 9.99
CA ASP B 466 -36.59 -3.89 11.33
C ASP B 466 -37.42 -3.10 12.35
N SER B 467 -37.08 -3.22 13.62
CA SER B 467 -37.75 -2.50 14.69
C SER B 467 -36.73 -2.12 15.75
N PRO B 468 -36.98 -1.05 16.49
CA PRO B 468 -36.08 -0.69 17.59
C PRO B 468 -36.20 -1.66 18.76
N GLY B 469 -35.13 -1.71 19.55
CA GLY B 469 -35.03 -2.66 20.65
C GLY B 469 -35.37 -2.04 21.98
N ARG B 470 -35.96 -2.86 22.86
CA ARG B 470 -36.32 -2.45 24.22
C ARG B 470 -36.08 -3.62 25.14
N TYR B 471 -35.11 -3.48 26.05
CA TYR B 471 -34.67 -4.56 26.91
C TYR B 471 -34.71 -4.14 28.37
N GLU B 472 -34.81 -5.14 29.25
CA GLU B 472 -34.66 -4.94 30.68
C GLU B 472 -33.26 -5.37 31.11
N ILE B 473 -32.95 -5.17 32.38
CA ILE B 473 -31.67 -5.56 32.96
C ILE B 473 -31.94 -6.16 34.34
N MET B 474 -31.44 -7.37 34.57
CA MET B 474 -31.69 -8.09 35.81
C MET B 474 -30.39 -8.23 36.60
N ASN B 475 -30.50 -8.87 37.76
CA ASN B 475 -29.36 -9.10 38.64
C ASN B 475 -29.70 -10.23 39.59
N PHE B 476 -28.80 -11.21 39.68
CA PHE B 476 -28.99 -12.40 40.51
C PHE B 476 -28.12 -12.24 41.76
N LYS B 477 -28.74 -11.79 42.85
CA LYS B 477 -28.02 -11.56 44.10
C LYS B 477 -28.80 -12.20 45.25
N GLU B 478 -28.07 -12.47 46.33
CA GLU B 478 -28.63 -13.15 47.49
C GLU B 478 -29.50 -12.20 48.30
N MET B 479 -30.70 -12.67 48.67
CA MET B 479 -31.61 -11.87 49.49
C MET B 479 -31.43 -12.13 50.98
N GLY B 480 -31.09 -13.34 51.36
CA GLY B 480 -30.93 -13.66 52.77
C GLY B 480 -30.39 -15.05 52.96
N LYS B 481 -30.72 -15.65 54.10
CA LYS B 481 -30.25 -17.00 54.40
C LYS B 481 -30.90 -18.01 53.45
N ASP B 482 -30.12 -18.52 52.50
CA ASP B 482 -30.58 -19.49 51.52
C ASP B 482 -31.80 -18.97 50.75
N TYR B 483 -31.58 -17.86 50.04
CA TYR B 483 -32.63 -17.27 49.21
C TYR B 483 -31.98 -16.44 48.12
N PHE B 484 -32.28 -16.78 46.86
CA PHE B 484 -31.72 -16.10 45.71
C PHE B 484 -32.82 -15.81 44.70
N ASP B 485 -32.74 -14.66 44.05
CA ASP B 485 -33.77 -14.24 43.11
C ASP B 485 -33.21 -13.19 42.17
N TYR B 486 -33.91 -12.98 41.07
CA TYR B 486 -33.60 -11.95 40.10
C TYR B 486 -34.40 -10.69 40.43
N ILE B 487 -33.78 -9.53 40.26
CA ILE B 487 -34.44 -8.25 40.50
C ILE B 487 -34.07 -7.28 39.37
N ASN B 488 -35.06 -6.49 38.94
CA ASN B 488 -34.84 -5.52 37.88
C ASN B 488 -34.04 -4.34 38.41
N VAL B 489 -32.99 -3.95 37.68
CA VAL B 489 -32.14 -2.84 38.11
C VAL B 489 -31.90 -1.85 36.97
N GLY B 490 -32.75 -1.86 35.95
CA GLY B 490 -32.60 -0.88 34.89
C GLY B 490 -33.36 -1.27 33.63
N SER B 491 -33.02 -0.59 32.55
CA SER B 491 -33.68 -0.78 31.26
C SER B 491 -32.87 -0.09 30.17
N TRP B 492 -33.07 -0.55 28.93
CA TRP B 492 -32.48 0.03 27.74
C TRP B 492 -33.60 0.26 26.73
N ASP B 493 -33.69 1.49 26.21
CA ASP B 493 -34.84 1.95 25.47
C ASP B 493 -34.41 2.66 24.19
N ASN B 494 -33.59 1.98 23.39
CA ASN B 494 -33.14 2.49 22.10
C ASN B 494 -32.23 3.71 22.26
N GLY B 495 -31.13 3.55 22.98
CA GLY B 495 -30.12 4.59 23.12
C GLY B 495 -30.02 5.18 24.51
N GLU B 496 -31.04 5.02 25.34
CA GLU B 496 -31.07 5.59 26.67
C GLU B 496 -30.97 4.46 27.69
N LEU B 497 -29.79 4.31 28.29
CA LEU B 497 -29.56 3.31 29.33
C LEU B 497 -29.90 3.91 30.68
N LYS B 498 -30.98 3.44 31.29
CA LYS B 498 -31.42 3.93 32.60
C LYS B 498 -31.21 2.79 33.59
N MET B 499 -30.13 2.85 34.36
CA MET B 499 -29.75 1.75 35.24
C MET B 499 -29.50 2.29 36.64
N ASP B 500 -30.01 1.56 37.64
CA ASP B 500 -29.91 1.97 39.03
C ASP B 500 -28.61 1.44 39.62
N ASP B 501 -27.63 2.32 39.82
CA ASP B 501 -26.32 1.90 40.29
C ASP B 501 -26.32 1.56 41.77
N ASP B 502 -27.23 2.16 42.55
CA ASP B 502 -27.22 1.95 43.99
C ASP B 502 -27.57 0.51 44.36
N GLU B 503 -28.54 -0.08 43.66
CA GLU B 503 -28.99 -1.42 44.02
C GLU B 503 -28.00 -2.50 43.61
N VAL B 504 -27.25 -2.29 42.53
CA VAL B 504 -26.35 -3.32 42.03
C VAL B 504 -25.25 -3.61 43.04
N TRP B 505 -24.62 -2.57 43.57
CA TRP B 505 -23.50 -2.71 44.50
C TRP B 505 -23.87 -2.11 45.84
N SER B 506 -23.60 -2.86 46.92
CA SER B 506 -23.91 -2.36 48.26
C SER B 506 -23.08 -1.12 48.58
N LYS B 507 -21.80 -1.13 48.23
CA LYS B 507 -20.90 -0.02 48.50
C LYS B 507 -20.15 0.34 47.23
N LYS B 508 -19.78 1.62 47.12
CA LYS B 508 -19.08 2.09 45.94
C LYS B 508 -17.71 1.44 45.80
N SER B 509 -17.02 1.23 46.92
CA SER B 509 -15.68 0.64 46.90
C SER B 509 -15.68 -0.82 46.49
N ASN B 510 -16.84 -1.47 46.43
CA ASN B 510 -16.93 -2.88 46.10
C ASN B 510 -17.05 -3.15 44.60
N ILE B 511 -16.95 -2.11 43.77
CA ILE B 511 -17.08 -2.29 42.33
C ILE B 511 -15.92 -3.10 41.79
N ILE B 512 -16.22 -4.13 41.01
CA ILE B 512 -15.19 -4.96 40.41
C ILE B 512 -14.49 -4.18 39.31
N ARG B 513 -13.16 -4.25 39.30
CA ARG B 513 -12.33 -3.56 38.32
C ARG B 513 -11.70 -4.54 37.36
N SER B 514 -11.56 -4.12 36.11
CA SER B 514 -10.88 -4.94 35.10
C SER B 514 -10.20 -4.00 34.11
N VAL B 515 -8.93 -3.70 34.37
CA VAL B 515 -8.09 -2.90 33.48
C VAL B 515 -6.73 -3.56 33.40
N CYS B 516 -6.13 -3.52 32.21
CA CYS B 516 -4.85 -4.21 32.00
C CYS B 516 -3.69 -3.46 32.65
N SER B 517 -3.44 -2.23 32.20
CA SER B 517 -2.29 -1.45 32.65
C SER B 517 -2.75 -0.12 33.23
N GLU B 518 -2.10 0.29 34.32
CA GLU B 518 -2.39 1.57 34.92
C GLU B 518 -1.95 2.71 34.00
N PRO B 519 -2.61 3.87 34.08
CA PRO B 519 -2.21 4.99 33.23
C PRO B 519 -0.89 5.58 33.67
N CYS B 520 -0.29 6.36 32.76
CA CYS B 520 0.97 7.00 33.06
C CYS B 520 0.77 8.10 34.10
N GLU B 521 1.87 8.76 34.44
CA GLU B 521 1.92 9.70 35.56
C GLU B 521 2.61 10.99 35.13
N LYS B 522 3.01 11.78 36.13
CA LYS B 522 3.80 12.97 35.87
C LYS B 522 5.03 12.61 35.06
N GLY B 523 5.06 13.05 33.81
CA GLY B 523 6.21 12.84 32.95
C GLY B 523 6.51 11.39 32.67
N GLN B 524 5.51 10.62 32.23
CA GLN B 524 5.68 9.21 31.91
C GLN B 524 5.18 8.97 30.49
N ILE B 525 6.09 8.59 29.60
CA ILE B 525 5.75 8.32 28.21
C ILE B 525 5.25 6.89 28.09
N LYS B 526 4.63 6.59 26.95
CA LYS B 526 4.10 5.27 26.66
C LYS B 526 5.06 4.52 25.75
N VAL B 527 5.44 3.32 26.17
CA VAL B 527 6.22 2.38 25.38
C VAL B 527 5.38 1.13 25.19
N ILE B 528 5.18 0.73 23.93
CA ILE B 528 4.35 -0.41 23.58
C ILE B 528 5.18 -1.37 22.75
N ARG B 529 5.09 -2.66 23.09
CA ARG B 529 5.83 -3.70 22.38
C ARG B 529 5.07 -4.10 21.12
N LYS B 530 5.61 -5.09 20.40
CA LYS B 530 5.03 -5.57 19.17
C LYS B 530 4.30 -6.88 19.38
N GLY B 531 3.11 -7.00 18.81
CA GLY B 531 2.32 -8.20 18.91
C GLY B 531 1.37 -8.25 20.10
N GLU B 532 1.41 -7.24 20.97
CA GLU B 532 0.55 -7.22 22.14
C GLU B 532 -0.71 -6.41 21.88
N VAL B 533 -1.63 -6.47 22.83
CA VAL B 533 -2.90 -5.74 22.73
C VAL B 533 -2.65 -4.25 22.90
N SER B 534 -3.41 -3.44 22.17
CA SER B 534 -3.19 -2.00 22.13
C SER B 534 -3.36 -1.33 23.48
N CYS B 535 -4.10 -1.94 24.41
CA CYS B 535 -4.35 -1.37 25.72
C CYS B 535 -3.58 -2.10 26.82
N CYS B 536 -2.35 -2.52 26.52
CA CYS B 536 -1.44 -3.08 27.52
C CYS B 536 -0.06 -2.49 27.24
N TRP B 537 0.23 -1.35 27.85
CA TRP B 537 1.44 -0.59 27.56
C TRP B 537 2.31 -0.50 28.81
N THR B 538 3.44 0.19 28.66
CA THR B 538 4.35 0.47 29.76
C THR B 538 4.60 1.96 29.85
N CYS B 539 4.80 2.45 31.08
CA CYS B 539 5.10 3.85 31.32
C CYS B 539 6.57 3.99 31.70
N THR B 540 7.30 4.80 30.93
CA THR B 540 8.72 4.97 31.16
C THR B 540 9.09 6.45 31.22
N PRO B 541 10.15 6.81 31.93
CA PRO B 541 10.51 8.22 32.04
C PRO B 541 11.56 8.66 31.03
N CYS B 542 11.40 9.88 30.53
CA CYS B 542 12.47 10.50 29.75
C CYS B 542 13.63 10.89 30.67
N LYS B 543 14.82 10.99 30.09
CA LYS B 543 15.96 11.44 30.86
C LYS B 543 15.85 12.93 31.15
N GLU B 544 16.76 13.43 32.00
CA GLU B 544 16.73 14.83 32.38
C GLU B 544 17.02 15.75 31.20
N ASN B 545 17.69 15.23 30.17
CA ASN B 545 18.06 16.07 29.03
C ASN B 545 16.87 16.33 28.12
N GLU B 546 15.97 15.36 27.98
CA GLU B 546 14.87 15.45 27.03
C GLU B 546 13.54 15.54 27.76
N TYR B 547 12.62 16.32 27.20
CA TYR B 547 11.28 16.47 27.73
C TYR B 547 10.34 15.50 27.01
N VAL B 548 9.04 15.63 27.28
CA VAL B 548 8.04 14.74 26.70
C VAL B 548 7.32 15.45 25.56
N PHE B 549 7.29 14.82 24.39
CA PHE B 549 6.67 15.44 23.22
C PHE B 549 5.16 15.30 23.28
N ASP B 550 4.67 14.07 23.28
CA ASP B 550 3.23 13.78 23.39
C ASP B 550 3.08 12.57 24.30
N GLU B 551 1.88 11.99 24.31
CA GLU B 551 1.63 10.81 25.14
C GLU B 551 2.50 9.63 24.72
N TYR B 552 3.06 9.64 23.51
CA TYR B 552 3.76 8.47 23.00
C TYR B 552 5.28 8.60 22.98
N THR B 553 5.83 9.81 22.85
CA THR B 553 7.25 9.96 22.59
C THR B 553 7.87 11.01 23.50
N CYS B 554 9.18 10.88 23.71
CA CYS B 554 9.98 11.95 24.30
C CYS B 554 10.38 12.92 23.20
N LYS B 555 11.29 13.85 23.53
CA LYS B 555 11.87 14.75 22.55
C LYS B 555 13.05 15.46 23.20
N ALA B 556 14.17 15.50 22.50
CA ALA B 556 15.39 16.14 23.00
C ALA B 556 15.54 17.51 22.36
N CYS B 557 15.57 18.55 23.18
CA CYS B 557 15.69 19.90 22.67
C CYS B 557 17.15 20.28 22.49
N GLN B 558 17.38 21.36 21.74
CA GLN B 558 18.71 21.73 21.29
C GLN B 558 19.59 22.18 22.46
N LEU B 559 20.89 22.23 22.20
CA LEU B 559 21.86 22.63 23.21
C LEU B 559 21.63 24.09 23.60
N GLY B 560 21.93 24.39 24.87
CA GLY B 560 21.66 25.70 25.42
C GLY B 560 20.26 25.85 25.96
N SER B 561 19.42 24.81 25.88
CA SER B 561 18.06 24.83 26.37
C SER B 561 17.90 23.82 27.49
N TRP B 562 16.74 23.87 28.14
CA TRP B 562 16.50 23.03 29.30
C TRP B 562 15.00 22.83 29.50
N PRO B 563 14.53 21.60 29.71
CA PRO B 563 13.11 21.38 30.00
C PRO B 563 12.70 22.07 31.28
N THR B 564 11.47 22.60 31.30
CA THR B 564 10.96 23.32 32.44
C THR B 564 10.42 22.35 33.48
N ASP B 565 9.80 22.88 34.54
CA ASP B 565 9.25 22.02 35.58
C ASP B 565 8.01 21.28 35.11
N ASP B 566 7.28 21.84 34.15
CA ASP B 566 6.08 21.19 33.64
C ASP B 566 6.38 20.21 32.52
N LEU B 567 7.63 20.14 32.04
CA LEU B 567 8.03 19.23 30.97
C LEU B 567 7.18 19.43 29.72
N THR B 568 6.87 20.68 29.41
CA THR B 568 6.07 21.02 28.25
C THR B 568 6.84 21.77 27.17
N GLY B 569 7.92 22.47 27.52
CA GLY B 569 8.69 23.20 26.54
C GLY B 569 10.04 23.65 27.07
N CYS B 570 11.10 23.40 26.31
CA CYS B 570 12.43 23.79 26.74
C CYS B 570 12.59 25.30 26.67
N ASP B 571 13.16 25.88 27.73
CA ASP B 571 13.47 27.30 27.77
C ASP B 571 14.98 27.51 27.72
N LEU B 572 15.37 28.76 27.44
CA LEU B 572 16.77 29.08 27.22
C LEU B 572 17.43 29.48 28.53
N ILE B 573 18.57 28.87 28.82
CA ILE B 573 19.35 29.23 30.02
C ILE B 573 19.94 30.63 29.82
N PRO B 574 19.82 31.53 30.79
CA PRO B 574 20.44 32.85 30.64
C PRO B 574 21.96 32.72 30.55
N VAL B 575 22.56 33.58 29.72
CA VAL B 575 24.01 33.57 29.56
C VAL B 575 24.67 34.03 30.85
N GLN B 576 25.72 33.31 31.26
CA GLN B 576 26.43 33.59 32.49
C GLN B 576 27.91 33.77 32.18
N TYR B 577 28.50 34.83 32.73
CA TYR B 577 29.91 35.14 32.50
C TYR B 577 30.46 35.81 33.76
N LEU B 578 31.59 36.49 33.62
CA LEU B 578 32.28 37.09 34.75
C LEU B 578 31.40 38.14 35.43
N ARG B 579 31.85 38.57 36.61
CA ARG B 579 31.13 39.56 37.41
C ARG B 579 32.11 40.53 38.04
N TRP B 580 31.73 41.81 38.07
CA TRP B 580 32.56 42.82 38.71
C TRP B 580 32.70 42.56 40.20
N GLY B 581 31.63 42.13 40.86
CA GLY B 581 31.63 41.96 42.31
C GLY B 581 32.61 40.90 42.79
N ASP B 582 33.08 40.03 41.91
CA ASP B 582 34.05 39.03 42.32
C ASP B 582 35.35 39.71 42.78
N PRO B 583 36.02 39.16 43.79
CA PRO B 583 37.26 39.82 44.28
C PRO B 583 38.36 39.90 43.24
N GLU B 584 38.43 38.94 42.32
CA GLU B 584 39.53 38.90 41.36
C GLU B 584 39.53 40.09 40.41
N PRO B 585 38.42 40.42 39.72
CA PRO B 585 38.46 41.60 38.83
C PRO B 585 38.73 42.91 39.55
N ILE B 586 38.15 43.10 40.75
CA ILE B 586 38.40 44.35 41.46
C ILE B 586 39.85 44.43 41.95
N ALA B 587 40.43 43.29 42.34
CA ALA B 587 41.85 43.27 42.68
C ALA B 587 42.70 43.61 41.47
N ALA B 588 42.35 43.08 40.30
CA ALA B 588 43.08 43.44 39.09
C ALA B 588 42.95 44.93 38.80
N VAL B 589 41.76 45.49 38.99
CA VAL B 589 41.54 46.91 38.73
C VAL B 589 42.36 47.78 39.67
N VAL B 590 42.39 47.44 40.95
CA VAL B 590 43.15 48.26 41.90
C VAL B 590 44.65 48.12 41.63
N PHE B 591 45.10 46.93 41.23
CA PHE B 591 46.50 46.77 40.84
C PHE B 591 46.83 47.66 39.65
N ALA B 592 45.94 47.70 38.66
CA ALA B 592 46.15 48.56 37.50
C ALA B 592 46.18 50.03 37.90
N CYS B 593 45.29 50.43 38.82
CA CYS B 593 45.25 51.83 39.25
C CYS B 593 46.54 52.21 39.96
N LEU B 594 47.05 51.32 40.82
CA LEU B 594 48.34 51.57 41.46
C LEU B 594 49.46 51.69 40.43
N GLY B 595 49.44 50.82 39.42
CA GLY B 595 50.45 50.92 38.37
C GLY B 595 50.39 52.22 37.60
N LEU B 596 49.17 52.66 37.27
CA LEU B 596 49.02 53.96 36.61
C LEU B 596 49.51 55.10 37.49
N LEU B 597 49.24 55.03 38.79
CA LEU B 597 49.76 56.07 39.69
C LEU B 597 51.28 56.09 39.68
N ALA B 598 51.92 54.91 39.74
CA ALA B 598 53.37 54.85 39.77
C ALA B 598 53.97 55.38 38.46
N THR B 599 53.42 54.96 37.32
CA THR B 599 53.97 55.43 36.05
C THR B 599 53.69 56.91 35.83
N LEU B 600 52.57 57.42 36.33
CA LEU B 600 52.31 58.85 36.25
C LEU B 600 53.33 59.62 37.06
N PHE B 601 53.66 59.13 38.27
CA PHE B 601 54.67 59.79 39.07
C PHE B 601 56.02 59.79 38.36
N VAL B 602 56.40 58.65 37.79
CA VAL B 602 57.71 58.53 37.14
C VAL B 602 57.79 59.46 35.93
N THR B 603 56.74 59.47 35.10
CA THR B 603 56.76 60.32 33.91
C THR B 603 56.70 61.79 34.28
N VAL B 604 55.99 62.14 35.36
CA VAL B 604 55.98 63.52 35.84
C VAL B 604 57.38 63.94 36.26
N VAL B 605 58.09 63.07 36.98
CA VAL B 605 59.45 63.38 37.42
C VAL B 605 60.35 63.61 36.22
N PHE B 606 60.29 62.70 35.24
CA PHE B 606 61.15 62.84 34.06
C PHE B 606 60.81 64.09 33.26
N ILE B 607 59.52 64.41 33.13
CA ILE B 607 59.14 65.61 32.40
C ILE B 607 59.63 66.86 33.12
N ILE B 608 59.50 66.90 34.45
CA ILE B 608 59.90 68.09 35.20
C ILE B 608 61.41 68.27 35.17
N TYR B 609 62.16 67.17 35.22
CA TYR B 609 63.62 67.24 35.32
C TYR B 609 64.29 66.68 34.06
N ARG B 610 63.79 67.06 32.88
CA ARG B 610 64.35 66.59 31.63
C ARG B 610 65.77 67.09 31.40
N ASP B 611 66.17 68.17 32.06
CA ASP B 611 67.48 68.76 31.88
C ASP B 611 68.52 68.22 32.86
N THR B 612 68.16 67.24 33.67
CA THR B 612 69.08 66.71 34.67
C THR B 612 70.23 65.96 33.99
N PRO B 613 71.40 65.90 34.64
CA PRO B 613 72.50 65.12 34.07
C PRO B 613 72.18 63.66 33.87
N VAL B 614 71.37 63.06 34.75
CA VAL B 614 70.99 61.66 34.58
C VAL B 614 70.21 61.46 33.29
N VAL B 615 69.26 62.36 33.02
CA VAL B 615 68.48 62.27 31.78
C VAL B 615 69.38 62.45 30.58
N LYS B 616 70.35 63.36 30.67
CA LYS B 616 71.28 63.55 29.57
C LYS B 616 72.13 62.32 29.33
N SER B 617 72.51 61.61 30.41
CA SER B 617 73.30 60.40 30.26
C SER B 617 72.54 59.32 29.50
N SER B 618 71.25 59.16 29.80
CA SER B 618 70.41 58.18 29.13
C SER B 618 69.79 58.78 27.88
N SER B 619 68.97 57.99 27.19
CA SER B 619 68.26 58.44 26.00
C SER B 619 66.82 58.77 26.37
N ARG B 620 66.42 60.01 26.11
CA ARG B 620 65.09 60.46 26.52
C ARG B 620 64.00 59.78 25.70
N GLU B 621 64.16 59.74 24.38
CA GLU B 621 63.12 59.19 23.51
C GLU B 621 62.87 57.71 23.80
N LEU B 622 63.93 56.95 24.02
CA LEU B 622 63.77 55.52 24.31
C LEU B 622 63.08 55.32 25.66
N CYS B 623 63.41 56.15 26.65
CA CYS B 623 62.73 56.08 27.93
C CYS B 623 61.24 56.39 27.79
N TYR B 624 60.91 57.39 26.97
CA TYR B 624 59.49 57.69 26.73
C TYR B 624 58.79 56.54 26.03
N ILE B 625 59.48 55.87 25.09
CA ILE B 625 58.90 54.72 24.41
C ILE B 625 58.63 53.60 25.41
N ILE B 626 59.58 53.33 26.31
CA ILE B 626 59.39 52.29 27.32
C ILE B 626 58.24 52.66 28.25
N LEU B 627 58.13 53.93 28.62
CA LEU B 627 57.02 54.36 29.47
C LEU B 627 55.68 54.15 28.77
N ALA B 628 55.59 54.48 27.49
CA ALA B 628 54.36 54.26 26.74
C ALA B 628 54.03 52.78 26.67
N GLY B 629 55.03 51.94 26.45
CA GLY B 629 54.80 50.51 26.43
C GLY B 629 54.27 49.99 27.76
N ILE B 630 54.84 50.47 28.86
CA ILE B 630 54.39 50.04 30.18
C ILE B 630 52.97 50.51 30.45
N CYS B 631 52.65 51.73 30.03
CA CYS B 631 51.29 52.25 30.21
C CYS B 631 50.28 51.41 29.42
N LEU B 632 50.61 51.06 28.18
CA LEU B 632 49.71 50.23 27.40
C LEU B 632 49.63 48.80 27.93
N GLY B 633 50.69 48.34 28.59
CA GLY B 633 50.60 47.06 29.29
C GLY B 633 49.62 47.10 30.45
N TYR B 634 49.69 48.18 31.25
CA TYR B 634 48.72 48.34 32.33
C TYR B 634 47.29 48.48 31.82
N LEU B 635 47.10 49.21 30.72
CA LEU B 635 45.76 49.59 30.29
C LEU B 635 45.09 48.56 29.41
N CYS B 636 45.44 47.28 29.57
CA CYS B 636 44.73 46.21 28.88
C CYS B 636 43.76 45.47 29.79
N THR B 637 43.88 45.60 31.10
CA THR B 637 42.98 44.89 32.00
C THR B 637 41.57 45.44 31.94
N PHE B 638 41.41 46.75 31.75
CA PHE B 638 40.08 47.32 31.62
C PHE B 638 39.38 46.82 30.37
N CYS B 639 40.11 46.74 29.26
CA CYS B 639 39.54 46.19 28.04
C CYS B 639 39.24 44.70 28.18
N LEU B 640 40.11 43.96 28.84
CA LEU B 640 39.98 42.52 28.90
C LEU B 640 38.86 42.08 29.85
N ILE B 641 38.75 42.72 31.02
CA ILE B 641 37.83 42.24 32.05
C ILE B 641 36.37 42.61 31.78
N ALA B 642 36.11 43.50 30.82
CA ALA B 642 34.75 43.91 30.55
C ALA B 642 33.98 42.80 29.84
N LYS B 643 32.65 42.96 29.78
CA LYS B 643 31.81 41.98 29.10
C LYS B 643 32.13 41.98 27.61
N PRO B 644 32.29 40.81 26.99
CA PRO B 644 32.71 40.77 25.58
C PRO B 644 31.72 41.47 24.66
N LYS B 645 32.25 42.14 23.65
CA LYS B 645 31.46 42.88 22.67
C LYS B 645 32.17 42.80 21.32
N GLN B 646 31.83 43.71 20.41
CA GLN B 646 32.38 43.65 19.06
C GLN B 646 33.87 44.03 19.05
N ILE B 647 34.18 45.25 19.46
CA ILE B 647 35.56 45.75 19.33
C ILE B 647 36.40 45.52 20.58
N TYR B 648 35.79 45.21 21.72
CA TYR B 648 36.56 44.98 22.94
C TYR B 648 37.51 43.81 22.76
N CYS B 649 37.05 42.74 22.11
CA CYS B 649 37.91 41.58 21.92
C CYS B 649 39.06 41.90 20.96
N TYR B 650 38.79 42.74 19.95
CA TYR B 650 39.86 43.17 19.06
C TYR B 650 40.91 43.98 19.81
N LEU B 651 40.47 44.91 20.67
CA LEU B 651 41.43 45.67 21.46
C LEU B 651 42.23 44.78 22.40
N GLN B 652 41.59 43.79 23.03
CA GLN B 652 42.35 42.94 23.93
C GLN B 652 43.32 42.03 23.19
N ARG B 653 43.00 41.58 21.97
CA ARG B 653 43.98 40.80 21.23
C ARG B 653 45.05 41.66 20.57
N ILE B 654 44.83 42.96 20.45
CA ILE B 654 45.84 43.85 19.89
C ILE B 654 46.83 44.31 20.95
N GLY B 655 46.32 44.71 22.13
CA GLY B 655 47.21 45.24 23.16
C GLY B 655 48.20 44.21 23.67
N ILE B 656 47.75 42.97 23.87
CA ILE B 656 48.62 41.91 24.37
C ILE B 656 49.77 41.59 23.42
N GLY B 657 49.68 41.96 22.15
CA GLY B 657 50.76 41.72 21.22
C GLY B 657 51.53 42.99 20.88
N LEU B 658 50.93 44.14 21.15
CA LEU B 658 51.62 45.40 20.91
C LEU B 658 52.49 45.82 22.08
N SER B 659 51.97 45.72 23.31
CA SER B 659 52.72 46.16 24.48
C SER B 659 54.07 45.48 24.65
N PRO B 660 54.22 44.17 24.48
CA PRO B 660 55.56 43.56 24.63
C PRO B 660 56.50 43.78 23.46
N ALA B 661 56.22 44.71 22.57
CA ALA B 661 57.12 44.91 21.44
C ALA B 661 57.75 46.30 21.39
N MET B 662 56.98 47.36 21.62
CA MET B 662 57.52 48.70 21.47
C MET B 662 58.59 49.00 22.51
N SER B 663 58.39 48.58 23.75
CA SER B 663 59.40 48.80 24.78
C SER B 663 60.64 47.96 24.52
N TYR B 664 60.45 46.69 24.17
CA TYR B 664 61.58 45.78 24.05
C TYR B 664 62.41 46.07 22.80
N SER B 665 61.81 46.61 21.74
CA SER B 665 62.59 46.98 20.57
C SER B 665 63.57 48.10 20.89
N ALA B 666 63.07 49.16 21.54
CA ALA B 666 63.95 50.26 21.92
C ALA B 666 65.00 49.81 22.92
N LEU B 667 64.60 48.97 23.88
CA LEU B 667 65.57 48.52 24.88
C LEU B 667 66.66 47.65 24.25
N VAL B 668 66.27 46.78 23.31
CA VAL B 668 67.26 45.92 22.67
C VAL B 668 68.19 46.72 21.76
N THR B 669 67.67 47.75 21.08
CA THR B 669 68.56 48.55 20.25
C THR B 669 69.52 49.37 21.10
N LYS B 670 69.06 49.85 22.26
CA LYS B 670 69.96 50.55 23.18
C LYS B 670 71.07 49.62 23.66
N THR B 671 70.70 48.43 24.11
CA THR B 671 71.72 47.49 24.59
C THR B 671 72.64 47.04 23.47
N ASN B 672 72.13 46.91 22.25
CA ASN B 672 72.97 46.56 21.11
C ASN B 672 73.99 47.65 20.83
N ARG B 673 73.57 48.92 20.88
CA ARG B 673 74.52 50.01 20.68
C ARG B 673 75.58 50.02 21.77
N ILE B 674 75.16 49.83 23.03
CA ILE B 674 76.12 49.84 24.14
C ILE B 674 77.13 48.69 23.98
N ALA B 675 76.66 47.51 23.59
CA ALA B 675 77.57 46.40 23.38
C ALA B 675 78.46 46.61 22.17
N ARG B 676 77.97 47.34 21.16
CA ARG B 676 78.77 47.61 19.97
C ARG B 676 79.90 48.59 20.28
N ILE B 677 79.65 49.57 21.16
CA ILE B 677 80.70 50.51 21.53
C ILE B 677 81.87 49.77 22.17
N LEU B 678 81.57 48.85 23.09
CA LEU B 678 82.61 48.07 23.74
C LEU B 678 83.00 46.88 22.86
N PHE B 692 76.68 54.24 12.91
CA PHE B 692 75.27 54.42 13.19
C PHE B 692 75.03 54.73 14.66
N MET B 693 75.67 55.79 15.16
CA MET B 693 75.57 56.17 16.56
C MET B 693 74.54 57.26 16.81
N SER B 694 73.86 57.72 15.76
CA SER B 694 72.85 58.77 15.92
C SER B 694 71.57 58.19 16.53
N ALA B 695 70.90 59.01 17.34
CA ALA B 695 69.64 58.59 17.95
C ALA B 695 68.53 58.47 16.93
N CYS B 696 68.62 59.22 15.82
CA CYS B 696 67.59 59.14 14.79
C CYS B 696 67.55 57.75 14.17
N ALA B 697 68.72 57.16 13.91
CA ALA B 697 68.75 55.80 13.37
C ALA B 697 68.14 54.80 14.34
N GLN B 698 68.44 54.95 15.64
CA GLN B 698 67.85 54.05 16.63
C GLN B 698 66.34 54.19 16.67
N LEU B 699 65.83 55.43 16.62
CA LEU B 699 64.39 55.64 16.60
C LEU B 699 63.76 55.04 15.36
N VAL B 700 64.41 55.19 14.21
CA VAL B 700 63.90 54.63 12.96
C VAL B 700 63.86 53.11 13.05
N ILE B 701 64.90 52.50 13.62
CA ILE B 701 64.93 51.04 13.76
C ILE B 701 63.82 50.57 14.69
N ALA B 702 63.64 51.26 15.81
CA ALA B 702 62.58 50.87 16.74
C ALA B 702 61.21 51.00 16.08
N PHE B 703 60.99 52.07 15.32
CA PHE B 703 59.72 52.23 14.63
C PHE B 703 59.53 51.18 13.54
N ILE B 704 60.62 50.76 12.89
CA ILE B 704 60.52 49.71 11.87
C ILE B 704 60.11 48.39 12.52
N LEU B 705 60.70 48.04 13.66
CA LEU B 705 60.30 46.83 14.36
C LEU B 705 58.86 46.92 14.85
N ILE B 706 58.45 48.09 15.33
CA ILE B 706 57.05 48.29 15.73
C ILE B 706 56.11 48.08 14.55
N CYS B 707 56.48 48.63 13.39
CA CYS B 707 55.67 48.45 12.19
C CYS B 707 55.61 46.99 11.77
N ILE B 708 56.71 46.26 11.91
CA ILE B 708 56.70 44.83 11.58
C ILE B 708 55.75 44.08 12.50
N GLN B 709 55.80 44.39 13.80
CA GLN B 709 54.89 43.75 14.74
C GLN B 709 53.44 44.08 14.42
N LEU B 710 53.16 45.34 14.06
CA LEU B 710 51.81 45.73 13.70
C LEU B 710 51.34 45.01 12.43
N GLY B 711 52.24 44.84 11.47
CA GLY B 711 51.89 44.09 10.27
C GLY B 711 51.57 42.64 10.58
N ILE B 712 52.34 42.02 11.48
CA ILE B 712 52.03 40.66 11.91
C ILE B 712 50.66 40.61 12.57
N ILE B 713 50.35 41.61 13.40
CA ILE B 713 49.04 41.67 14.05
C ILE B 713 47.93 41.78 13.02
N VAL B 714 48.12 42.62 12.00
CA VAL B 714 47.10 42.79 10.97
C VAL B 714 46.94 41.50 10.17
N ALA B 715 48.04 40.79 9.90
CA ALA B 715 47.94 39.51 9.21
C ALA B 715 47.15 38.50 10.04
N LEU B 716 47.41 38.45 11.34
CA LEU B 716 46.65 37.55 12.22
C LEU B 716 45.18 37.93 12.24
N PHE B 717 44.88 39.24 12.23
CA PHE B 717 43.49 39.68 12.15
C PHE B 717 42.83 39.23 10.86
N ILE B 718 43.56 39.34 9.75
CA ILE B 718 43.01 38.94 8.45
C ILE B 718 42.76 37.43 8.42
N MET B 719 43.64 36.65 9.05
CA MET B 719 43.47 35.20 9.05
C MET B 719 42.18 34.79 9.76
N GLU B 720 41.89 35.42 10.89
CA GLU B 720 40.67 35.12 11.65
C GLU B 720 39.96 36.41 12.05
N PRO B 721 38.86 36.77 11.37
CA PRO B 721 38.17 38.02 11.72
C PRO B 721 37.60 37.95 13.13
N PRO B 722 37.51 39.08 13.82
CA PRO B 722 36.95 39.08 15.17
C PRO B 722 35.46 38.74 15.16
N ASP B 723 35.01 38.14 16.25
CA ASP B 723 33.61 37.76 16.39
C ASP B 723 33.32 37.50 17.86
N ILE B 724 32.02 37.40 18.18
CA ILE B 724 31.57 37.01 19.51
C ILE B 724 31.12 35.56 19.46
N MET B 725 31.43 34.81 20.51
CA MET B 725 31.23 33.37 20.50
C MET B 725 30.53 32.94 21.78
N HIS B 726 29.70 31.90 21.66
CA HIS B 726 29.06 31.26 22.81
C HIS B 726 29.79 29.97 23.13
N ASP B 727 30.15 29.79 24.40
CA ASP B 727 30.85 28.60 24.84
C ASP B 727 29.86 27.59 25.41
N TYR B 728 30.15 26.31 25.18
CA TYR B 728 29.31 25.20 25.67
C TYR B 728 30.20 24.19 26.38
N PRO B 729 30.69 24.53 27.58
CA PRO B 729 31.53 23.56 28.30
C PRO B 729 30.73 22.40 28.86
N SER B 730 29.54 22.65 29.39
CA SER B 730 28.69 21.62 29.95
C SER B 730 27.25 21.92 29.57
N ILE B 731 26.40 20.90 29.70
CA ILE B 731 25.00 21.04 29.33
C ILE B 731 24.30 22.09 30.19
N ARG B 732 24.62 22.11 31.49
CA ARG B 732 23.88 22.95 32.43
C ARG B 732 24.18 24.43 32.22
N GLU B 733 25.42 24.78 31.89
CA GLU B 733 25.84 26.17 31.88
C GLU B 733 26.37 26.58 30.52
N VAL B 734 26.20 27.86 30.19
CA VAL B 734 26.67 28.44 28.94
C VAL B 734 27.40 29.73 29.26
N TYR B 735 28.61 29.88 28.71
CA TYR B 735 29.45 31.04 28.95
C TYR B 735 29.34 32.03 27.78
N LEU B 736 30.17 33.07 27.82
CA LEU B 736 30.22 34.07 26.75
C LEU B 736 31.66 34.55 26.66
N ILE B 737 32.41 34.01 25.71
CA ILE B 737 33.80 34.38 25.47
C ILE B 737 33.97 34.70 23.99
N CYS B 738 34.73 35.76 23.70
CA CYS B 738 34.83 36.22 22.33
C CYS B 738 35.67 35.25 21.49
N ASN B 739 35.71 35.51 20.19
CA ASN B 739 36.52 34.71 19.28
C ASN B 739 37.99 34.85 19.62
N THR B 740 38.60 33.77 20.11
CA THR B 740 40.01 33.78 20.49
C THR B 740 40.55 32.38 20.28
N THR B 741 41.25 32.17 19.16
CA THR B 741 41.84 30.88 18.85
C THR B 741 43.22 30.76 19.50
N ASN B 742 43.83 29.59 19.35
CA ASN B 742 45.16 29.38 19.92
C ASN B 742 46.24 30.06 19.09
N LEU B 743 46.04 30.11 17.77
CA LEU B 743 47.07 30.67 16.88
C LEU B 743 47.27 32.16 17.13
N GLY B 744 46.18 32.91 17.25
CA GLY B 744 46.26 34.35 17.45
C GLY B 744 46.90 34.75 18.76
N VAL B 745 47.09 33.82 19.67
CA VAL B 745 47.80 34.05 20.91
C VAL B 745 49.23 33.52 20.86
N VAL B 746 49.42 32.33 20.27
CA VAL B 746 50.74 31.73 20.27
C VAL B 746 51.69 32.49 19.34
N THR B 747 51.18 33.00 18.20
CA THR B 747 52.06 33.65 17.24
C THR B 747 52.74 34.91 17.80
N PRO B 748 52.02 35.86 18.43
CA PRO B 748 52.74 37.00 19.00
C PRO B 748 53.75 36.62 20.06
N LEU B 749 53.46 35.58 20.86
CA LEU B 749 54.42 35.12 21.86
C LEU B 749 55.70 34.63 21.20
N GLY B 750 55.56 33.84 20.12
CA GLY B 750 56.73 33.38 19.40
C GLY B 750 57.50 34.52 18.78
N TYR B 751 56.80 35.53 18.25
CA TYR B 751 57.49 36.66 17.64
C TYR B 751 58.25 37.48 18.68
N ASN B 752 57.65 37.70 19.84
CA ASN B 752 58.28 38.52 20.88
C ASN B 752 59.25 37.73 21.76
N GLY B 753 59.33 36.42 21.61
CA GLY B 753 60.37 35.68 22.31
C GLY B 753 61.77 36.00 21.84
N LEU B 754 61.93 36.25 20.53
CA LEU B 754 63.25 36.53 19.98
C LEU B 754 63.85 37.79 20.60
N LEU B 755 63.04 38.85 20.74
CA LEU B 755 63.54 40.10 21.27
C LEU B 755 64.03 39.93 22.69
N ILE B 756 63.26 39.25 23.54
CA ILE B 756 63.68 39.08 24.93
C ILE B 756 64.89 38.15 25.02
N LEU B 757 64.99 37.16 24.13
CA LEU B 757 66.17 36.30 24.13
C LEU B 757 67.42 37.10 23.78
N SER B 758 67.34 37.93 22.74
CA SER B 758 68.48 38.78 22.38
C SER B 758 68.82 39.75 23.50
N CYS B 759 67.80 40.31 24.14
CA CYS B 759 68.03 41.21 25.27
C CYS B 759 68.77 40.51 26.39
N THR B 760 68.34 39.29 26.74
CA THR B 760 69.01 38.56 27.81
C THR B 760 70.45 38.25 27.44
N PHE B 761 70.69 37.84 26.19
CA PHE B 761 72.06 37.53 25.77
C PHE B 761 72.95 38.76 25.88
N TYR B 762 72.48 39.90 25.37
CA TYR B 762 73.31 41.10 25.40
C TYR B 762 73.50 41.62 26.82
N ALA B 763 72.48 41.53 27.68
CA ALA B 763 72.62 41.95 29.05
C ALA B 763 73.63 41.07 29.79
N PHE B 764 73.60 39.76 29.53
CA PHE B 764 74.61 38.88 30.11
C PHE B 764 76.01 39.20 29.59
N LYS B 765 76.12 39.60 28.32
CA LYS B 765 77.43 39.90 27.74
C LYS B 765 78.04 41.15 28.36
N THR B 766 77.22 42.16 28.66
CA THR B 766 77.74 43.46 29.08
C THR B 766 77.21 43.83 30.46
N ARG B 767 77.32 42.90 31.41
CA ARG B 767 76.78 43.09 32.74
C ARG B 767 77.78 43.66 33.73
N ASN B 768 78.98 44.03 33.29
CA ASN B 768 80.03 44.49 34.19
C ASN B 768 80.67 45.78 33.68
N VAL B 769 79.85 46.75 33.32
CA VAL B 769 80.30 48.07 32.89
C VAL B 769 79.75 49.10 33.87
N PRO B 770 80.61 49.93 34.48
CA PRO B 770 80.11 50.87 35.49
C PRO B 770 79.54 52.15 34.90
N ALA B 771 79.17 52.12 33.62
CA ALA B 771 78.68 53.32 32.96
C ALA B 771 77.32 53.73 33.52
N ASN B 772 77.14 55.05 33.67
CA ASN B 772 75.87 55.66 34.06
C ASN B 772 75.37 55.10 35.39
N PHE B 773 76.19 55.26 36.43
CA PHE B 773 75.86 54.84 37.78
C PHE B 773 75.47 53.37 37.82
N ASN B 774 76.26 52.55 37.12
CA ASN B 774 76.04 51.10 37.02
C ASN B 774 74.68 50.79 36.41
N GLU B 775 74.38 51.43 35.28
CA GLU B 775 73.10 51.18 34.62
C GLU B 775 73.02 49.76 34.07
N ALA B 776 74.14 49.22 33.61
CA ALA B 776 74.15 47.89 33.02
C ALA B 776 73.77 46.82 34.03
N LYS B 777 74.15 47.01 35.30
CA LYS B 777 73.80 46.03 36.33
C LYS B 777 72.29 45.94 36.49
N TYR B 778 71.61 47.08 36.56
CA TYR B 778 70.16 47.06 36.69
C TYR B 778 69.50 46.54 35.42
N ILE B 779 70.04 46.89 34.24
CA ILE B 779 69.45 46.40 33.00
C ILE B 779 69.57 44.89 32.91
N ALA B 780 70.68 44.33 33.41
CA ALA B 780 70.84 42.88 33.40
C ALA B 780 69.97 42.22 34.47
N PHE B 781 69.80 42.87 35.62
CA PHE B 781 69.00 42.28 36.69
C PHE B 781 67.50 42.32 36.41
N THR B 782 67.04 43.30 35.63
CA THR B 782 65.62 43.41 35.33
C THR B 782 65.14 42.22 34.49
N MET B 783 65.87 41.96 33.41
CA MET B 783 65.47 40.93 32.41
C MET B 783 65.11 39.60 33.06
N TYR B 784 65.74 39.26 34.18
CA TYR B 784 65.45 37.93 34.75
C TYR B 784 63.93 37.81 34.93
N THR B 785 63.33 38.78 35.63
CA THR B 785 61.86 38.76 35.88
C THR B 785 61.10 38.67 34.56
N THR B 786 61.36 39.54 33.58
CA THR B 786 60.55 39.49 32.34
C THR B 786 60.60 38.07 31.81
N CYS B 787 61.81 37.51 31.66
CA CYS B 787 61.89 36.16 31.05
C CYS B 787 61.11 35.14 31.89
N ILE B 788 61.32 35.11 33.21
CA ILE B 788 60.66 34.07 34.05
C ILE B 788 59.13 34.23 33.98
N ILE B 789 58.60 35.45 33.92
CA ILE B 789 57.14 35.68 33.83
C ILE B 789 56.66 35.13 32.49
N TRP B 790 57.30 35.53 31.39
CA TRP B 790 56.81 34.93 30.12
C TRP B 790 56.81 33.40 30.27
N LEU B 791 57.83 32.83 30.92
CA LEU B 791 57.92 31.35 31.00
C LEU B 791 56.71 30.79 31.77
N ALA B 792 56.50 31.28 32.98
CA ALA B 792 55.39 30.78 33.84
C ALA B 792 54.03 31.02 33.17
N PHE B 793 53.94 32.01 32.27
CA PHE B 793 52.62 32.38 31.69
C PHE B 793 52.02 31.26 30.84
N VAL B 794 52.83 30.29 30.42
CA VAL B 794 52.30 29.25 29.48
C VAL B 794 51.51 28.16 30.23
N PRO B 795 52.13 27.37 31.13
CA PRO B 795 51.44 26.22 31.75
C PRO B 795 50.05 26.54 32.27
N ILE B 796 49.94 27.51 33.18
CA ILE B 796 48.65 27.75 33.84
C ILE B 796 47.70 28.47 32.89
N TYR B 797 48.21 29.17 31.89
CA TYR B 797 47.32 29.73 30.87
C TYR B 797 46.68 28.62 30.04
N PHE B 798 47.45 27.59 29.70
CA PHE B 798 46.95 26.47 28.91
C PHE B 798 46.64 25.26 29.77
N GLY B 799 46.18 25.46 31.00
CA GLY B 799 45.93 24.35 31.89
C GLY B 799 44.72 24.48 32.79
N SER B 800 43.90 25.49 32.56
CA SER B 800 42.71 25.70 33.39
C SER B 800 41.71 26.55 32.61
N ASN B 801 40.60 26.90 33.27
CA ASN B 801 39.57 27.75 32.70
C ASN B 801 39.61 29.16 33.27
N TYR B 802 40.72 29.53 33.91
CA TYR B 802 40.90 30.85 34.52
C TYR B 802 41.75 31.75 33.64
N LYS B 803 41.56 31.67 32.32
CA LYS B 803 42.47 32.33 31.38
C LYS B 803 42.49 33.84 31.60
N ILE B 804 41.33 34.46 31.80
CA ILE B 804 41.26 35.92 31.85
C ILE B 804 42.04 36.46 33.04
N ILE B 805 41.85 35.89 34.22
CA ILE B 805 42.50 36.41 35.42
C ILE B 805 44.02 36.24 35.33
N THR B 806 44.48 35.07 34.88
CA THR B 806 45.92 34.85 34.84
C THR B 806 46.58 35.70 33.77
N MET B 807 45.94 35.87 32.61
CA MET B 807 46.53 36.71 31.57
C MET B 807 46.37 38.19 31.89
N CYS B 808 45.49 38.54 32.82
CA CYS B 808 45.42 39.91 33.32
C CYS B 808 46.49 40.20 34.35
N PHE B 809 46.80 39.22 35.21
CA PHE B 809 47.86 39.43 36.20
C PHE B 809 49.25 39.34 35.59
N SER B 810 49.45 38.49 34.57
CA SER B 810 50.79 38.27 34.04
C SER B 810 51.36 39.54 33.42
N VAL B 811 50.60 40.18 32.53
CA VAL B 811 51.09 41.37 31.85
C VAL B 811 51.35 42.49 32.85
N SER B 812 50.44 42.68 33.80
CA SER B 812 50.61 43.74 34.78
C SER B 812 51.84 43.48 35.66
N LEU B 813 52.05 42.24 36.08
CA LEU B 813 53.20 41.93 36.92
C LEU B 813 54.50 42.13 36.16
N SER B 814 54.57 41.69 34.90
CA SER B 814 55.78 41.89 34.12
C SER B 814 56.06 43.37 33.91
N ALA B 815 55.02 44.17 33.60
CA ALA B 815 55.22 45.59 33.40
C ALA B 815 55.66 46.28 34.68
N THR B 816 55.08 45.91 35.82
CA THR B 816 55.44 46.60 37.05
C THR B 816 56.85 46.23 37.51
N VAL B 817 57.27 44.97 37.29
CA VAL B 817 58.65 44.64 37.66
C VAL B 817 59.62 45.34 36.72
N ALA B 818 59.28 45.46 35.43
CA ALA B 818 60.15 46.17 34.51
C ALA B 818 60.26 47.65 34.88
N LEU B 819 59.15 48.27 35.27
CA LEU B 819 59.17 49.67 35.65
C LEU B 819 59.83 49.92 37.01
N GLY B 820 59.76 48.95 37.92
CA GLY B 820 60.36 49.11 39.23
C GLY B 820 61.80 48.71 39.34
N CYS B 821 62.32 47.93 38.39
CA CYS B 821 63.72 47.53 38.41
C CYS B 821 64.57 48.29 37.39
N MET B 822 64.03 49.35 36.79
CA MET B 822 64.80 50.11 35.81
C MET B 822 64.84 51.61 36.09
N PHE B 823 63.74 52.20 36.56
CA PHE B 823 63.66 53.63 36.78
C PHE B 823 63.61 54.05 38.24
N VAL B 824 63.26 53.15 39.15
CA VAL B 824 63.19 53.50 40.57
C VAL B 824 64.54 53.98 41.11
N PRO B 825 65.66 53.30 40.86
CA PRO B 825 66.94 53.85 41.33
C PRO B 825 67.25 55.23 40.78
N LYS B 826 66.85 55.50 39.53
CA LYS B 826 67.12 56.80 38.93
C LYS B 826 66.40 57.92 39.69
N VAL B 827 65.10 57.73 39.94
CA VAL B 827 64.34 58.74 40.66
C VAL B 827 64.80 58.84 42.10
N TYR B 828 65.19 57.72 42.71
CA TYR B 828 65.71 57.77 44.07
C TYR B 828 67.00 58.57 44.14
N ILE B 829 67.88 58.41 43.15
CA ILE B 829 69.14 59.14 43.14
C ILE B 829 68.90 60.61 42.88
N ILE B 830 68.04 60.94 41.90
CA ILE B 830 67.82 62.35 41.57
C ILE B 830 67.10 63.06 42.70
N LEU B 831 66.28 62.33 43.47
CA LEU B 831 65.59 62.96 44.60
C LEU B 831 66.57 63.45 45.65
N ALA B 832 67.59 62.64 45.95
CA ALA B 832 68.58 63.01 46.96
C ALA B 832 69.90 62.28 46.69
C10 YKU C . 67.65 26.32 -14.06
N12 YKU C . 66.81 27.49 -13.84
C13 YKU C . 66.20 27.76 -12.55
C15 YKU C . 65.31 28.99 -12.38
C17 YKU C . 63.14 29.99 -12.64
C20 YKU C . 65.79 30.18 -11.85
C21 YKU C . 65.44 32.59 -11.15
C24 YKU C . 64.98 24.61 -13.39
C26 YKU C . 63.11 24.11 -14.80
C28 YKU C . 65.24 24.60 -15.76
C01 YKU C . 73.27 23.17 -14.52
C02 YKU C . 72.90 24.17 -15.40
C03 YKU C . 71.64 24.74 -15.33
C04 YKU C . 70.74 24.30 -14.38
C05 YKU C . 71.10 23.29 -13.50
C06 YKU C . 72.37 22.72 -13.57
C07 YKU C . 69.35 24.91 -14.30
C11 YKU C . 69.01 26.23 -14.02
C16 YKU C . 63.99 28.90 -12.77
C18 YKU C . 63.62 31.18 -12.12
C19 YKU C . 64.94 31.26 -11.73
C23 YKU C . 65.78 24.78 -14.50
C25 YKU C . 63.65 24.28 -13.53
C27 YKU C . 63.91 24.26 -15.92
N08 YKU C . 68.21 24.24 -14.51
N09 YKU C . 67.18 25.13 -14.36
N22 YKU C . 65.80 33.58 -10.72
O14 YKU C . 66.37 27.02 -11.65
C10 YKU D . 55.67 39.54 28.23
N12 YKU D . 56.21 38.22 27.96
C13 YKU D . 56.36 37.70 26.61
C15 YKU D . 56.89 36.28 26.40
C17 YKU D . 56.44 33.93 26.44
C20 YKU D . 58.21 36.04 26.03
C21 YKU D . 60.06 34.39 25.45
C24 YKU D . 52.92 38.39 26.98
C26 YKU D . 51.27 36.99 28.02
C28 YKU D . 52.69 38.37 29.37
C01 YKU D . 56.03 45.89 29.39
C02 YKU D . 55.29 45.49 28.29
C03 YKU D . 55.09 44.14 28.06
C04 YKU D . 55.64 43.20 28.91
C05 YKU D . 56.38 43.60 30.01
C06 YKU D . 56.58 44.94 30.24
C07 YKU D . 55.40 41.71 28.65
C11 YKU D . 56.36 40.71 28.41
C16 YKU D . 56.02 35.23 26.61
C18 YKU D . 57.74 33.67 26.06
C19 YKU D . 58.63 34.72 25.85
C23 YKU D . 53.31 38.84 28.23
C25 YKU D . 51.89 37.46 26.88
C27 YKU D . 51.66 37.45 29.26
N08 YKU D . 54.21 41.14 28.61
N09 YKU D . 54.39 39.81 28.35
N22 YKU D . 61.11 34.12 25.14
O14 YKU D . 56.05 38.38 25.68
#